data_5KUX
# 
_entry.id   5KUX 
# 
_audit_conform.dict_name       mmcif_pdbx.dic 
_audit_conform.dict_version    5.379 
_audit_conform.dict_location   http://mmcif.pdb.org/dictionaries/ascii/mmcif_pdbx.dic 
# 
loop_
_database_2.database_id 
_database_2.database_code 
_database_2.pdbx_database_accession 
_database_2.pdbx_DOI 
PDB   5KUX         pdb_00005kux 10.2210/pdb5kux/pdb 
WWPDB D_1000222444 ?            ?                   
# 
_pdbx_database_related.db_name        PDB 
_pdbx_database_related.details        . 
_pdbx_database_related.db_id          5KUY 
_pdbx_database_related.content_type   unspecified 
# 
_pdbx_database_status.status_code                     REL 
_pdbx_database_status.status_code_sf                  REL 
_pdbx_database_status.status_code_mr                  ? 
_pdbx_database_status.entry_id                        5KUX 
_pdbx_database_status.recvd_initial_deposition_date   2016-07-13 
_pdbx_database_status.SG_entry                        N 
_pdbx_database_status.deposit_site                    RCSB 
_pdbx_database_status.process_site                    RCSB 
_pdbx_database_status.status_code_cs                  ? 
_pdbx_database_status.methods_development_category    ? 
_pdbx_database_status.pdb_format_compatible           Y 
_pdbx_database_status.status_code_nmr_data            ? 
# 
loop_
_audit_author.name 
_audit_author.pdbx_ordinal 
'Lee, P.S.'     1 
'Bernard, S.M.' 2 
'Wilson, I.A.'  3 
# 
_citation.abstract                  ? 
_citation.abstract_id_CAS           ? 
_citation.book_id_ISBN              ? 
_citation.book_publisher            ? 
_citation.book_publisher_city       ? 
_citation.book_title                ? 
_citation.coordinate_linkage        ? 
_citation.country                   US 
_citation.database_id_Medline       ? 
_citation.details                   ? 
_citation.id                        primary 
_citation.journal_abbrev            'Nat. Biotechnol.' 
_citation.journal_id_ASTM           NABIF9 
_citation.journal_id_CSD            2119 
_citation.journal_id_ISSN           1546-1696 
_citation.journal_full              ? 
_citation.journal_issue             ? 
_citation.journal_volume            35 
_citation.language                  ? 
_citation.page_first                667 
_citation.page_last                 671 
_citation.title                     
'Computational design of trimeric influenza-neutralizing proteins targeting the hemagglutinin receptor binding site.' 
_citation.year                      2017 
_citation.database_id_CSD           ? 
_citation.pdbx_database_id_DOI      10.1038/nbt.3907 
_citation.pdbx_database_id_PubMed   28604661 
_citation.unpublished_flag          ? 
# 
loop_
_citation_author.citation_id 
_citation_author.name 
_citation_author.ordinal 
_citation_author.identifier_ORCID 
primary 'Strauch, E.M.'    1  ? 
primary 'Bernard, S.M.'    2  ? 
primary 'La, D.'           3  ? 
primary 'Bohn, A.J.'       4  ? 
primary 'Lee, P.S.'        5  ? 
primary 'Anderson, C.E.'   6  ? 
primary 'Nieusma, T.'      7  ? 
primary 'Holstein, C.A.'   8  ? 
primary 'Garcia, N.K.'     9  ? 
primary 'Hooper, K.A.'     10 ? 
primary 'Ravichandran, R.' 11 ? 
primary 'Nelson, J.W.'     12 ? 
primary 'Sheffler, W.'     13 ? 
primary 'Bloom, J.D.'      14 ? 
primary 'Lee, K.K.'        15 ? 
primary 'Ward, A.B.'       16 ? 
primary 'Yager, P.'        17 ? 
primary 'Fuller, D.H.'     18 ? 
primary 'Wilson, I.A.'     19 ? 
primary 'Baker, D.'        20 ? 
# 
_cell.angle_alpha                  90.00 
_cell.angle_alpha_esd              ? 
_cell.angle_beta                   90.00 
_cell.angle_beta_esd               ? 
_cell.angle_gamma                  120.00 
_cell.angle_gamma_esd              ? 
_cell.entry_id                     5KUX 
_cell.details                      ? 
_cell.formula_units_Z              ? 
_cell.length_a                     58.385 
_cell.length_a_esd                 ? 
_cell.length_b                     58.385 
_cell.length_b_esd                 ? 
_cell.length_c                     69.449 
_cell.length_c_esd                 ? 
_cell.volume                       ? 
_cell.volume_esd                   ? 
_cell.Z_PDB                        6 
_cell.reciprocal_angle_alpha       ? 
_cell.reciprocal_angle_beta        ? 
_cell.reciprocal_angle_gamma       ? 
_cell.reciprocal_angle_alpha_esd   ? 
_cell.reciprocal_angle_beta_esd    ? 
_cell.reciprocal_angle_gamma_esd   ? 
_cell.reciprocal_length_a          ? 
_cell.reciprocal_length_b          ? 
_cell.reciprocal_length_c          ? 
_cell.reciprocal_length_a_esd      ? 
_cell.reciprocal_length_b_esd      ? 
_cell.reciprocal_length_c_esd      ? 
_cell.pdbx_unique_axis             ? 
# 
_symmetry.entry_id                         5KUX 
_symmetry.cell_setting                     ? 
_symmetry.Int_Tables_number                154 
_symmetry.space_group_name_Hall            ? 
_symmetry.space_group_name_H-M             'P 32 2 1' 
_symmetry.pdbx_full_space_group_name_H-M   ? 
# 
loop_
_entity.id 
_entity.type 
_entity.src_method 
_entity.pdbx_description 
_entity.formula_weight 
_entity.pdbx_number_of_molecules 
_entity.pdbx_ec 
_entity.pdbx_mutation 
_entity.pdbx_fragment 
_entity.details 
1 polymer man 'Designed influenza inhibitor protein HSB.2' 11017.269 1  ? ? ? ? 
2 water   nat water                                        18.015    14 ? ? ? ? 
# 
_entity_poly.entity_id                      1 
_entity_poly.type                           'polypeptide(L)' 
_entity_poly.nstd_linkage                   no 
_entity_poly.nstd_monomer                   no 
_entity_poly.pdbx_seq_one_letter_code       
;MGIVNVPNCNTTKYQQLARTAVAIYNYHEQAHLTFVENLNCKEQLGEGDYYYITLAATDDAGKKAIYEAKIGVVESAGWT
GVEEFKLVGSLEHHHHHH
;
_entity_poly.pdbx_seq_one_letter_code_can   
;MGIVNVPNCNTTKYQQLARTAVAIYNYHEQAHLTFVENLNCKEQLGEGDYYYITLAATDDAGKKAIYEAKIGVVESAGWT
GVEEFKLVGSLEHHHHHH
;
_entity_poly.pdbx_strand_id                 A 
_entity_poly.pdbx_target_identifier         ? 
# 
loop_
_entity_poly_seq.entity_id 
_entity_poly_seq.num 
_entity_poly_seq.mon_id 
_entity_poly_seq.hetero 
1 1  MET n 
1 2  GLY n 
1 3  ILE n 
1 4  VAL n 
1 5  ASN n 
1 6  VAL n 
1 7  PRO n 
1 8  ASN n 
1 9  CYS n 
1 10 ASN n 
1 11 THR n 
1 12 THR n 
1 13 LYS n 
1 14 TYR n 
1 15 GLN n 
1 16 GLN n 
1 17 LEU n 
1 18 ALA n 
1 19 ARG n 
1 20 THR n 
1 21 ALA n 
1 22 VAL n 
1 23 ALA n 
1 24 ILE n 
1 25 TYR n 
1 26 ASN n 
1 27 TYR n 
1 28 HIS n 
1 29 GLU n 
1 30 GLN n 
1 31 ALA n 
1 32 HIS n 
1 33 LEU n 
1 34 THR n 
1 35 PHE n 
1 36 VAL n 
1 37 GLU n 
1 38 ASN n 
1 39 LEU n 
1 40 ASN n 
1 41 CYS n 
1 42 LYS n 
1 43 GLU n 
1 44 GLN n 
1 45 LEU n 
1 46 GLY n 
1 47 GLU n 
1 48 GLY n 
1 49 ASP n 
1 50 TYR n 
1 51 TYR n 
1 52 TYR n 
1 53 ILE n 
1 54 THR n 
1 55 LEU n 
1 56 ALA n 
1 57 ALA n 
1 58 THR n 
1 59 ASP n 
1 60 ASP n 
1 61 ALA n 
1 62 GLY n 
1 63 LYS n 
1 64 LYS n 
1 65 ALA n 
1 66 ILE n 
1 67 TYR n 
1 68 GLU n 
1 69 ALA n 
1 70 LYS n 
1 71 ILE n 
1 72 GLY n 
1 73 VAL n 
1 74 VAL n 
1 75 GLU n 
1 76 SER n 
1 77 ALA n 
1 78 GLY n 
1 79 TRP n 
1 80 THR n 
1 81 GLY n 
1 82 VAL n 
1 83 GLU n 
1 84 GLU n 
1 85 PHE n 
1 86 LYS n 
1 87 LEU n 
1 88 VAL n 
1 89 GLY n 
1 90 SER n 
1 91 LEU n 
1 92 GLU n 
1 93 HIS n 
1 94 HIS n 
1 95 HIS n 
1 96 HIS n 
1 97 HIS n 
1 98 HIS n 
# 
_entity_src_gen.entity_id                          1 
_entity_src_gen.pdbx_src_id                        1 
_entity_src_gen.pdbx_alt_source_flag               sample 
_entity_src_gen.pdbx_seq_type                      'Biological sequence' 
_entity_src_gen.pdbx_beg_seq_num                   1 
_entity_src_gen.pdbx_end_seq_num                   98 
_entity_src_gen.gene_src_common_name               ? 
_entity_src_gen.gene_src_genus                     ? 
_entity_src_gen.pdbx_gene_src_gene                 ? 
_entity_src_gen.gene_src_species                   ? 
_entity_src_gen.gene_src_strain                    ? 
_entity_src_gen.gene_src_tissue                    ? 
_entity_src_gen.gene_src_tissue_fraction           ? 
_entity_src_gen.gene_src_details                   ? 
_entity_src_gen.pdbx_gene_src_fragment             ? 
_entity_src_gen.pdbx_gene_src_scientific_name      'synthetic construct' 
_entity_src_gen.pdbx_gene_src_ncbi_taxonomy_id     32630 
_entity_src_gen.pdbx_gene_src_variant              ? 
_entity_src_gen.pdbx_gene_src_cell_line            ? 
_entity_src_gen.pdbx_gene_src_atcc                 ? 
_entity_src_gen.pdbx_gene_src_organ                ? 
_entity_src_gen.pdbx_gene_src_organelle            ? 
_entity_src_gen.pdbx_gene_src_cell                 ? 
_entity_src_gen.pdbx_gene_src_cellular_location    ? 
_entity_src_gen.host_org_common_name               ? 
_entity_src_gen.pdbx_host_org_scientific_name      'Escherichia coli' 
_entity_src_gen.pdbx_host_org_ncbi_taxonomy_id     562 
_entity_src_gen.host_org_genus                     ? 
_entity_src_gen.pdbx_host_org_gene                 ? 
_entity_src_gen.pdbx_host_org_organ                ? 
_entity_src_gen.host_org_species                   ? 
_entity_src_gen.pdbx_host_org_tissue               ? 
_entity_src_gen.pdbx_host_org_tissue_fraction      ? 
_entity_src_gen.pdbx_host_org_strain               ? 
_entity_src_gen.pdbx_host_org_variant              ? 
_entity_src_gen.pdbx_host_org_cell_line            ? 
_entity_src_gen.pdbx_host_org_atcc                 ? 
_entity_src_gen.pdbx_host_org_culture_collection   ? 
_entity_src_gen.pdbx_host_org_cell                 ? 
_entity_src_gen.pdbx_host_org_organelle            ? 
_entity_src_gen.pdbx_host_org_cellular_location    ? 
_entity_src_gen.pdbx_host_org_vector_type          ? 
_entity_src_gen.pdbx_host_org_vector               ? 
_entity_src_gen.host_org_details                   ? 
_entity_src_gen.expression_system_id               ? 
_entity_src_gen.plasmid_name                       ? 
_entity_src_gen.plasmid_details                    ? 
_entity_src_gen.pdbx_description                   ? 
# 
_struct_ref.id                         1 
_struct_ref.db_name                    PDB 
_struct_ref.db_code                    5KUX 
_struct_ref.pdbx_db_accession          5KUX 
_struct_ref.pdbx_db_isoform            ? 
_struct_ref.entity_id                  1 
_struct_ref.pdbx_seq_one_letter_code   ? 
_struct_ref.pdbx_align_begin           1 
# 
_struct_ref_seq.align_id                      1 
_struct_ref_seq.ref_id                        1 
_struct_ref_seq.pdbx_PDB_id_code              5KUX 
_struct_ref_seq.pdbx_strand_id                A 
_struct_ref_seq.seq_align_beg                 1 
_struct_ref_seq.pdbx_seq_align_beg_ins_code   ? 
_struct_ref_seq.seq_align_end                 98 
_struct_ref_seq.pdbx_seq_align_end_ins_code   ? 
_struct_ref_seq.pdbx_db_accession             5KUX 
_struct_ref_seq.db_align_beg                  3 
_struct_ref_seq.pdbx_db_align_beg_ins_code    ? 
_struct_ref_seq.db_align_end                  100 
_struct_ref_seq.pdbx_db_align_end_ins_code    ? 
_struct_ref_seq.pdbx_auth_seq_align_beg       3 
_struct_ref_seq.pdbx_auth_seq_align_end       100 
# 
loop_
_chem_comp.id 
_chem_comp.type 
_chem_comp.mon_nstd_flag 
_chem_comp.name 
_chem_comp.pdbx_synonyms 
_chem_comp.formula 
_chem_comp.formula_weight 
ALA 'L-peptide linking' y ALANINE         ? 'C3 H7 N O2'     89.093  
ARG 'L-peptide linking' y ARGININE        ? 'C6 H15 N4 O2 1' 175.209 
ASN 'L-peptide linking' y ASPARAGINE      ? 'C4 H8 N2 O3'    132.118 
ASP 'L-peptide linking' y 'ASPARTIC ACID' ? 'C4 H7 N O4'     133.103 
CYS 'L-peptide linking' y CYSTEINE        ? 'C3 H7 N O2 S'   121.158 
GLN 'L-peptide linking' y GLUTAMINE       ? 'C5 H10 N2 O3'   146.144 
GLU 'L-peptide linking' y 'GLUTAMIC ACID' ? 'C5 H9 N O4'     147.129 
GLY 'peptide linking'   y GLYCINE         ? 'C2 H5 N O2'     75.067  
HIS 'L-peptide linking' y HISTIDINE       ? 'C6 H10 N3 O2 1' 156.162 
HOH non-polymer         . WATER           ? 'H2 O'           18.015  
ILE 'L-peptide linking' y ISOLEUCINE      ? 'C6 H13 N O2'    131.173 
LEU 'L-peptide linking' y LEUCINE         ? 'C6 H13 N O2'    131.173 
LYS 'L-peptide linking' y LYSINE          ? 'C6 H15 N2 O2 1' 147.195 
MET 'L-peptide linking' y METHIONINE      ? 'C5 H11 N O2 S'  149.211 
PHE 'L-peptide linking' y PHENYLALANINE   ? 'C9 H11 N O2'    165.189 
PRO 'L-peptide linking' y PROLINE         ? 'C5 H9 N O2'     115.130 
SER 'L-peptide linking' y SERINE          ? 'C3 H7 N O3'     105.093 
THR 'L-peptide linking' y THREONINE       ? 'C4 H9 N O3'     119.119 
TRP 'L-peptide linking' y TRYPTOPHAN      ? 'C11 H12 N2 O2'  204.225 
TYR 'L-peptide linking' y TYROSINE        ? 'C9 H11 N O3'    181.189 
VAL 'L-peptide linking' y VALINE          ? 'C5 H11 N O2'    117.146 
# 
_exptl.absorpt_coefficient_mu     ? 
_exptl.absorpt_correction_T_max   ? 
_exptl.absorpt_correction_T_min   ? 
_exptl.absorpt_correction_type    ? 
_exptl.absorpt_process_details    ? 
_exptl.entry_id                   5KUX 
_exptl.crystals_number            1 
_exptl.details                    ? 
_exptl.method                     'X-RAY DIFFRACTION' 
_exptl.method_details             ? 
# 
_exptl_crystal.colour                      ? 
_exptl_crystal.density_diffrn              ? 
_exptl_crystal.density_Matthews            3.10 
_exptl_crystal.density_method              ? 
_exptl_crystal.density_percent_sol         60.34 
_exptl_crystal.description                 ? 
_exptl_crystal.F_000                       ? 
_exptl_crystal.id                          1 
_exptl_crystal.preparation                 ? 
_exptl_crystal.size_max                    ? 
_exptl_crystal.size_mid                    ? 
_exptl_crystal.size_min                    ? 
_exptl_crystal.size_rad                    ? 
_exptl_crystal.colour_lustre               ? 
_exptl_crystal.colour_modifier             ? 
_exptl_crystal.colour_primary              ? 
_exptl_crystal.density_meas                ? 
_exptl_crystal.density_meas_esd            ? 
_exptl_crystal.density_meas_gt             ? 
_exptl_crystal.density_meas_lt             ? 
_exptl_crystal.density_meas_temp           ? 
_exptl_crystal.density_meas_temp_esd       ? 
_exptl_crystal.density_meas_temp_gt        ? 
_exptl_crystal.density_meas_temp_lt        ? 
_exptl_crystal.pdbx_crystal_image_url      ? 
_exptl_crystal.pdbx_crystal_image_format   ? 
_exptl_crystal.pdbx_mosaicity              ? 
_exptl_crystal.pdbx_mosaicity_esd          ? 
# 
_exptl_crystal_grow.apparatus       ? 
_exptl_crystal_grow.atmosphere      ? 
_exptl_crystal_grow.crystal_id      1 
_exptl_crystal_grow.details         ? 
_exptl_crystal_grow.method          'VAPOR DIFFUSION' 
_exptl_crystal_grow.method_ref      ? 
_exptl_crystal_grow.pH              ? 
_exptl_crystal_grow.pressure        ? 
_exptl_crystal_grow.pressure_esd    ? 
_exptl_crystal_grow.seeding         ? 
_exptl_crystal_grow.seeding_ref     ? 
_exptl_crystal_grow.temp            293.15 
_exptl_crystal_grow.temp_details    ? 
_exptl_crystal_grow.temp_esd        ? 
_exptl_crystal_grow.time            ? 
_exptl_crystal_grow.pdbx_details    '15% PEG 8000, 0.1 M HEPES pH 7.9' 
_exptl_crystal_grow.pdbx_pH_range   ? 
# 
_diffrn.ambient_environment    ? 
_diffrn.ambient_temp           100 
_diffrn.ambient_temp_details   ? 
_diffrn.ambient_temp_esd       ? 
_diffrn.crystal_id             1 
_diffrn.crystal_support        ? 
_diffrn.crystal_treatment      ? 
_diffrn.details                ? 
_diffrn.id                     1 
_diffrn.ambient_pressure       ? 
_diffrn.ambient_pressure_esd   ? 
_diffrn.ambient_pressure_gt    ? 
_diffrn.ambient_pressure_lt    ? 
_diffrn.ambient_temp_gt        ? 
_diffrn.ambient_temp_lt        ? 
# 
_diffrn_detector.details                      ? 
_diffrn_detector.detector                     PIXEL 
_diffrn_detector.diffrn_id                    1 
_diffrn_detector.type                         'DECTRIS PILATUS3 6M' 
_diffrn_detector.area_resol_mean              ? 
_diffrn_detector.dtime                        ? 
_diffrn_detector.pdbx_frames_total            ? 
_diffrn_detector.pdbx_collection_time_total   ? 
_diffrn_detector.pdbx_collection_date         2015-01-08 
# 
_diffrn_radiation.collimation                      ? 
_diffrn_radiation.diffrn_id                        1 
_diffrn_radiation.filter_edge                      ? 
_diffrn_radiation.inhomogeneity                    ? 
_diffrn_radiation.monochromator                    ? 
_diffrn_radiation.polarisn_norm                    ? 
_diffrn_radiation.polarisn_ratio                   ? 
_diffrn_radiation.probe                            ? 
_diffrn_radiation.type                             ? 
_diffrn_radiation.xray_symbol                      ? 
_diffrn_radiation.wavelength_id                    1 
_diffrn_radiation.pdbx_monochromatic_or_laue_m_l   M 
_diffrn_radiation.pdbx_wavelength_list             ? 
_diffrn_radiation.pdbx_wavelength                  ? 
_diffrn_radiation.pdbx_diffrn_protocol             'SINGLE WAVELENGTH' 
_diffrn_radiation.pdbx_analyzer                    ? 
_diffrn_radiation.pdbx_scattering_type             x-ray 
# 
_diffrn_radiation_wavelength.id           1 
_diffrn_radiation_wavelength.wavelength   0.9184 
_diffrn_radiation_wavelength.wt           1.0 
# 
_diffrn_source.current                     ? 
_diffrn_source.details                     ? 
_diffrn_source.diffrn_id                   1 
_diffrn_source.power                       ? 
_diffrn_source.size                        ? 
_diffrn_source.source                      SYNCHROTRON 
_diffrn_source.target                      ? 
_diffrn_source.type                        'SSRL BEAMLINE BL12-2' 
_diffrn_source.voltage                     ? 
_diffrn_source.take-off_angle              ? 
_diffrn_source.pdbx_wavelength_list        0.9184 
_diffrn_source.pdbx_wavelength             ? 
_diffrn_source.pdbx_synchrotron_beamline   BL12-2 
_diffrn_source.pdbx_synchrotron_site       SSRL 
# 
_reflns.B_iso_Wilson_estimate            ? 
_reflns.entry_id                         5KUX 
_reflns.data_reduction_details           ? 
_reflns.data_reduction_method            ? 
_reflns.d_resolution_high                1.8 
_reflns.d_resolution_low                 50 
_reflns.details                          ? 
_reflns.limit_h_max                      ? 
_reflns.limit_h_min                      ? 
_reflns.limit_k_max                      ? 
_reflns.limit_k_min                      ? 
_reflns.limit_l_max                      ? 
_reflns.limit_l_min                      ? 
_reflns.number_all                       ? 
_reflns.number_obs                       12579 
_reflns.observed_criterion               ? 
_reflns.observed_criterion_F_max         ? 
_reflns.observed_criterion_F_min         ? 
_reflns.observed_criterion_I_max         ? 
_reflns.observed_criterion_I_min         ? 
_reflns.observed_criterion_sigma_F       ? 
_reflns.observed_criterion_sigma_I       ? 
_reflns.percent_possible_obs             97.1 
_reflns.R_free_details                   ? 
_reflns.Rmerge_F_all                     ? 
_reflns.Rmerge_F_obs                     ? 
_reflns.Friedel_coverage                 ? 
_reflns.number_gt                        ? 
_reflns.threshold_expression             ? 
_reflns.pdbx_redundancy                  7.9 
_reflns.pdbx_Rmerge_I_obs                ? 
_reflns.pdbx_Rmerge_I_all                ? 
_reflns.pdbx_Rsym_value                  ? 
_reflns.pdbx_netI_over_av_sigmaI         ? 
_reflns.pdbx_netI_over_sigmaI            25.9 
_reflns.pdbx_res_netI_over_av_sigmaI_2   ? 
_reflns.pdbx_res_netI_over_sigmaI_2      ? 
_reflns.pdbx_chi_squared                 ? 
_reflns.pdbx_scaling_rejects             ? 
_reflns.pdbx_d_res_high_opt              ? 
_reflns.pdbx_d_res_low_opt               ? 
_reflns.pdbx_d_res_opt_method            ? 
_reflns.phase_calculation_details        ? 
_reflns.pdbx_Rrim_I_all                  ? 
_reflns.pdbx_Rpim_I_all                  ? 
_reflns.pdbx_d_opt                       ? 
_reflns.pdbx_number_measured_all         ? 
_reflns.pdbx_diffrn_id                   1 
_reflns.pdbx_ordinal                     1 
_reflns.pdbx_CC_half                     ? 
_reflns.pdbx_R_split                     ? 
# 
_reflns_shell.d_res_high                  1.80 
_reflns_shell.d_res_low                   1.86 
_reflns_shell.meanI_over_sigI_all         ? 
_reflns_shell.meanI_over_sigI_obs         1.9 
_reflns_shell.number_measured_all         ? 
_reflns_shell.number_measured_obs         ? 
_reflns_shell.number_possible             ? 
_reflns_shell.number_unique_all           ? 
_reflns_shell.number_unique_obs           ? 
_reflns_shell.percent_possible_all        80.7 
_reflns_shell.percent_possible_obs        ? 
_reflns_shell.Rmerge_F_all                ? 
_reflns_shell.Rmerge_F_obs                ? 
_reflns_shell.Rmerge_I_all                ? 
_reflns_shell.Rmerge_I_obs                .351 
_reflns_shell.meanI_over_sigI_gt          ? 
_reflns_shell.meanI_over_uI_all           ? 
_reflns_shell.meanI_over_uI_gt            ? 
_reflns_shell.number_measured_gt          ? 
_reflns_shell.number_unique_gt            ? 
_reflns_shell.percent_possible_gt         ? 
_reflns_shell.Rmerge_F_gt                 ? 
_reflns_shell.Rmerge_I_gt                 ? 
_reflns_shell.pdbx_redundancy             4.1 
_reflns_shell.pdbx_Rsym_value             ? 
_reflns_shell.pdbx_chi_squared            ? 
_reflns_shell.pdbx_netI_over_sigmaI_all   ? 
_reflns_shell.pdbx_netI_over_sigmaI_obs   ? 
_reflns_shell.pdbx_Rrim_I_all             ? 
_reflns_shell.pdbx_Rpim_I_all             ? 
_reflns_shell.pdbx_rejects                ? 
_reflns_shell.pdbx_ordinal                1 
_reflns_shell.pdbx_diffrn_id              1 
_reflns_shell.pdbx_CC_half                .965 
_reflns_shell.pdbx_R_split                ? 
# 
_refine.aniso_B[1][1]                            ? 
_refine.aniso_B[1][2]                            ? 
_refine.aniso_B[1][3]                            ? 
_refine.aniso_B[2][2]                            ? 
_refine.aniso_B[2][3]                            ? 
_refine.aniso_B[3][3]                            ? 
_refine.B_iso_max                                ? 
_refine.B_iso_mean                               ? 
_refine.B_iso_min                                ? 
_refine.correlation_coeff_Fo_to_Fc               ? 
_refine.correlation_coeff_Fo_to_Fc_free          ? 
_refine.details                                  ? 
_refine.diff_density_max                         ? 
_refine.diff_density_max_esd                     ? 
_refine.diff_density_min                         ? 
_refine.diff_density_min_esd                     ? 
_refine.diff_density_rms                         ? 
_refine.diff_density_rms_esd                     ? 
_refine.entry_id                                 5KUX 
_refine.pdbx_refine_id                           'X-RAY DIFFRACTION' 
_refine.ls_abs_structure_details                 ? 
_refine.ls_abs_structure_Flack                   ? 
_refine.ls_abs_structure_Flack_esd               ? 
_refine.ls_abs_structure_Rogers                  ? 
_refine.ls_abs_structure_Rogers_esd              ? 
_refine.ls_d_res_high                            1.800 
_refine.ls_d_res_low                             40.877 
_refine.ls_extinction_coef                       ? 
_refine.ls_extinction_coef_esd                   ? 
_refine.ls_extinction_expression                 ? 
_refine.ls_extinction_method                     ? 
_refine.ls_goodness_of_fit_all                   ? 
_refine.ls_goodness_of_fit_all_esd               ? 
_refine.ls_goodness_of_fit_obs                   ? 
_refine.ls_goodness_of_fit_obs_esd               ? 
_refine.ls_hydrogen_treatment                    ? 
_refine.ls_matrix_type                           ? 
_refine.ls_number_constraints                    ? 
_refine.ls_number_parameters                     ? 
_refine.ls_number_reflns_all                     ? 
_refine.ls_number_reflns_obs                     12575 
_refine.ls_number_reflns_R_free                  585 
_refine.ls_number_reflns_R_work                  ? 
_refine.ls_number_restraints                     ? 
_refine.ls_percent_reflns_obs                    95.85 
_refine.ls_percent_reflns_R_free                 4.65 
_refine.ls_R_factor_all                          ? 
_refine.ls_R_factor_obs                          0.1981 
_refine.ls_R_factor_R_free                       0.2361 
_refine.ls_R_factor_R_free_error                 ? 
_refine.ls_R_factor_R_free_error_details         ? 
_refine.ls_R_factor_R_work                       0.1963 
_refine.ls_R_Fsqd_factor_obs                     ? 
_refine.ls_R_I_factor_obs                        ? 
_refine.ls_redundancy_reflns_all                 ? 
_refine.ls_redundancy_reflns_obs                 ? 
_refine.ls_restrained_S_all                      ? 
_refine.ls_restrained_S_obs                      ? 
_refine.ls_shift_over_esd_max                    ? 
_refine.ls_shift_over_esd_mean                   ? 
_refine.ls_structure_factor_coef                 ? 
_refine.ls_weighting_details                     ? 
_refine.ls_weighting_scheme                      ? 
_refine.ls_wR_factor_all                         ? 
_refine.ls_wR_factor_obs                         ? 
_refine.ls_wR_factor_R_free                      ? 
_refine.ls_wR_factor_R_work                      ? 
_refine.occupancy_max                            ? 
_refine.occupancy_min                            ? 
_refine.solvent_model_details                    ? 
_refine.solvent_model_param_bsol                 ? 
_refine.solvent_model_param_ksol                 ? 
_refine.ls_R_factor_gt                           ? 
_refine.ls_goodness_of_fit_gt                    ? 
_refine.ls_goodness_of_fit_ref                   ? 
_refine.ls_shift_over_su_max                     ? 
_refine.ls_shift_over_su_max_lt                  ? 
_refine.ls_shift_over_su_mean                    ? 
_refine.ls_shift_over_su_mean_lt                 ? 
_refine.pdbx_ls_sigma_I                          ? 
_refine.pdbx_ls_sigma_F                          1.35 
_refine.pdbx_ls_sigma_Fsqd                       ? 
_refine.pdbx_data_cutoff_high_absF               ? 
_refine.pdbx_data_cutoff_high_rms_absF           ? 
_refine.pdbx_data_cutoff_low_absF                ? 
_refine.pdbx_isotropic_thermal_model             ? 
_refine.pdbx_ls_cross_valid_method               'FREE R-VALUE' 
_refine.pdbx_method_to_determine_struct          'MOLECULAR REPLACEMENT' 
_refine.pdbx_starting_model                      2W9P 
_refine.pdbx_stereochemistry_target_values       ? 
_refine.pdbx_R_Free_selection_details            ? 
_refine.pdbx_stereochem_target_val_spec_case     ? 
_refine.pdbx_overall_ESU_R                       ? 
_refine.pdbx_overall_ESU_R_Free                  ? 
_refine.pdbx_solvent_vdw_probe_radii             1.11 
_refine.pdbx_solvent_ion_probe_radii             ? 
_refine.pdbx_solvent_shrinkage_radii             0.90 
_refine.pdbx_real_space_R                        ? 
_refine.pdbx_density_correlation                 ? 
_refine.pdbx_pd_number_of_powder_patterns        ? 
_refine.pdbx_pd_number_of_points                 ? 
_refine.pdbx_pd_meas_number_of_points            ? 
_refine.pdbx_pd_proc_ls_prof_R_factor            ? 
_refine.pdbx_pd_proc_ls_prof_wR_factor           ? 
_refine.pdbx_pd_Marquardt_correlation_coeff      ? 
_refine.pdbx_pd_Fsqrd_R_factor                   ? 
_refine.pdbx_pd_ls_matrix_band_width             ? 
_refine.pdbx_overall_phase_error                 38.75 
_refine.pdbx_overall_SU_R_free_Cruickshank_DPI   ? 
_refine.pdbx_overall_SU_R_free_Blow_DPI          ? 
_refine.pdbx_overall_SU_R_Blow_DPI               ? 
_refine.pdbx_TLS_residual_ADP_flag               ? 
_refine.pdbx_diffrn_id                           1 
_refine.overall_SU_B                             ? 
_refine.overall_SU_ML                            0.29 
_refine.overall_SU_R_Cruickshank_DPI             ? 
_refine.overall_SU_R_free                        ? 
_refine.overall_FOM_free_R_set                   ? 
_refine.overall_FOM_work_R_set                   ? 
_refine.pdbx_average_fsc_overall                 ? 
_refine.pdbx_average_fsc_work                    ? 
_refine.pdbx_average_fsc_free                    ? 
# 
_refine_hist.pdbx_refine_id                   'X-RAY DIFFRACTION' 
_refine_hist.cycle_id                         LAST 
_refine_hist.pdbx_number_atoms_protein        718 
_refine_hist.pdbx_number_atoms_nucleic_acid   0 
_refine_hist.pdbx_number_atoms_ligand         0 
_refine_hist.number_atoms_solvent             14 
_refine_hist.number_atoms_total               732 
_refine_hist.d_res_high                       1.800 
_refine_hist.d_res_low                        40.877 
# 
loop_
_refine_ls_restr.pdbx_refine_id 
_refine_ls_restr.criterion 
_refine_ls_restr.dev_ideal 
_refine_ls_restr.dev_ideal_target 
_refine_ls_restr.number 
_refine_ls_restr.rejects 
_refine_ls_restr.type 
_refine_ls_restr.weight 
_refine_ls_restr.pdbx_restraint_function 
'X-RAY DIFFRACTION' ? 0.009  ? 739  ? f_bond_d           ? ? 
'X-RAY DIFFRACTION' ? 0.955  ? 1005 ? f_angle_d          ? ? 
'X-RAY DIFFRACTION' ? 17.855 ? 429  ? f_dihedral_angle_d ? ? 
'X-RAY DIFFRACTION' ? 0.067  ? 112  ? f_chiral_restr     ? ? 
'X-RAY DIFFRACTION' ? 0.005  ? 130  ? f_plane_restr      ? ? 
# 
loop_
_refine_ls_shell.pdbx_refine_id 
_refine_ls_shell.d_res_high 
_refine_ls_shell.d_res_low 
_refine_ls_shell.number_reflns_all 
_refine_ls_shell.number_reflns_obs 
_refine_ls_shell.number_reflns_R_free 
_refine_ls_shell.number_reflns_R_work 
_refine_ls_shell.percent_reflns_obs 
_refine_ls_shell.percent_reflns_R_free 
_refine_ls_shell.R_factor_all 
_refine_ls_shell.R_factor_obs 
_refine_ls_shell.R_factor_R_free 
_refine_ls_shell.R_factor_R_free_error 
_refine_ls_shell.R_factor_R_work 
_refine_ls_shell.redundancy_reflns_all 
_refine_ls_shell.redundancy_reflns_obs 
_refine_ls_shell.wR_factor_all 
_refine_ls_shell.wR_factor_obs 
_refine_ls_shell.wR_factor_R_free 
_refine_ls_shell.wR_factor_R_work 
_refine_ls_shell.pdbx_total_number_of_bins_used 
_refine_ls_shell.pdbx_phase_error 
_refine_ls_shell.pdbx_fsc_work 
_refine_ls_shell.pdbx_fsc_free 
'X-RAY DIFFRACTION' 1.8005 1.9817  . . 130 2617 85.00  . . . 0.4256 . 0.3266 . . . . . . . . . . 
'X-RAY DIFFRACTION' 1.9817 2.2684  . . 148 3050 99.00  . . . 0.2912 . 0.2459 . . . . . . . . . . 
'X-RAY DIFFRACTION' 2.2684 2.8578  . . 150 3086 100.00 . . . 0.3068 . 0.2530 . . . . . . . . . . 
'X-RAY DIFFRACTION' 2.8578 40.8873 . . 157 3237 100.00 . . . 0.2036 . 0.1687 . . . . . . . . . . 
# 
_struct.entry_id                     5KUX 
_struct.title                        'Designed influenza hemagglutinin binding protein HSB.2' 
_struct.pdbx_model_details           ? 
_struct.pdbx_formula_weight          ? 
_struct.pdbx_formula_weight_method   ? 
_struct.pdbx_model_type_details      ? 
_struct.pdbx_CASP_flag               N 
# 
_struct_keywords.entry_id        5KUX 
_struct_keywords.text            'Influenza, inhibitor, designed protein, cystatin, PROTEIN BINDING' 
_struct_keywords.pdbx_keywords   'PROTEIN BINDING' 
# 
loop_
_struct_asym.id 
_struct_asym.pdbx_blank_PDB_chainid_flag 
_struct_asym.pdbx_modified 
_struct_asym.entity_id 
_struct_asym.details 
A N N 1 ? 
B N N 2 ? 
# 
loop_
_struct_conf.conf_type_id 
_struct_conf.id 
_struct_conf.pdbx_PDB_helix_id 
_struct_conf.beg_label_comp_id 
_struct_conf.beg_label_asym_id 
_struct_conf.beg_label_seq_id 
_struct_conf.pdbx_beg_PDB_ins_code 
_struct_conf.end_label_comp_id 
_struct_conf.end_label_asym_id 
_struct_conf.end_label_seq_id 
_struct_conf.pdbx_end_PDB_ins_code 
_struct_conf.beg_auth_comp_id 
_struct_conf.beg_auth_asym_id 
_struct_conf.beg_auth_seq_id 
_struct_conf.end_auth_comp_id 
_struct_conf.end_auth_asym_id 
_struct_conf.end_auth_seq_id 
_struct_conf.pdbx_PDB_helix_class 
_struct_conf.details 
_struct_conf.pdbx_PDB_helix_length 
HELX_P HELX_P1 AA1 THR A 11 ? GLU A 29 ? THR A 13 GLU A 31 1 ? 19 
HELX_P HELX_P2 AA2 GLU A 75 ? GLY A 78 ? GLU A 77 GLY A 80 5 ? 4  
# 
_struct_conf_type.id          HELX_P 
_struct_conf_type.criteria    ? 
_struct_conf_type.reference   ? 
# 
loop_
_struct_sheet.id 
_struct_sheet.type 
_struct_sheet.number_strands 
_struct_sheet.details 
AA1 ? 2 ? 
AA2 ? 3 ? 
# 
loop_
_struct_sheet_order.sheet_id 
_struct_sheet_order.range_id_1 
_struct_sheet_order.range_id_2 
_struct_sheet_order.offset 
_struct_sheet_order.sense 
AA1 1 2 ? anti-parallel 
AA2 1 2 ? anti-parallel 
AA2 2 3 ? anti-parallel 
# 
loop_
_struct_sheet_range.sheet_id 
_struct_sheet_range.id 
_struct_sheet_range.beg_label_comp_id 
_struct_sheet_range.beg_label_asym_id 
_struct_sheet_range.beg_label_seq_id 
_struct_sheet_range.pdbx_beg_PDB_ins_code 
_struct_sheet_range.end_label_comp_id 
_struct_sheet_range.end_label_asym_id 
_struct_sheet_range.end_label_seq_id 
_struct_sheet_range.pdbx_end_PDB_ins_code 
_struct_sheet_range.beg_auth_comp_id 
_struct_sheet_range.beg_auth_asym_id 
_struct_sheet_range.beg_auth_seq_id 
_struct_sheet_range.end_auth_comp_id 
_struct_sheet_range.end_auth_asym_id 
_struct_sheet_range.end_auth_seq_id 
AA1 1 VAL A 4  ? ASN A 5  ? VAL A 6  ASN A 7  
AA1 2 LYS A 42 ? GLU A 43 ? LYS A 44 GLU A 45 
AA2 1 ASP A 49 ? THR A 58 ? ASP A 51 THR A 60 
AA2 2 LYS A 64 ? VAL A 74 ? LYS A 66 VAL A 76 
AA2 3 TRP A 79 ? SER A 90 ? TRP A 81 SER A 92 
# 
loop_
_pdbx_struct_sheet_hbond.sheet_id 
_pdbx_struct_sheet_hbond.range_id_1 
_pdbx_struct_sheet_hbond.range_id_2 
_pdbx_struct_sheet_hbond.range_1_label_atom_id 
_pdbx_struct_sheet_hbond.range_1_label_comp_id 
_pdbx_struct_sheet_hbond.range_1_label_asym_id 
_pdbx_struct_sheet_hbond.range_1_label_seq_id 
_pdbx_struct_sheet_hbond.range_1_PDB_ins_code 
_pdbx_struct_sheet_hbond.range_1_auth_atom_id 
_pdbx_struct_sheet_hbond.range_1_auth_comp_id 
_pdbx_struct_sheet_hbond.range_1_auth_asym_id 
_pdbx_struct_sheet_hbond.range_1_auth_seq_id 
_pdbx_struct_sheet_hbond.range_2_label_atom_id 
_pdbx_struct_sheet_hbond.range_2_label_comp_id 
_pdbx_struct_sheet_hbond.range_2_label_asym_id 
_pdbx_struct_sheet_hbond.range_2_label_seq_id 
_pdbx_struct_sheet_hbond.range_2_PDB_ins_code 
_pdbx_struct_sheet_hbond.range_2_auth_atom_id 
_pdbx_struct_sheet_hbond.range_2_auth_comp_id 
_pdbx_struct_sheet_hbond.range_2_auth_asym_id 
_pdbx_struct_sheet_hbond.range_2_auth_seq_id 
AA1 1 2 N VAL A 4  ? N VAL A 6  O GLU A 43 ? O GLU A 45 
AA2 1 2 N LEU A 55 ? N LEU A 57 O TYR A 67 ? O TYR A 69 
AA2 2 3 N ILE A 66 ? N ILE A 68 O GLY A 89 ? O GLY A 91 
# 
_atom_sites.entry_id                    5KUX 
_atom_sites.fract_transf_matrix[1][1]   0.01296091 
_atom_sites.fract_transf_matrix[1][2]   0.01191133 
_atom_sites.fract_transf_matrix[1][3]   0.00901642 
_atom_sites.fract_transf_matrix[2][1]   0.00269283 
_atom_sites.fract_transf_matrix[2][2]   -0.00130876 
_atom_sites.fract_transf_matrix[2][3]   0.01954906 
_atom_sites.fract_transf_matrix[3][1]   0.01039969 
_atom_sites.fract_transf_matrix[3][2]   -0.00973820 
_atom_sites.fract_transf_matrix[3][3]   -0.00208448 
_atom_sites.fract_transf_vector[1]      -0.446603 
_atom_sites.fract_transf_vector[2]      0.016742 
_atom_sites.fract_transf_vector[3]      -0.341234 
# 
loop_
_atom_type.symbol 
C 
N 
O 
S 
# 
loop_
_atom_site.group_PDB 
_atom_site.id 
_atom_site.type_symbol 
_atom_site.label_atom_id 
_atom_site.label_alt_id 
_atom_site.label_comp_id 
_atom_site.label_asym_id 
_atom_site.label_entity_id 
_atom_site.label_seq_id 
_atom_site.pdbx_PDB_ins_code 
_atom_site.Cartn_x 
_atom_site.Cartn_y 
_atom_site.Cartn_z 
_atom_site.occupancy 
_atom_site.B_iso_or_equiv 
_atom_site.pdbx_formal_charge 
_atom_site.auth_seq_id 
_atom_site.auth_comp_id 
_atom_site.auth_asym_id 
_atom_site.auth_atom_id 
_atom_site.pdbx_PDB_model_num 
ATOM   1   N N   . GLY A 1 2  ? 16.649  1.835   -1.712  1.00 95.53  ?  4   GLY A N   1 
ATOM   2   C CA  . GLY A 1 2  ? 17.241  2.455   -0.544  1.00 91.67  ?  4   GLY A CA  1 
ATOM   3   C C   . GLY A 1 2  ? 16.776  1.862   0.770   1.00 86.07  ?  4   GLY A C   1 
ATOM   4   O O   . GLY A 1 2  ? 16.678  2.578   1.768   1.00 85.07  ?  4   GLY A O   1 
ATOM   5   N N   . ILE A 1 3  ? 16.486  0.558   0.776   1.00 82.85  ?  5   ILE A N   1 
ATOM   6   C CA  . ILE A 1 3  ? 16.153  -0.112  2.027   1.00 77.95  ?  5   ILE A CA  1 
ATOM   7   C C   . ILE A 1 3  ? 17.370  -0.077  2.928   1.00 75.01  ?  5   ILE A C   1 
ATOM   8   O O   . ILE A 1 3  ? 18.455  -0.526  2.539   1.00 76.83  ?  5   ILE A O   1 
ATOM   9   C CB  . ILE A 1 3  ? 15.691  -1.552  1.789   1.00 79.78  ?  5   ILE A CB  1 
ATOM   10  C CG1 . ILE A 1 3  ? 14.453  -1.588  0.892   1.00 84.78  ?  5   ILE A CG1 1 
ATOM   11  C CG2 . ILE A 1 3  ? 15.367  -2.209  3.123   1.00 78.12  ?  5   ILE A CG2 1 
ATOM   12  C CD1 . ILE A 1 3  ? 13.787  -2.965  0.781   1.00 80.60  ?  5   ILE A CD1 1 
ATOM   13  N N   . VAL A 1 4  ? 17.211  0.470   4.128   1.00 69.79  ?  6   VAL A N   1 
ATOM   14  C CA  . VAL A 1 4  ? 18.311  0.558   5.076   1.00 69.68  ?  6   VAL A CA  1 
ATOM   15  C C   . VAL A 1 4  ? 17.893  -0.093  6.384   1.00 68.99  ?  6   VAL A C   1 
ATOM   16  O O   . VAL A 1 4  ? 16.722  -0.025  6.786   1.00 64.25  ?  6   VAL A O   1 
ATOM   17  C CB  . VAL A 1 4  ? 18.781  2.010   5.301   1.00 76.51  ?  6   VAL A CB  1 
ATOM   18  C CG1 . VAL A 1 4  ? 19.155  2.656   3.974   1.00 83.14  ?  6   VAL A CG1 1 
ATOM   19  C CG2 . VAL A 1 4  ? 17.709  2.821   5.998   1.00 70.52  ?  6   VAL A CG2 1 
ATOM   20  N N   . ASN A 1 5  ? 18.847  -0.752  7.028   1.00 72.69  ?  7   ASN A N   1 
ATOM   21  C CA  . ASN A 1 5  ? 18.590  -1.353  8.325   1.00 73.29  ?  7   ASN A CA  1 
ATOM   22  C C   . ASN A 1 5  ? 18.449  -0.249  9.365   1.00 77.75  ?  7   ASN A C   1 
ATOM   23  O O   . ASN A 1 5  ? 19.264  0.677   9.418   1.00 82.53  ?  7   ASN A O   1 
ATOM   24  C CB  . ASN A 1 5  ? 19.717  -2.311  8.699   1.00 79.44  ?  7   ASN A CB  1 
ATOM   25  C CG  . ASN A 1 5  ? 19.262  -3.371  9.660   1.00 91.79  ?  7   ASN A CG  1 
ATOM   26  O OD1 . ASN A 1 5  ? 18.746  -3.071  10.734  1.00 96.02  ?  7   ASN A OD1 1 
ATOM   27  N ND2 . ASN A 1 5  ? 19.420  -4.624  9.270   1.00 97.41  ?  7   ASN A ND2 1 
ATOM   28  N N   . VAL A 1 6  ? 17.393  -0.318  10.164  1.00 75.89  ?  8   VAL A N   1 
ATOM   29  C CA  . VAL A 1 6  ? 17.199  0.657   11.233  1.00 75.70  ?  8   VAL A CA  1 
ATOM   30  C C   . VAL A 1 6  ? 18.009  0.152   12.411  1.00 80.08  ?  8   VAL A C   1 
ATOM   31  O O   . VAL A 1 6  ? 17.777  -0.962  12.906  1.00 80.76  ?  8   VAL A O   1 
ATOM   32  C CB  . VAL A 1 6  ? 15.720  0.841   11.595  1.00 68.01  ?  8   VAL A CB  1 
ATOM   33  C CG1 . VAL A 1 6  ? 15.597  1.614   12.896  1.00 66.13  ?  8   VAL A CG1 1 
ATOM   34  C CG2 . VAL A 1 6  ? 15.000  1.544   10.470  1.00 70.27  ?  8   VAL A CG2 1 
ATOM   35  N N   . PRO A 1 7  ? 18.973  0.929   12.885  1.00 84.85  ?  9   PRO A N   1 
ATOM   36  C CA  . PRO A 1 7  ? 19.963  0.345   13.799  1.00 86.34  ?  9   PRO A CA  1 
ATOM   37  C C   . PRO A 1 7  ? 19.420  0.126   15.193  1.00 86.95  ?  9   PRO A C   1 
ATOM   38  O O   . PRO A 1 7  ? 19.689  -0.919  15.795  1.00 91.55  ?  9   PRO A O   1 
ATOM   39  C CB  . PRO A 1 7  ? 21.097  1.366   13.766  1.00 85.86  ?  9   PRO A CB  1 
ATOM   40  C CG  . PRO A 1 7  ? 20.422  2.671   13.385  1.00 81.68  ?  9   PRO A CG  1 
ATOM   41  C CD  . PRO A 1 7  ? 19.215  2.350   12.581  1.00 81.88  ?  9   PRO A CD  1 
ATOM   42  N N   . ASN A 1 8  ? 18.654  1.070   15.728  1.00 82.48  ?  10  ASN A N   1 
ATOM   43  C CA  . ASN A 1 8  ? 17.942  0.851   16.977  1.00 83.47  ?  10  ASN A CA  1 
ATOM   44  C C   . ASN A 1 8  ? 16.453  0.963   16.699  1.00 85.56  ?  10  ASN A C   1 
ATOM   45  O O   . ASN A 1 8  ? 15.951  2.041   16.362  1.00 84.91  ?  10  ASN A O   1 
ATOM   46  C CB  . ASN A 1 8  ? 18.370  1.827   18.058  1.00 94.75  ?  10  ASN A CB  1 
ATOM   47  C CG  . ASN A 1 8  ? 17.463  1.764   19.252  1.00 104.63 ?  10  ASN A CG  1 
ATOM   48  O OD1 . ASN A 1 8  ? 17.172  2.782   19.866  1.00 116.30 ?  10  ASN A OD1 1 
ATOM   49  N ND2 . ASN A 1 8  ? 16.972  0.566   19.572  1.00 101.03 ?  10  ASN A ND2 1 
ATOM   50  N N   . CYS A 1 9  ? 15.749  -0.145  16.870  1.00 79.94  ?  11  CYS A N   1 
ATOM   51  C CA  . CYS A 1 9  ? 14.364  -0.245  16.459  1.00 70.32  ?  11  CYS A CA  1 
ATOM   52  C C   . CYS A 1 9  ? 13.391  -0.189  17.624  1.00 63.86  ?  11  CYS A C   1 
ATOM   53  O O   . CYS A 1 9  ? 12.193  -0.374  17.417  1.00 66.08  ?  11  CYS A O   1 
ATOM   54  C CB  . CYS A 1 9  ? 14.162  -1.533  15.675  1.00 74.25  ?  11  CYS A CB  1 
ATOM   55  S SG  . CYS A 1 9  ? 14.664  -3.032  16.529  1.00 89.43  ?  11  CYS A SG  1 
ATOM   56  N N   . ASN A 1 10 ? 13.865  0.072   18.836  1.00 65.25  ?  12  ASN A N   1 
ATOM   57  C CA  . ASN A 1 10 ? 12.978  0.184   19.984  1.00 68.35  ?  12  ASN A CA  1 
ATOM   58  C C   . ASN A 1 10 ? 12.884  1.614   20.512  1.00 71.17  ?  12  ASN A C   1 
ATOM   59  O O   . ASN A 1 10 ? 12.575  1.839   21.684  1.00 74.91  ?  12  ASN A O   1 
ATOM   60  C CB  . ASN A 1 10 ? 13.408  -0.793  21.067  1.00 72.20  ?  12  ASN A CB  1 
ATOM   61  C CG  . ASN A 1 10 ? 12.828  -2.163  20.837  1.00 69.89  ?  12  ASN A CG  1 
ATOM   62  O OD1 . ASN A 1 10 ? 11.617  -2.307  20.654  1.00 65.84  ?  12  ASN A OD1 1 
ATOM   63  N ND2 . ASN A 1 10 ? 13.681  -3.168  20.782  1.00 64.26  ?  12  ASN A ND2 1 
ATOM   64  N N   . THR A 1 11 ? 13.124  2.591   19.647  1.00 65.14  ?  13  THR A N   1 
ATOM   65  C CA  . THR A 1 11 ? 12.768  3.955   19.980  1.00 70.55  ?  13  THR A CA  1 
ATOM   66  C C   . THR A 1 11 ? 11.250  4.126   19.897  1.00 70.88  ?  13  THR A C   1 
ATOM   67  O O   . THR A 1 11 ? 10.524  3.275   19.367  1.00 66.48  ?  13  THR A O   1 
ATOM   68  C CB  . THR A 1 11 ? 13.460  4.922   19.033  1.00 77.72  ?  13  THR A CB  1 
ATOM   69  O OG1 . THR A 1 11 ? 12.646  5.112   17.887  1.00 85.27  ?  13  THR A OG1 1 
ATOM   70  C CG2 . THR A 1 11 ? 14.770  4.338   18.583  1.00 75.36  ?  13  THR A CG2 1 
ATOM   71  N N   . THR A 1 12 ? 10.770  5.260   20.411  1.00 71.51  ?  14  THR A N   1 
ATOM   72  C CA  . THR A 1 12 ? 9.332   5.505   20.419  1.00 69.24  ?  14  THR A CA  1 
ATOM   73  C C   . THR A 1 12 ? 8.748   5.447   19.010  1.00 63.38  ?  14  THR A C   1 
ATOM   74  O O   . THR A 1 12 ? 7.646   4.925   18.808  1.00 67.77  ?  14  THR A O   1 
ATOM   75  C CB  . THR A 1 12 ? 9.024   6.856   21.059  1.00 72.12  ?  14  THR A CB  1 
ATOM   76  O OG1 . THR A 1 12 ? 9.321   6.793   22.454  1.00 76.18  ?  14  THR A OG1 1 
ATOM   77  C CG2 . THR A 1 12 ? 7.555   7.151   20.908  1.00 70.17  ?  14  THR A CG2 1 
ATOM   78  N N   . LYS A 1 13 ? 9.475   5.956   18.013  1.00 58.98  ?  15  LYS A N   1 
ATOM   79  C CA  . LYS A 1 13 ? 8.912   6.013   16.667  1.00 60.22  ?  15  LYS A CA  1 
ATOM   80  C C   . LYS A 1 13 ? 8.599   4.616   16.139  1.00 59.12  ?  15  LYS A C   1 
ATOM   81  O O   . LYS A 1 13 ? 7.509   4.368   15.607  1.00 55.19  ?  15  LYS A O   1 
ATOM   82  C CB  . LYS A 1 13 ? 9.869   6.746   15.728  1.00 64.91  ?  15  LYS A CB  1 
ATOM   83  C CG  . LYS A 1 13 ? 9.451   6.706   14.256  1.00 66.35  ?  15  LYS A CG  1 
ATOM   84  C CD  . LYS A 1 13 ? 10.620  7.153   13.374  1.00 75.66  ?  15  LYS A CD  1 
ATOM   85  C CE  . LYS A 1 13 ? 10.475  6.658   11.937  1.00 77.12  ?  15  LYS A CE  1 
ATOM   86  N NZ  . LYS A 1 13 ? 10.662  7.729   10.920  1.00 77.98  1  15  LYS A NZ  1 
ATOM   87  N N   . TYR A 1 14 ? 9.532   3.679   16.289  1.00 59.25  ?  16  TYR A N   1 
ATOM   88  C CA  . TYR A 1 14 ? 9.263   2.355   15.738  1.00 49.18  ?  16  TYR A CA  1 
ATOM   89  C C   . TYR A 1 14 ? 8.418   1.510   16.681  1.00 46.32  ?  16  TYR A C   1 
ATOM   90  O O   . TYR A 1 14 ? 7.703   0.606   16.226  1.00 47.16  ?  16  TYR A O   1 
ATOM   91  C CB  . TYR A 1 14 ? 10.576  1.653   15.374  1.00 51.74  ?  16  TYR A CB  1 
ATOM   92  C CG  . TYR A 1 14 ? 11.450  2.507   14.491  1.00 54.08  ?  16  TYR A CG  1 
ATOM   93  C CD1 . TYR A 1 14 ? 11.202  2.604   13.130  1.00 51.50  ?  16  TYR A CD1 1 
ATOM   94  C CD2 . TYR A 1 14 ? 12.510  3.223   15.021  1.00 62.88  ?  16  TYR A CD2 1 
ATOM   95  C CE1 . TYR A 1 14 ? 11.969  3.400   12.322  1.00 55.97  ?  16  TYR A CE1 1 
ATOM   96  C CE2 . TYR A 1 14 ? 13.295  4.016   14.221  1.00 68.58  ?  16  TYR A CE2 1 
ATOM   97  C CZ  . TYR A 1 14 ? 13.018  4.103   12.869  1.00 66.96  ?  16  TYR A CZ  1 
ATOM   98  O OH  . TYR A 1 14 ? 13.798  4.891   12.058  1.00 73.66  ?  16  TYR A OH  1 
ATOM   99  N N   . GLN A 1 15 ? 8.479   1.766   17.990  1.00 49.28  ?  17  GLN A N   1 
ATOM   100 C CA  . GLN A 1 15 ? 7.521   1.096   18.861  1.00 48.17  ?  17  GLN A CA  1 
ATOM   101 C C   . GLN A 1 15 ? 6.101   1.549   18.537  1.00 53.51  ?  17  GLN A C   1 
ATOM   102 O O   . GLN A 1 15 ? 5.161   0.740   18.518  1.00 51.24  ?  17  GLN A O   1 
ATOM   103 C CB  . GLN A 1 15 ? 7.872   1.361   20.318  1.00 54.96  ?  17  GLN A CB  1 
ATOM   104 C CG  . GLN A 1 15 ? 9.236   0.819   20.678  1.00 67.82  ?  17  GLN A CG  1 
ATOM   105 C CD  . GLN A 1 15 ? 9.267   0.273   22.069  1.00 81.98  ?  17  GLN A CD  1 
ATOM   106 O OE1 . GLN A 1 15 ? 8.503   0.706   22.933  1.00 84.23  ?  17  GLN A OE1 1 
ATOM   107 N NE2 . GLN A 1 15 ? 10.149  -0.695  22.305  1.00 85.90  ?  17  GLN A NE2 1 
ATOM   108 N N   . GLN A 1 16 ? 5.937   2.838   18.240  1.00 53.33  ?  18  GLN A N   1 
ATOM   109 C CA  . GLN A 1 16 ? 4.620   3.351   17.870  1.00 55.51  ?  18  GLN A CA  1 
ATOM   110 C C   . GLN A 1 16 ? 4.117   2.701   16.594  1.00 50.48  ?  18  GLN A C   1 
ATOM   111 O O   . GLN A 1 16 ? 2.958   2.257   16.521  1.00 49.21  ?  18  GLN A O   1 
ATOM   112 C CB  . GLN A 1 16 ? 4.671   4.880   17.708  1.00 61.23  ?  18  GLN A CB  1 
ATOM   113 C CG  . GLN A 1 16 ? 3.321   5.474   17.384  1.00 75.28  ?  18  GLN A CG  1 
ATOM   114 C CD  . GLN A 1 16 ? 2.321   5.139   18.460  1.00 84.16  ?  18  GLN A CD  1 
ATOM   115 O OE1 . GLN A 1 16 ? 1.381   4.372   18.234  1.00 83.55  ?  18  GLN A OE1 1 
ATOM   116 N NE2 . GLN A 1 16 ? 2.534   5.690   19.656  1.00 82.16  ?  18  GLN A NE2 1 
ATOM   117 N N   . LEU A 1 17 ? 4.982   2.616   15.575  1.00 51.39  ?  19  LEU A N   1 
ATOM   118 C CA  . LEU A 1 17 ? 4.612   1.925   14.341  1.00 46.29  ?  19  LEU A CA  1 
ATOM   119 C C   . LEU A 1 17 ? 4.197   0.487   14.616  1.00 47.33  ?  19  LEU A C   1 
ATOM   120 O O   . LEU A 1 17 ? 3.193   0.015   14.081  1.00 40.63  ?  19  LEU A O   1 
ATOM   121 C CB  . LEU A 1 17 ? 5.768   1.948   13.338  1.00 47.25  ?  19  LEU A CB  1 
ATOM   122 C CG  . LEU A 1 17 ? 6.033   3.227   12.558  1.00 49.43  ?  19  LEU A CG  1 
ATOM   123 C CD1 . LEU A 1 17 ? 7.446   3.191   11.980  1.00 51.55  ?  19  LEU A CD1 1 
ATOM   124 C CD2 . LEU A 1 17 ? 5.021   3.341   11.444  1.00 48.47  ?  19  LEU A CD2 1 
ATOM   125 N N   . ALA A 1 18 ? 4.975   -0.247  15.420  1.00 47.53  ?  20  ALA A N   1 
ATOM   126 C CA  . ALA A 1 18 ? 4.608   -1.635  15.686  1.00 48.00  ?  20  ALA A CA  1 
ATOM   127 C C   . ALA A 1 18 ? 3.287   -1.736  16.453  1.00 44.27  ?  20  ALA A C   1 
ATOM   128 O O   . ALA A 1 18 ? 2.450   -2.596  16.149  1.00 43.51  ?  20  ALA A O   1 
ATOM   129 C CB  . ALA A 1 18 ? 5.741   -2.329  16.437  1.00 48.91  ?  20  ALA A CB  1 
ATOM   130 N N   . ARG A 1 19 ? 3.084   -0.872  17.447  1.00 43.70  ?  21  ARG A N   1 
ATOM   131 C CA  . ARG A 1 19 ? 1.834   -0.914  18.190  1.00 44.12  ?  21  ARG A CA  1 
ATOM   132 C C   . ARG A 1 19 ? 0.660   -0.571  17.282  1.00 49.19  ?  21  ARG A C   1 
ATOM   133 O O   . ARG A 1 19 ? -0.420  -1.167  17.390  1.00 51.34  ?  21  ARG A O   1 
ATOM   134 C CB  . ARG A 1 19 ? 1.911   0.024   19.387  1.00 50.14  ?  21  ARG A CB  1 
ATOM   135 C CG  . ARG A 1 19 ? 2.543   -0.602  20.625  1.00 53.84  ?  21  ARG A CG  1 
ATOM   136 C CD  . ARG A 1 19 ? 2.300   0.231   21.867  1.00 60.51  ?  21  ARG A CD  1 
ATOM   137 N NE  . ARG A 1 19 ? 2.942   1.538   21.763  1.00 72.30  ?  21  ARG A NE  1 
ATOM   138 C CZ  . ARG A 1 19 ? 4.159   1.820   22.223  1.00 76.11  ?  21  ARG A CZ  1 
ATOM   139 N NH1 . ARG A 1 19 ? 4.880   0.874   22.842  1.00 65.89  1  21  ARG A NH1 1 
ATOM   140 N NH2 . ARG A 1 19 ? 4.644   3.055   22.068  1.00 78.76  ?  21  ARG A NH2 1 
ATOM   141 N N   . THR A 1 20 ? 0.855   0.363   16.354  1.00 47.76  ?  22  THR A N   1 
ATOM   142 C CA  . THR A 1 20 ? -0.237  0.677   15.435  1.00 44.81  ?  22  THR A CA  1 
ATOM   143 C C   . THR A 1 20 ? -0.550  -0.500  14.544  1.00 45.63  ?  22  THR A C   1 
ATOM   144 O O   . THR A 1 20 ? -1.722  -0.809  14.319  1.00 44.68  ?  22  THR A O   1 
ATOM   145 C CB  . THR A 1 20 ? 0.094   1.906   14.611  1.00 45.34  ?  22  THR A CB  1 
ATOM   146 O OG1 . THR A 1 20 ? 0.123   3.029   15.487  1.00 47.62  ?  22  THR A OG1 1 
ATOM   147 C CG2 . THR A 1 20 ? -0.946  2.138   13.525  1.00 48.82  ?  22  THR A CG2 1 
ATOM   148 N N   . ALA A 1 21 ? 0.492   -1.220  14.065  1.00 40.53  ?  23  ALA A N   1 
ATOM   149 C CA  . ALA A 1 21 ? 0.237   -2.391  13.239  1.00 37.64  ?  23  ALA A CA  1 
ATOM   150 C C   . ALA A 1 21 ? -0.505  -3.451  14.027  1.00 41.41  ?  23  ALA A C   1 
ATOM   151 O O   . ALA A 1 21 ? -1.428  -4.096  13.508  1.00 41.81  ?  23  ALA A O   1 
ATOM   152 C CB  . ALA A 1 21 ? 1.554   -2.957  12.691  1.00 35.52  ?  23  ALA A CB  1 
ATOM   153 N N   . VAL A 1 22 ? -0.135  -3.629  15.298  1.00 41.89  ?  24  VAL A N   1 
ATOM   154 C CA  . VAL A 1 22 ? -0.795  -4.653  16.098  1.00 44.13  ?  24  VAL A CA  1 
ATOM   155 C C   . VAL A 1 22 ? -2.266  -4.299  16.300  1.00 43.97  ?  24  VAL A C   1 
ATOM   156 O O   . VAL A 1 22 ? -3.135  -5.177  16.260  1.00 45.35  ?  24  VAL A O   1 
ATOM   157 C CB  . VAL A 1 22 ? -0.057  -4.842  17.428  1.00 44.10  ?  24  VAL A CB  1 
ATOM   158 C CG1 . VAL A 1 22 ? -0.893  -5.661  18.378  1.00 44.29  ?  24  VAL A CG1 1 
ATOM   159 C CG2 . VAL A 1 22 ? 1.298   -5.574  17.143  1.00 37.20  ?  24  VAL A CG2 1 
ATOM   160 N N   . ALA A 1 23 ? -2.555  -3.018  16.511  1.00 42.49  ?  25  ALA A N   1 
ATOM   161 C CA  . ALA A 1 23 ? -3.939  -2.564  16.730  1.00 44.23  ?  25  ALA A CA  1 
ATOM   162 C C   . ALA A 1 23 ? -4.795  -2.798  15.498  1.00 45.58  ?  25  ALA A C   1 
ATOM   163 O O   . ALA A 1 23 ? -5.960  -3.219  15.598  1.00 46.61  ?  25  ALA A O   1 
ATOM   164 C CB  . ALA A 1 23 ? -3.951  -1.082  17.093  1.00 51.28  ?  25  ALA A CB  1 
ATOM   165 N N   . ILE A 1 24 ? -4.233  -2.505  14.325  1.00 43.28  ?  26  ILE A N   1 
ATOM   166 C CA  . ILE A 1 24 ? -4.931  -2.728  13.064  1.00 45.09  ?  26  ILE A CA  1 
ATOM   167 C C   . ILE A 1 24 ? -5.193  -4.209  12.866  1.00 43.83  ?  26  ILE A C   1 
ATOM   168 O O   . ILE A 1 24 ? -6.302  -4.627  12.528  1.00 45.73  ?  26  ILE A O   1 
ATOM   169 C CB  . ILE A 1 24 ? -4.129  -2.106  11.899  1.00 45.28  ?  26  ILE A CB  1 
ATOM   170 C CG1 . ILE A 1 24 ? -4.117  -0.579  12.019  1.00 45.37  ?  26  ILE A CG1 1 
ATOM   171 C CG2 . ILE A 1 24 ? -4.678  -2.534  10.560  1.00 48.23  ?  26  ILE A CG2 1 
ATOM   172 C CD1 . ILE A 1 24 ? -3.149  0.103   11.055  1.00 44.92  ?  26  ILE A CD1 1 
ATOM   173 N N   . TYR A 1 25 ? -4.159  -5.046  13.048  1.00 41.56  ?  27  TYR A N   1 
ATOM   174 C CA  . TYR A 1 25 ? -4.379  -6.477  12.975  1.00 40.99  ?  27  TYR A CA  1 
ATOM   175 C C   . TYR A 1 25 ? -5.436  -6.933  13.971  1.00 42.80  ?  27  TYR A C   1 
ATOM   176 O O   . TYR A 1 25 ? -6.322  -7.722  13.626  1.00 45.63  ?  27  TYR A O   1 
ATOM   177 C CB  . TYR A 1 25 ? -3.052  -7.204  13.201  1.00 38.34  ?  27  TYR A CB  1 
ATOM   178 C CG  . TYR A 1 25 ? -3.203  -8.699  13.222  1.00 50.42  ?  27  TYR A CG  1 
ATOM   179 C CD1 . TYR A 1 25 ? -3.064  -9.431  12.046  1.00 55.77  ?  27  TYR A CD1 1 
ATOM   180 C CD2 . TYR A 1 25 ? -3.413  -9.389  14.418  1.00 55.25  ?  27  TYR A CD2 1 
ATOM   181 C CE1 . TYR A 1 25 ? -3.185  -10.801 12.052  1.00 51.85  ?  27  TYR A CE1 1 
ATOM   182 C CE2 . TYR A 1 25 ? -3.531  -10.759 14.432  1.00 56.17  ?  27  TYR A CE2 1 
ATOM   183 C CZ  . TYR A 1 25 ? -3.428  -11.461 13.248  1.00 58.58  ?  27  TYR A CZ  1 
ATOM   184 O OH  . TYR A 1 25 ? -3.550  -12.843 13.265  1.00 65.49  ?  27  TYR A OH  1 
ATOM   185 N N   . ASN A 1 26 ? -5.366  -6.445  15.217  1.00 44.27  ?  28  ASN A N   1 
ATOM   186 C CA  . ASN A 1 26 ? -6.316  -6.920  16.218  1.00 43.34  ?  28  ASN A CA  1 
ATOM   187 C C   . ASN A 1 26 ? -7.729  -6.565  15.816  1.00 45.82  ?  28  ASN A C   1 
ATOM   188 O O   . ASN A 1 26 ? -8.674  -7.298  16.132  1.00 53.34  ?  28  ASN A O   1 
ATOM   189 C CB  . ASN A 1 26 ? -6.046  -6.297  17.578  1.00 48.82  ?  28  ASN A CB  1 
ATOM   190 C CG  . ASN A 1 26 ? -4.988  -7.005  18.357  1.00 53.23  ?  28  ASN A CG  1 
ATOM   191 O OD1 . ASN A 1 26 ? -4.627  -8.168  18.086  1.00 53.33  ?  28  ASN A OD1 1 
ATOM   192 N ND2 . ASN A 1 26 ? -4.486  -6.312  19.366  1.00 49.11  ?  28  ASN A ND2 1 
ATOM   193 N N   . TYR A 1 27 ? -7.893  -5.431  15.141  1.00 46.91  ?  29  TYR A N   1 
ATOM   194 C CA  . TYR A 1 27 ? -9.245  -5.014  14.747  1.00 52.29  ?  29  TYR A CA  1 
ATOM   195 C C   . TYR A 1 27 ? -9.775  -5.905  13.631  1.00 59.45  ?  29  TYR A C   1 
ATOM   196 O O   . TYR A 1 27 ? -10.909 -6.386  13.687  1.00 60.30  ?  29  TYR A O   1 
ATOM   197 C CB  . TYR A 1 27 ? -9.212  -3.563  14.310  1.00 48.56  ?  29  TYR A CB  1 
ATOM   198 C CG  . TYR A 1 27 ? -10.590 -3.013  13.977  1.00 52.36  ?  29  TYR A CG  1 
ATOM   199 C CD1 . TYR A 1 27 ? -11.072 -3.025  12.672  1.00 62.46  ?  29  TYR A CD1 1 
ATOM   200 C CD2 . TYR A 1 27 ? -11.413 -2.538  14.975  1.00 61.20  ?  29  TYR A CD2 1 
ATOM   201 C CE1 . TYR A 1 27 ? -12.341 -2.538  12.370  1.00 65.55  ?  29  TYR A CE1 1 
ATOM   202 C CE2 . TYR A 1 27 ? -12.670 -2.030  14.680  1.00 63.83  ?  29  TYR A CE2 1 
ATOM   203 C CZ  . TYR A 1 27 ? -13.134 -2.050  13.381  1.00 67.58  ?  29  TYR A CZ  1 
ATOM   204 O OH  . TYR A 1 27 ? -14.391 -1.568  13.097  1.00 75.43  ?  29  TYR A OH  1 
ATOM   205 N N   . HIS A 1 28 ? -8.934  -6.181  12.626  1.00 56.14  ?  30  HIS A N   1 
ATOM   206 C CA  . HIS A 1 28 ? -9.383  -6.967  11.483  1.00 54.92  ?  30  HIS A CA  1 
ATOM   207 C C   . HIS A 1 28 ? -9.605  -8.422  11.856  1.00 59.68  ?  30  HIS A C   1 
ATOM   208 O O   . HIS A 1 28 ? -10.551 -9.057  11.372  1.00 63.70  ?  30  HIS A O   1 
ATOM   209 C CB  . HIS A 1 28 ? -8.362  -6.883  10.362  1.00 59.90  ?  30  HIS A CB  1 
ATOM   210 C CG  . HIS A 1 28 ? -8.335  -5.567  9.672   1.00 65.43  ?  30  HIS A CG  1 
ATOM   211 N ND1 . HIS A 1 28 ? -9.485  -4.935  9.244   1.00 72.46  ?  30  HIS A ND1 1 
ATOM   212 C CD2 . HIS A 1 28 ? -7.304  -4.769  9.314   1.00 67.36  ?  30  HIS A CD2 1 
ATOM   213 C CE1 . HIS A 1 28 ? -9.157  -3.800  8.655   1.00 67.43  ?  30  HIS A CE1 1 
ATOM   214 N NE2 . HIS A 1 28 ? -7.842  -3.671  8.688   1.00 60.58  ?  30  HIS A NE2 1 
ATOM   215 N N   . GLU A 1 29 ? -8.728  -8.980  12.683  1.00 61.09  ?  31  GLU A N   1 
ATOM   216 C CA  . GLU A 1 29 ? -8.752  -10.407 12.976  1.00 67.20  ?  31  GLU A CA  1 
ATOM   217 C C   . GLU A 1 29 ? -9.447  -10.722 14.285  1.00 71.49  ?  31  GLU A C   1 
ATOM   218 O O   . GLU A 1 29 ? -9.400  -11.871 14.734  1.00 77.98  ?  31  GLU A O   1 
ATOM   219 C CB  . GLU A 1 29 ? -7.329  -10.964 12.997  1.00 60.63  ?  31  GLU A CB  1 
ATOM   220 C CG  . GLU A 1 29 ? -6.537  -10.635 11.741  1.00 70.39  ?  31  GLU A CG  1 
ATOM   221 C CD  . GLU A 1 29 ? -7.147  -11.231 10.488  1.00 85.86  ?  31  GLU A CD  1 
ATOM   222 O OE1 . GLU A 1 29 ? -7.236  -10.511 9.465   1.00 87.87  ?  31  GLU A OE1 1 
ATOM   223 O OE2 . GLU A 1 29 ? -7.536  -12.419 10.532  1.00 97.55  -1 31  GLU A OE2 1 
ATOM   224 N N   . GLN A 1 30 ? -10.095 -9.732  14.899  1.00 74.50  ?  32  GLN A N   1 
ATOM   225 C CA  . GLN A 1 30 ? -10.727 -9.885  16.213  1.00 78.63  ?  32  GLN A CA  1 
ATOM   226 C C   . GLN A 1 30 ? -9.787  -10.594 17.185  1.00 75.23  ?  32  GLN A C   1 
ATOM   227 O O   . GLN A 1 30 ? -10.206 -11.383 18.034  1.00 76.81  ?  32  GLN A O   1 
ATOM   228 C CB  . GLN A 1 30 ? -12.077 -10.610 16.109  1.00 83.38  ?  32  GLN A CB  1 
ATOM   229 C CG  . GLN A 1 30 ? -13.244 -9.728  15.626  1.00 88.25  ?  32  GLN A CG  1 
ATOM   230 C CD  . GLN A 1 30 ? -13.400 -9.664  14.099  1.00 97.67  ?  32  GLN A CD  1 
ATOM   231 O OE1 . GLN A 1 30 ? -12.524 -10.094 13.347  1.00 100.33 ?  32  GLN A OE1 1 
ATOM   232 N NE2 . GLN A 1 30 ? -14.535 -9.130  13.643  1.00 101.75 ?  32  GLN A NE2 1 
ATOM   233 N N   . ALA A 1 31 ? -8.492  -10.328 17.035  1.00 83.04  ?  33  ALA A N   1 
ATOM   234 C CA  . ALA A 1 31 ? -7.475  -10.942 17.870  1.00 71.52  ?  33  ALA A CA  1 
ATOM   235 C C   . ALA A 1 31 ? -7.218  -10.066 19.092  1.00 73.14  ?  33  ALA A C   1 
ATOM   236 O O   . ALA A 1 31 ? -7.829  -9.001  19.287  1.00 67.89  ?  33  ALA A O   1 
ATOM   237 C CB  . ALA A 1 31 ? -6.182  -11.180 17.084  1.00 63.36  ?  33  ALA A CB  1 
ATOM   238 N N   . HIS A 1 32 ? -6.306  -10.538 19.936  1.00 61.73  ?  34  HIS A N   1 
ATOM   239 C CA  . HIS A 1 32 ? -5.936  -9.862  21.168  1.00 60.75  ?  34  HIS A CA  1 
ATOM   240 C C   . HIS A 1 32 ? -4.433  -10.002 21.382  1.00 55.22  ?  34  HIS A C   1 
ATOM   241 O O   . HIS A 1 32 ? -3.970  -10.475 22.420  1.00 57.94  ?  34  HIS A O   1 
ATOM   242 C CB  . HIS A 1 32 ? -6.727  -10.416 22.350  1.00 70.28  ?  34  HIS A CB  1 
ATOM   243 C CG  . HIS A 1 32 ? -8.210  -10.228 22.216  1.00 78.91  ?  34  HIS A CG  1 
ATOM   244 N ND1 . HIS A 1 32 ? -9.042  -11.192 21.685  1.00 80.09  ?  34  HIS A ND1 1 
ATOM   245 C CD2 . HIS A 1 32 ? -9.002  -9.173  22.514  1.00 86.98  ?  34  HIS A CD2 1 
ATOM   246 C CE1 . HIS A 1 32 ? -10.286 -10.746 21.679  1.00 82.62  ?  34  HIS A CE1 1 
ATOM   247 N NE2 . HIS A 1 32 ? -10.290 -9.523  22.180  1.00 86.88  ?  34  HIS A NE2 1 
ATOM   248 N N   . LEU A 1 33 ? -3.665  -9.604  20.370  1.00 50.48  ?  35  LEU A N   1 
ATOM   249 C CA  . LEU A 1 33 ? -2.215  -9.520  20.503  1.00 43.84  ?  35  LEU A CA  1 
ATOM   250 C C   . LEU A 1 33 ? -1.815  -8.306  21.324  1.00 56.80  ?  35  LEU A C   1 
ATOM   251 O O   . LEU A 1 33 ? -2.460  -7.242  21.277  1.00 48.33  ?  35  LEU A O   1 
ATOM   252 C CB  . LEU A 1 33 ? -1.544  -9.423  19.138  1.00 51.62  ?  35  LEU A CB  1 
ATOM   253 C CG  . LEU A 1 33 ? -1.567  -10.687 18.284  1.00 52.36  ?  35  LEU A CG  1 
ATOM   254 C CD1 . LEU A 1 33 ? -0.802  -10.466 17.012  1.00 44.56  ?  35  LEU A CD1 1 
ATOM   255 C CD2 . LEU A 1 33 ? -1.040  -11.817 19.089  1.00 59.23  ?  35  LEU A CD2 1 
ATOM   256 N N   . THR A 1 34 ? -0.743  -8.471  22.087  1.00 45.88  ?  36  THR A N   1 
ATOM   257 C CA  . THR A 1 34 ? -0.131  -7.378  22.830  1.00 46.34  ?  36  THR A CA  1 
ATOM   258 C C   . THR A 1 34 ? 1.306   -7.223  22.373  1.00 55.01  ?  36  THR A C   1 
ATOM   259 O O   . THR A 1 34 ? 2.093   -8.170  22.488  1.00 46.19  ?  36  THR A O   1 
ATOM   260 C CB  . THR A 1 34 ? -0.159  -7.654  24.323  1.00 57.33  ?  36  THR A CB  1 
ATOM   261 O OG1 . THR A 1 34 ? -1.521  -7.738  24.767  1.00 60.72  ?  36  THR A OG1 1 
ATOM   262 C CG2 . THR A 1 34 ? 0.538   -6.523  25.052  1.00 60.09  ?  36  THR A CG2 1 
ATOM   263 N N   . PHE A 1 35 ? 1.661   -6.037  21.891  1.00 49.37  ?  37  PHE A N   1 
ATOM   264 C CA  . PHE A 1 35 ? 3.042   -5.826  21.463  1.00 56.03  ?  37  PHE A CA  1 
ATOM   265 C C   . PHE A 1 35 ? 3.995   -5.977  22.646  1.00 50.17  ?  37  PHE A C   1 
ATOM   266 O O   . PHE A 1 35 ? 3.683   -5.552  23.766  1.00 48.65  ?  37  PHE A O   1 
ATOM   267 C CB  . PHE A 1 35 ? 3.184   -4.443  20.806  1.00 47.22  ?  37  PHE A CB  1 
ATOM   268 C CG  . PHE A 1 35 ? 4.617   -3.982  20.643  1.00 52.95  ?  37  PHE A CG  1 
ATOM   269 C CD1 . PHE A 1 35 ? 5.316   -4.304  19.504  1.00 50.58  ?  37  PHE A CD1 1 
ATOM   270 C CD2 . PHE A 1 35 ? 5.214   -3.141  21.577  1.00 54.41  ?  37  PHE A CD2 1 
ATOM   271 C CE1 . PHE A 1 35 ? 6.620   -3.870  19.335  1.00 66.49  ?  37  PHE A CE1 1 
ATOM   272 C CE2 . PHE A 1 35 ? 6.513   -2.692  21.412  1.00 59.41  ?  37  PHE A CE2 1 
ATOM   273 C CZ  . PHE A 1 35 ? 7.209   -3.036  20.298  1.00 61.11  ?  37  PHE A CZ  1 
ATOM   274 N N   . VAL A 1 36 ? 5.159   -6.613  22.405  1.00 51.77  ?  38  VAL A N   1 
ATOM   275 C CA  . VAL A 1 36 ? 6.200   -6.802  23.423  1.00 50.44  ?  38  VAL A CA  1 
ATOM   276 C C   . VAL A 1 36 ? 7.431   -5.941  23.128  1.00 53.36  ?  38  VAL A C   1 
ATOM   277 O O   . VAL A 1 36 ? 7.850   -5.137  23.963  1.00 55.66  ?  38  VAL A O   1 
ATOM   278 C CB  . VAL A 1 36 ? 6.596   -8.296  23.564  1.00 47.86  ?  38  VAL A CB  1 
ATOM   279 C CG1 . VAL A 1 36 ? 7.764   -8.434  24.516  1.00 56.56  ?  38  VAL A CG1 1 
ATOM   280 C CG2 . VAL A 1 36 ? 5.433   -9.145  24.066  1.00 49.59  ?  38  VAL A CG2 1 
ATOM   281 N N   . GLU A 1 37 ? 8.051   -6.132  21.965  1.00 51.53  ?  39  GLU A N   1 
ATOM   282 C CA  . GLU A 1 37 ? 9.292   -5.446  21.601  1.00 54.80  ?  39  GLU A CA  1 
ATOM   283 C C   . GLU A 1 37 ? 9.606   -5.714  20.134  1.00 50.30  ?  39  GLU A C   1 
ATOM   284 O O   . GLU A 1 37 ? 9.171   -6.718  19.557  1.00 50.47  ?  39  GLU A O   1 
ATOM   285 C CB  . GLU A 1 37 ? 10.476  -5.893  22.469  1.00 66.96  ?  39  GLU A CB  1 
ATOM   286 C CG  . GLU A 1 37 ? 10.816  -7.362  22.325  1.00 58.10  ?  39  GLU A CG  1 
ATOM   287 C CD  . GLU A 1 37 ? 11.899  -7.812  23.303  1.00 76.62  ?  39  GLU A CD  1 
ATOM   288 O OE1 . GLU A 1 37 ? 13.022  -7.254  23.230  1.00 82.81  ?  39  GLU A OE1 1 
ATOM   289 O OE2 . GLU A 1 37 ? 11.615  -8.700  24.153  1.00 78.08  -1 39  GLU A OE2 1 
ATOM   290 N N   . ASN A 1 38 ? 10.359  -4.802  19.529  1.00 50.42  ?  40  ASN A N   1 
ATOM   291 C CA  . ASN A 1 38 ? 10.790  -5.014  18.159  1.00 44.75  ?  40  ASN A CA  1 
ATOM   292 C C   . ASN A 1 38 ? 12.083  -5.788  18.173  1.00 53.73  ?  40  ASN A C   1 
ATOM   293 O O   . ASN A 1 38 ? 12.897  -5.646  19.086  1.00 54.46  ?  40  ASN A O   1 
ATOM   294 C CB  . ASN A 1 38 ? 11.014  -3.716  17.409  1.00 50.45  ?  40  ASN A CB  1 
ATOM   295 C CG  . ASN A 1 38 ? 9.714   -3.028  17.054  1.00 55.39  ?  40  ASN A CG  1 
ATOM   296 O OD1 . ASN A 1 38 ? 8.712   -3.670  16.743  1.00 49.46  ?  40  ASN A OD1 1 
ATOM   297 N ND2 . ASN A 1 38 ? 9.731   -1.714  17.110  1.00 47.54  ?  40  ASN A ND2 1 
ATOM   298 N N   . LEU A 1 39 ? 12.272  -6.587  17.131  1.00 45.49  ?  41  LEU A N   1 
ATOM   299 C CA  . LEU A 1 39 ? 13.484  -7.390  16.971  1.00 48.56  ?  41  LEU A CA  1 
ATOM   300 C C   . LEU A 1 39 ? 14.399  -6.844  15.886  1.00 65.82  ?  41  LEU A C   1 
ATOM   301 O O   . LEU A 1 39 ? 15.586  -6.619  16.135  1.00 72.93  ?  41  LEU A O   1 
ATOM   302 C CB  . LEU A 1 39 ? 13.095  -8.844  16.700  1.00 55.48  ?  41  LEU A CB  1 
ATOM   303 C CG  . LEU A 1 39 ? 12.155  -9.442  17.744  1.00 57.99  ?  41  LEU A CG  1 
ATOM   304 C CD1 . LEU A 1 39 ? 11.782  -10.885 17.441  1.00 61.16  ?  41  LEU A CD1 1 
ATOM   305 C CD2 . LEU A 1 39 ? 12.791  -9.344  19.101  1.00 57.07  ?  41  LEU A CD2 1 
ATOM   306 N N   . ASN A 1 40 ? 13.881  -6.627  14.684  1.00 57.73  ?  42  ASN A N   1 
ATOM   307 C CA  . ASN A 1 40 ? 14.621  -6.002  13.594  1.00 62.85  ?  42  ASN A CA  1 
ATOM   308 C C   . ASN A 1 40 ? 13.684  -5.043  12.901  1.00 58.94  ?  42  ASN A C   1 
ATOM   309 O O   . ASN A 1 40 ? 12.468  -5.215  12.946  1.00 60.38  ?  42  ASN A O   1 
ATOM   310 C CB  . ASN A 1 40 ? 15.100  -6.978  12.525  1.00 73.11  ?  42  ASN A CB  1 
ATOM   311 C CG  . ASN A 1 40 ? 15.327  -8.323  13.030  1.00 95.01  ?  42  ASN A CG  1 
ATOM   312 O OD1 . ASN A 1 40 ? 14.529  -9.168  12.830  1.00 99.32  ?  42  ASN A OD1 1 
ATOM   313 N ND2 . ASN A 1 40 ? 16.422  -8.540  13.687  1.00 112.02 ?  42  ASN A ND2 1 
ATOM   314 N N   A CYS A 1 41 ? 14.254  -4.046  12.231  0.50 68.73  ?  43  CYS A N   1 
ATOM   315 N N   B CYS A 1 41 ? 14.258  -4.045  12.234  0.50 68.70  ?  43  CYS A N   1 
ATOM   316 C CA  A CYS A 1 41 ? 13.446  -3.104  11.468  0.50 65.96  ?  43  CYS A CA  1 
ATOM   317 C CA  B CYS A 1 41 ? 13.466  -3.102  11.463  0.50 66.04  ?  43  CYS A CA  1 
ATOM   318 C C   A CYS A 1 41 ? 14.268  -2.573  10.302  0.50 61.70  ?  43  CYS A C   1 
ATOM   319 C C   B CYS A 1 41 ? 14.288  -2.595  10.287  0.50 61.77  ?  43  CYS A C   1 
ATOM   320 O O   A CYS A 1 41 ? 15.452  -2.264  10.463  0.50 61.62  ?  43  CYS A O   1 
ATOM   321 O O   B CYS A 1 41 ? 15.482  -2.315  10.425  0.50 61.48  ?  43  CYS A O   1 
ATOM   322 C CB  A CYS A 1 41 ? 12.954  -1.954  12.357  0.50 69.57  ?  43  CYS A CB  1 
ATOM   323 C CB  B CYS A 1 41 ? 13.002  -1.927  12.327  0.50 69.66  ?  43  CYS A CB  1 
ATOM   324 S SG  A CYS A 1 41 ? 11.870  -0.759  11.532  0.50 74.28  ?  43  CYS A SG  1 
ATOM   325 S SG  B CYS A 1 41 ? 11.858  -2.395  13.623  0.50 72.90  ?  43  CYS A SG  1 
ATOM   326 N N   . LYS A 1 42 ? 13.646  -2.501  9.127   1.00 55.74  ?  44  LYS A N   1 
ATOM   327 C CA  . LYS A 1 42 ? 14.235  -1.879  7.956   1.00 54.55  ?  44  LYS A CA  1 
ATOM   328 C C   . LYS A 1 42 ? 13.281  -0.803  7.472   1.00 61.49  ?  44  LYS A C   1 
ATOM   329 O O   . LYS A 1 42 ? 12.069  -0.875  7.703   1.00 54.90  ?  44  LYS A O   1 
ATOM   330 C CB  . LYS A 1 42 ? 14.531  -2.908  6.841   1.00 65.94  ?  44  LYS A CB  1 
ATOM   331 C CG  . LYS A 1 42 ? 15.161  -4.193  7.369   1.00 76.98  ?  44  LYS A CG  1 
ATOM   332 C CD  . LYS A 1 42 ? 15.443  -5.193  6.268   1.00 80.86  ?  44  LYS A CD  1 
ATOM   333 C CE  . LYS A 1 42 ? 16.866  -5.688  6.327   1.00 88.88  ?  44  LYS A CE  1 
ATOM   334 N NZ  . LYS A 1 42 ? 17.229  -6.317  5.027   1.00 92.82  1  44  LYS A NZ  1 
ATOM   335 N N   . GLU A 1 43 ? 13.827  0.222   6.838   1.00 59.75  ?  45  GLU A N   1 
ATOM   336 C CA  . GLU A 1 43 ? 12.962  1.284   6.362   1.00 58.33  ?  45  GLU A CA  1 
ATOM   337 C C   . GLU A 1 43 ? 13.440  1.741   4.999   1.00 58.20  ?  45  GLU A C   1 
ATOM   338 O O   . GLU A 1 43 ? 14.623  1.659   4.677   1.00 57.44  ?  45  GLU A O   1 
ATOM   339 C CB  . GLU A 1 43 ? 12.935  2.464   7.327   1.00 58.98  ?  45  GLU A CB  1 
ATOM   340 C CG  . GLU A 1 43 ? 14.195  3.300   7.299   1.00 66.84  ?  45  GLU A CG  1 
ATOM   341 C CD  . GLU A 1 43 ? 14.206  4.370   8.387   1.00 80.88  ?  45  GLU A CD  1 
ATOM   342 O OE1 . GLU A 1 43 ? 14.931  5.381   8.219   1.00 86.86  ?  45  GLU A OE1 1 
ATOM   343 O OE2 . GLU A 1 43 ? 13.489  4.194   9.405   1.00 78.05  -1 45  GLU A OE2 1 
ATOM   344 N N   . GLN A 1 44 ? 12.491  2.204   4.195   1.00 53.48  ?  46  GLN A N   1 
ATOM   345 C CA  . GLN A 1 44 ? 12.786  2.758   2.879   1.00 53.42  ?  46  GLN A CA  1 
ATOM   346 C C   . GLN A 1 44 ? 11.976  4.037   2.739   1.00 53.31  ?  46  GLN A C   1 
ATOM   347 O O   . GLN A 1 44 ? 10.751  3.975   2.591   1.00 51.34  ?  46  GLN A O   1 
ATOM   348 C CB  . GLN A 1 44 ? 12.428  1.765   1.780   1.00 56.82  ?  46  GLN A CB  1 
ATOM   349 C CG  . GLN A 1 44 ? 12.820  2.250   0.410   1.00 65.30  ?  46  GLN A CG  1 
ATOM   350 C CD  . GLN A 1 44 ? 12.650  1.169   -0.622  1.00 71.92  ?  46  GLN A CD  1 
ATOM   351 O OE1 . GLN A 1 44 ? 11.962  0.180   -0.377  1.00 78.94  ?  46  GLN A OE1 1 
ATOM   352 N NE2 . GLN A 1 44 ? 13.279  1.344   -1.782  1.00 70.79  ?  46  GLN A NE2 1 
ATOM   353 N N   . LEU A 1 45 ? 12.644  5.180   2.791   1.00 50.95  ?  47  LEU A N   1 
ATOM   354 C CA  . LEU A 1 45 ? 11.963  6.459   2.903   1.00 56.66  ?  47  LEU A CA  1 
ATOM   355 C C   . LEU A 1 45 ? 12.012  7.211   1.587   1.00 56.57  ?  47  LEU A C   1 
ATOM   356 O O   . LEU A 1 45 ? 13.032  7.217   0.903   1.00 52.68  ?  47  LEU A O   1 
ATOM   357 C CB  . LEU A 1 45 ? 12.581  7.318   4.000   1.00 56.14  ?  47  LEU A CB  1 
ATOM   358 C CG  . LEU A 1 45 ? 12.725  6.619   5.345   1.00 60.27  ?  47  LEU A CG  1 
ATOM   359 C CD1 . LEU A 1 45 ? 13.422  7.541   6.320   1.00 66.30  ?  47  LEU A CD1 1 
ATOM   360 C CD2 . LEU A 1 45 ? 11.369  6.199   5.863   1.00 56.30  ?  47  LEU A CD2 1 
ATOM   361 N N   . GLY A 1 46 ? 10.894  7.833   1.229   1.00 52.77  ?  48  GLY A N   1 
ATOM   362 C CA  . GLY A 1 46 ? 10.899  8.772   0.130   1.00 55.35  ?  48  GLY A CA  1 
ATOM   363 C C   . GLY A 1 46 ? 10.904  8.176   -1.255  1.00 57.61  ?  48  GLY A C   1 
ATOM   364 O O   . GLY A 1 46 ? 11.055  8.926   -2.223  1.00 62.92  ?  48  GLY A O   1 
ATOM   365 N N   . GLU A 1 47 ? 10.724  6.868   -1.400  1.00 52.38  ?  49  GLU A N   1 
ATOM   366 C CA  . GLU A 1 47 ? 10.779  6.263   -2.723  1.00 56.87  ?  49  GLU A CA  1 
ATOM   367 C C   . GLU A 1 47 ? 9.429   5.791   -3.238  1.00 60.01  ?  49  GLU A C   1 
ATOM   368 O O   . GLU A 1 47 ? 9.359   5.285   -4.361  1.00 59.51  ?  49  GLU A O   1 
ATOM   369 C CB  . GLU A 1 47 ? 11.775  5.107   -2.725  1.00 63.16  ?  49  GLU A CB  1 
ATOM   370 C CG  . GLU A 1 47 ? 13.103  5.509   -2.136  1.00 75.47  ?  49  GLU A CG  1 
ATOM   371 C CD  . GLU A 1 47 ? 14.195  4.503   -2.428  1.00 91.11  ?  49  GLU A CD  1 
ATOM   372 O OE1 . GLU A 1 47 ? 14.424  4.203   -3.623  1.00 93.19  ?  49  GLU A OE1 1 
ATOM   373 O OE2 . GLU A 1 47 ? 14.810  4.008   -1.461  1.00 96.50  ?  49  GLU A OE2 1 
ATOM   374 N N   . GLY A 1 48 ? 8.353   5.962   -2.468  1.00 49.77  ?  50  GLY A N   1 
ATOM   375 C CA  . GLY A 1 48 ? 7.049   5.532   -2.930  1.00 50.70  ?  50  GLY A CA  1 
ATOM   376 C C   . GLY A 1 48 ? 6.331   6.617   -3.704  1.00 54.63  ?  50  GLY A C   1 
ATOM   377 O O   . GLY A 1 48 ? 6.087   7.709   -3.171  1.00 51.56  ?  50  GLY A O   1 
ATOM   378 N N   . ASP A 1 49 ? 5.994   6.323   -4.963  1.00 48.67  ?  51  ASP A N   1 
ATOM   379 C CA  . ASP A 1 49 ? 5.233   7.215   -5.839  1.00 47.68  ?  51  ASP A CA  1 
ATOM   380 C C   . ASP A 1 49 ? 3.849   6.625   -6.068  1.00 48.91  ?  51  ASP A C   1 
ATOM   381 O O   . ASP A 1 49 ? 3.676   5.405   -6.083  1.00 42.39  ?  51  ASP A O   1 
ATOM   382 C CB  . ASP A 1 49 ? 5.937   7.405   -7.197  1.00 43.57  ?  51  ASP A CB  1 
ATOM   383 C CG  . ASP A 1 49 ? 7.338   7.954   -7.060  1.00 56.77  ?  51  ASP A CG  1 
ATOM   384 O OD1 . ASP A 1 49 ? 8.136   7.749   -8.011  1.00 60.05  ?  51  ASP A OD1 1 
ATOM   385 O OD2 . ASP A 1 49 ? 7.645   8.586   -6.016  1.00 57.55  ?  51  ASP A OD2 1 
ATOM   386 N N   . TYR A 1 50 ? 2.838   7.484   -6.210  1.00 47.39  ?  52  TYR A N   1 
ATOM   387 C CA  . TYR A 1 50 ? 1.473   7.006   -6.415  1.00 41.21  ?  52  TYR A CA  1 
ATOM   388 C C   . TYR A 1 50 ? 0.862   7.747   -7.588  1.00 48.04  ?  52  TYR A C   1 
ATOM   389 O O   . TYR A 1 50 ? 0.989   8.971   -7.686  1.00 48.05  ?  52  TYR A O   1 
ATOM   390 C CB  . TYR A 1 50 ? 0.615   7.187   -5.162  1.00 49.82  ?  52  TYR A CB  1 
ATOM   391 C CG  . TYR A 1 50 ? 1.185   6.392   -4.026  1.00 55.16  ?  52  TYR A CG  1 
ATOM   392 C CD1 . TYR A 1 50 ? 2.058   6.984   -3.123  1.00 54.39  ?  52  TYR A CD1 1 
ATOM   393 C CD2 . TYR A 1 50 ? 0.880   5.051   -3.868  1.00 55.03  ?  52  TYR A CD2 1 
ATOM   394 C CE1 . TYR A 1 50 ? 2.611   6.259   -2.080  1.00 58.22  ?  52  TYR A CE1 1 
ATOM   395 C CE2 . TYR A 1 50 ? 1.428   4.314   -2.819  1.00 61.38  ?  52  TYR A CE2 1 
ATOM   396 C CZ  . TYR A 1 50 ? 2.297   4.936   -1.937  1.00 65.36  ?  52  TYR A CZ  1 
ATOM   397 O OH  . TYR A 1 50 ? 2.861   4.251   -0.893  1.00 80.90  ?  52  TYR A OH  1 
ATOM   398 N N   . TYR A 1 51 ? 0.192   7.010   -8.465  1.00 42.74  ?  53  TYR A N   1 
ATOM   399 C CA  . TYR A 1 51 ? -0.447  7.588   -9.638  1.00 44.86  ?  53  TYR A CA  1 
ATOM   400 C C   . TYR A 1 51 ? -1.924  7.266   -9.584  1.00 45.51  ?  53  TYR A C   1 
ATOM   401 O O   . TYR A 1 51 ? -2.294  6.132   -9.299  1.00 40.34  ?  53  TYR A O   1 
ATOM   402 C CB  . TYR A 1 51 ? 0.179   7.055   -10.918 1.00 45.29  ?  53  TYR A CB  1 
ATOM   403 C CG  . TYR A 1 51 ? 1.620   7.454   -11.020 1.00 47.02  ?  53  TYR A CG  1 
ATOM   404 C CD1 . TYR A 1 51 ? 2.620   6.625   -10.512 1.00 49.48  ?  53  TYR A CD1 1 
ATOM   405 C CD2 . TYR A 1 51 ? 1.994   8.659   -11.608 1.00 47.93  ?  53  TYR A CD2 1 
ATOM   406 C CE1 . TYR A 1 51 ? 3.959   6.988   -10.594 1.00 46.42  ?  53  TYR A CE1 1 
ATOM   407 C CE2 . TYR A 1 51 ? 3.328   9.029   -11.698 1.00 54.82  ?  53  TYR A CE2 1 
ATOM   408 C CZ  . TYR A 1 51 ? 4.305   8.186   -11.186 1.00 53.25  ?  53  TYR A CZ  1 
ATOM   409 O OH  . TYR A 1 51 ? 5.631   8.539   -11.269 1.00 50.75  ?  53  TYR A OH  1 
ATOM   410 N N   . TYR A 1 52 ? -2.774  8.277   -9.799  1.00 42.33  ?  54  TYR A N   1 
ATOM   411 C CA  . TYR A 1 52 ? -4.218  8.090   -9.808  1.00 44.41  ?  54  TYR A CA  1 
ATOM   412 C C   . TYR A 1 52 ? -4.673  8.405   -11.222 1.00 52.20  ?  54  TYR A C   1 
ATOM   413 O O   . TYR A 1 52 ? -4.674  9.571   -11.635 1.00 48.44  ?  54  TYR A O   1 
ATOM   414 C CB  . TYR A 1 52 ? -4.905  9.016   -8.798  1.00 48.15  ?  54  TYR A CB  1 
ATOM   415 C CG  . TYR A 1 52 ? -4.360  8.914   -7.376  1.00 50.91  ?  54  TYR A CG  1 
ATOM   416 C CD1 . TYR A 1 52 ? -5.033  8.177   -6.401  1.00 52.68  ?  54  TYR A CD1 1 
ATOM   417 C CD2 . TYR A 1 52 ? -3.187  9.573   -7.004  1.00 48.63  ?  54  TYR A CD2 1 
ATOM   418 C CE1 . TYR A 1 52 ? -4.543  8.085   -5.101  1.00 51.93  ?  54  TYR A CE1 1 
ATOM   419 C CE2 . TYR A 1 52 ? -2.696  9.487   -5.711  1.00 50.22  ?  54  TYR A CE2 1 
ATOM   420 C CZ  . TYR A 1 52 ? -3.373  8.736   -4.767  1.00 60.52  ?  54  TYR A CZ  1 
ATOM   421 O OH  . TYR A 1 52 ? -2.894  8.651   -3.475  1.00 72.81  ?  54  TYR A OH  1 
ATOM   422 N N   . ILE A 1 53 ? -5.078  7.379   -11.954 1.00 43.85  ?  55  ILE A N   1 
ATOM   423 C CA  . ILE A 1 53 ? -5.313  7.493   -13.385 1.00 47.70  ?  55  ILE A CA  1 
ATOM   424 C C   . ILE A 1 53 ? -6.765  7.152   -13.661 1.00 51.19  ?  55  ILE A C   1 
ATOM   425 O O   . ILE A 1 53 ? -7.242  6.090   -13.252 1.00 45.30  ?  55  ILE A O   1 
ATOM   426 C CB  . ILE A 1 53 ? -4.389  6.575   -14.183 1.00 49.07  ?  55  ILE A CB  1 
ATOM   427 C CG1 . ILE A 1 53 ? -2.927  6.978   -13.966 1.00 51.55  ?  55  ILE A CG1 1 
ATOM   428 C CG2 . ILE A 1 53 ? -4.772  6.607   -15.643 1.00 51.67  ?  55  ILE A CG2 1 
ATOM   429 C CD1 . ILE A 1 53 ? -1.978  6.212   -14.868 1.00 50.16  ?  55  ILE A CD1 1 
ATOM   430 N N   . THR A 1 54 ? -7.478  8.063   -14.317 1.00 51.87  ?  56  THR A N   1 
ATOM   431 C CA  . THR A 1 54 ? -8.796  7.761   -14.853 1.00 39.29  ?  56  THR A CA  1 
ATOM   432 C C   . THR A 1 54 ? -8.631  7.475   -16.335 1.00 41.10  ?  56  THR A C   1 
ATOM   433 O O   . THR A 1 54 ? -8.081  8.304   -17.066 1.00 45.40  ?  56  THR A O   1 
ATOM   434 C CB  . THR A 1 54 ? -9.760  8.933   -14.649 1.00 41.21  ?  56  THR A CB  1 
ATOM   435 O OG1 . THR A 1 54 ? -9.743  9.283   -13.263 1.00 45.97  ?  56  THR A OG1 1 
ATOM   436 C CG2 . THR A 1 54 ? -11.134 8.503   -15.018 1.00 43.57  ?  56  THR A CG2 1 
ATOM   437 N N   . LEU A 1 55 ? -9.099  6.307   -16.781 1.00 41.42  ?  57  LEU A N   1 
ATOM   438 C CA  . LEU A 1 55 ? -8.922  5.932   -18.169 1.00 38.85  ?  57  LEU A CA  1 
ATOM   439 C C   . LEU A 1 55 ? -10.182 5.323   -18.769 1.00 42.23  ?  57  LEU A C   1 
ATOM   440 O O   . LEU A 1 55 ? -11.032 4.760   -18.075 1.00 49.14  ?  57  LEU A O   1 
ATOM   441 C CB  . LEU A 1 55 ? -7.754  4.919   -18.275 1.00 38.11  ?  57  LEU A CB  1 
ATOM   442 C CG  . LEU A 1 55 ? -8.017  3.683   -17.403 1.00 44.42  ?  57  LEU A CG  1 
ATOM   443 C CD1 . LEU A 1 55 ? -8.486  2.518   -18.268 1.00 50.39  ?  57  LEU A CD1 1 
ATOM   444 C CD2 . LEU A 1 55 ? -6.788  3.271   -16.600 1.00 50.61  ?  57  LEU A CD2 1 
ATOM   445 N N   . ALA A 1 56 ? -10.242 5.368   -20.095 1.00 42.29  ?  58  ALA A N   1 
ATOM   446 C CA  . ALA A 1 56 ? -11.266 4.677   -20.871 1.00 40.95  ?  58  ALA A CA  1 
ATOM   447 C C   . ALA A 1 56 ? -10.682 3.393   -21.420 1.00 44.53  ?  58  ALA A C   1 
ATOM   448 O O   . ALA A 1 56 ? -9.527  3.374   -21.824 1.00 43.84  ?  58  ALA A O   1 
ATOM   449 C CB  . ALA A 1 56 ? -11.759 5.522   -22.043 1.00 48.31  ?  58  ALA A CB  1 
ATOM   450 N N   . ALA A 1 57 ? -11.497 2.346   -21.449 1.00 41.23  ?  59  ALA A N   1 
ATOM   451 C CA  . ALA A 1 57 ? -11.065 1.046   -21.942 1.00 41.88  ?  59  ALA A CA  1 
ATOM   452 C C   . ALA A 1 57 ? -12.275 0.340   -22.516 1.00 54.66  ?  59  ALA A C   1 
ATOM   453 O O   . ALA A 1 57 ? -13.386 0.488   -21.991 1.00 53.61  ?  59  ALA A O   1 
ATOM   454 C CB  . ALA A 1 57 ? -10.443 0.214   -20.825 1.00 41.25  ?  59  ALA A CB  1 
ATOM   455 N N   . THR A 1 58 ? -12.066 -0.401  -23.603 1.00 44.71  ?  60  THR A N   1 
ATOM   456 C CA  . THR A 1 58 ? -13.141 -1.165  -24.219 1.00 46.51  ?  60  THR A CA  1 
ATOM   457 C C   . THR A 1 58 ? -12.985 -2.621  -23.835 1.00 55.83  ?  60  THR A C   1 
ATOM   458 O O   . THR A 1 58 ? -11.866 -3.120  -23.683 1.00 50.23  ?  60  THR A O   1 
ATOM   459 C CB  . THR A 1 58 ? -13.140 -1.035  -25.745 1.00 53.46  ?  60  THR A CB  1 
ATOM   460 O OG1 . THR A 1 58 ? -11.881 -1.484  -26.255 1.00 56.99  ?  60  THR A OG1 1 
ATOM   461 C CG2 . THR A 1 58 ? -13.326 0.400   -26.147 1.00 52.08  ?  60  THR A CG2 1 
ATOM   462 N N   . ASP A 1 59 ? -14.108 -3.299  -23.665 1.00 51.74  ?  61  ASP A N   1 
ATOM   463 C CA  . ASP A 1 59 ? -14.056 -4.691  -23.253 1.00 56.46  ?  61  ASP A CA  1 
ATOM   464 C C   . ASP A 1 59 ? -14.116 -5.585  -24.489 1.00 67.87  ?  61  ASP A C   1 
ATOM   465 O O   . ASP A 1 59 ? -14.041 -5.110  -25.628 1.00 66.32  ?  61  ASP A O   1 
ATOM   466 C CB  . ASP A 1 59 ? -15.162 -4.990  -22.241 1.00 68.94  ?  61  ASP A CB  1 
ATOM   467 C CG  . ASP A 1 59 ? -16.564 -4.771  -22.805 1.00 81.09  ?  61  ASP A CG  1 
ATOM   468 O OD1 . ASP A 1 59 ? -16.704 -4.606  -24.039 1.00 82.26  ?  61  ASP A OD1 1 
ATOM   469 O OD2 . ASP A 1 59 ? -17.527 -4.756  -22.004 1.00 87.56  -1 61  ASP A OD2 1 
ATOM   470 N N   . ASP A 1 60 ? -14.262 -6.899  -24.257 1.00 76.87  ?  62  ASP A N   1 
ATOM   471 C CA  . ASP A 1 60 ? -14.279 -7.880  -25.338 1.00 85.09  ?  62  ASP A CA  1 
ATOM   472 C C   . ASP A 1 60 ? -15.439 -7.647  -26.301 1.00 85.55  ?  62  ASP A C   1 
ATOM   473 O O   . ASP A 1 60 ? -15.312 -7.910  -27.502 1.00 81.58  ?  62  ASP A O   1 
ATOM   474 C CB  . ASP A 1 60 ? -14.358 -9.288  -24.748 1.00 94.11  ?  62  ASP A CB  1 
ATOM   475 C CG  . ASP A 1 60 ? -14.224 -10.379 -25.806 1.00 113.60 ?  62  ASP A CG  1 
ATOM   476 O OD1 . ASP A 1 60 ? -13.436 -10.192 -26.759 1.00 118.72 ?  62  ASP A OD1 1 
ATOM   477 O OD2 . ASP A 1 60 ? -14.906 -11.425 -25.687 1.00 121.85 -1 62  ASP A OD2 1 
ATOM   478 N N   . ALA A 1 61 ? -16.572 -7.166  -25.796 1.00 83.69  ?  63  ALA A N   1 
ATOM   479 C CA  . ALA A 1 61 ? -17.734 -6.907  -26.633 1.00 79.44  ?  63  ALA A CA  1 
ATOM   480 C C   . ALA A 1 61 ? -17.689 -5.546  -27.321 1.00 76.68  ?  63  ALA A C   1 
ATOM   481 O O   . ALA A 1 61 ? -18.648 -5.190  -28.011 1.00 83.77  ?  63  ALA A O   1 
ATOM   482 C CB  . ALA A 1 61 ? -19.012 -7.025  -25.799 1.00 73.39  ?  63  ALA A CB  1 
ATOM   483 N N   . GLY A 1 62 ? -16.613 -4.781  -27.155 1.00 69.24  ?  64  GLY A N   1 
ATOM   484 C CA  . GLY A 1 62 ? -16.488 -3.486  -27.783 1.00 69.51  ?  64  GLY A CA  1 
ATOM   485 C C   . GLY A 1 62 ? -17.089 -2.330  -27.009 1.00 66.27  ?  64  GLY A C   1 
ATOM   486 O O   . GLY A 1 62 ? -16.932 -1.185  -27.441 1.00 70.19  ?  64  GLY A O   1 
ATOM   487 N N   . LYS A 1 63 ? -17.751 -2.598  -25.879 1.00 65.70  ?  65  LYS A N   1 
ATOM   488 C CA  . LYS A 1 63 ? -18.332 -1.576  -25.001 1.00 59.66  ?  65  LYS A CA  1 
ATOM   489 C C   . LYS A 1 63 ? -17.252 -0.842  -24.210 1.00 59.24  ?  65  LYS A C   1 
ATOM   490 O O   . LYS A 1 63 ? -16.357 -1.459  -23.625 1.00 56.74  ?  65  LYS A O   1 
ATOM   491 C CB  . LYS A 1 63 ? -19.320 -2.228  -24.027 1.00 61.75  ?  65  LYS A CB  1 
ATOM   492 C CG  . LYS A 1 63 ? -20.470 -3.001  -24.693 1.00 64.95  ?  65  LYS A CG  1 
ATOM   493 C CD  . LYS A 1 63 ? -20.872 -2.370  -26.024 1.00 79.59  ?  65  LYS A CD  1 
ATOM   494 C CE  . LYS A 1 63 ? -21.226 -3.427  -27.065 1.00 93.77  ?  65  LYS A CE  1 
ATOM   495 N NZ  . LYS A 1 63 ? -21.763 -2.855  -28.338 1.00 96.05  1  65  LYS A NZ  1 
ATOM   496 N N   . LYS A 1 64 ? -17.359 0.484   -24.164 1.00 52.68  ?  66  LYS A N   1 
ATOM   497 C CA  . LYS A 1 64 ? -16.369 1.350   -23.540 1.00 51.09  ?  66  LYS A CA  1 
ATOM   498 C C   . LYS A 1 64 ? -16.852 1.833   -22.172 1.00 51.81  ?  66  LYS A C   1 
ATOM   499 O O   . LYS A 1 64 ? -18.056 1.971   -21.935 1.00 50.39  ?  66  LYS A O   1 
ATOM   500 C CB  . LYS A 1 64 ? -16.087 2.547   -24.446 1.00 61.96  ?  66  LYS A CB  1 
ATOM   501 C CG  . LYS A 1 64 ? -14.759 3.214   -24.196 1.00 67.80  ?  66  LYS A CG  1 
ATOM   502 C CD  . LYS A 1 64 ? -14.592 4.467   -25.041 1.00 68.88  ?  66  LYS A CD  1 
ATOM   503 C CE  . LYS A 1 64 ? -14.739 4.182   -26.523 1.00 76.07  ?  66  LYS A CE  1 
ATOM   504 N NZ  . LYS A 1 64 ? -14.571 5.441   -27.308 1.00 84.77  1  66  LYS A NZ  1 
ATOM   505 N N   . ALA A 1 65 ? -15.906 2.072   -21.268 1.00 49.89  ?  67  ALA A N   1 
ATOM   506 C CA  . ALA A 1 65 ? -16.244 2.458   -19.907 1.00 48.83  ?  67  ALA A CA  1 
ATOM   507 C C   . ALA A 1 65 ? -15.066 3.203   -19.313 1.00 50.91  ?  67  ALA A C   1 
ATOM   508 O O   . ALA A 1 65 ? -13.947 3.133   -19.824 1.00 42.36  ?  67  ALA A O   1 
ATOM   509 C CB  . ALA A 1 65 ? -16.609 1.248   -19.043 1.00 52.02  ?  67  ALA A CB  1 
ATOM   510 N N   . ILE A 1 66 ? -15.336 3.936   -18.243 1.00 45.21  ?  68  ILE A N   1 
ATOM   511 C CA  . ILE A 1 66 ? -14.321 4.647   -17.467 1.00 38.90  ?  68  ILE A CA  1 
ATOM   512 C C   . ILE A 1 66 ? -13.885 3.770   -16.305 1.00 46.06  ?  68  ILE A C   1 
ATOM   513 O O   . ILE A 1 66 ? -14.734 3.198   -15.613 1.00 44.79  ?  68  ILE A O   1 
ATOM   514 C CB  . ILE A 1 66 ? -14.872 5.966   -16.911 1.00 39.46  ?  68  ILE A CB  1 
ATOM   515 C CG1 . ILE A 1 66 ? -15.358 6.836   -18.026 1.00 41.58  ?  68  ILE A CG1 1 
ATOM   516 C CG2 . ILE A 1 66 ? -13.762 6.701   -16.217 1.00 37.95  ?  68  ILE A CG2 1 
ATOM   517 C CD1 . ILE A 1 66 ? -16.111 8.009   -17.443 1.00 50.11  ?  68  ILE A CD1 1 
ATOM   518 N N   . TYR A 1 67 ? -12.570 3.684   -16.074 1.00 42.26  ?  69  TYR A N   1 
ATOM   519 C CA  . TYR A 1 67 ? -11.964 2.968   -14.962 1.00 35.85  ?  69  TYR A CA  1 
ATOM   520 C C   . TYR A 1 67 ? -11.076 3.934   -14.194 1.00 43.40  ?  69  TYR A C   1 
ATOM   521 O O   . TYR A 1 67 ? -10.485 4.829   -14.794 1.00 43.47  ?  69  TYR A O   1 
ATOM   522 C CB  . TYR A 1 67 ? -11.100 1.750   -15.491 1.00 38.55  ?  69  TYR A CB  1 
ATOM   523 C CG  . TYR A 1 67 ? -11.956 0.749   -16.232 1.00 39.50  ?  69  TYR A CG  1 
ATOM   524 C CD1 . TYR A 1 67 ? -12.299 0.930   -17.554 1.00 36.98  ?  69  TYR A CD1 1 
ATOM   525 C CD2 . TYR A 1 67 ? -12.510 -0.302  -15.560 1.00 38.02  ?  69  TYR A CD2 1 
ATOM   526 C CE1 . TYR A 1 67 ? -13.146 0.064   -18.187 1.00 38.75  ?  69  TYR A CE1 1 
ATOM   527 C CE2 . TYR A 1 67 ? -13.337 -1.197  -16.198 1.00 40.31  ?  69  TYR A CE2 1 
ATOM   528 C CZ  . TYR A 1 67 ? -13.675 -0.987  -17.495 1.00 40.77  ?  69  TYR A CZ  1 
ATOM   529 O OH  . TYR A 1 67 ? -14.506 -1.897  -18.075 1.00 51.29  ?  69  TYR A OH  1 
ATOM   530 N N   . GLU A 1 68 ? -11.015 3.791   -12.862 1.00 41.28  ?  70  GLU A N   1 
ATOM   531 C CA  . GLU A 1 68 ? -10.029 4.478   -12.024 1.00 35.29  ?  70  GLU A CA  1 
ATOM   532 C C   . GLU A 1 68 ? -9.035  3.468   -11.450 1.00 38.85  ?  70  GLU A C   1 
ATOM   533 O O   . GLU A 1 68 ? -9.443  2.471   -10.844 1.00 43.37  ?  70  GLU A O   1 
ATOM   534 C CB  . GLU A 1 68 ? -10.676 5.232   -10.860 1.00 41.91  ?  70  GLU A CB  1 
ATOM   535 C CG  . GLU A 1 68 ? -11.739 6.202   -11.336 1.00 75.93  ?  70  GLU A CG  1 
ATOM   536 C CD  . GLU A 1 68 ? -12.244 7.202   -10.284 1.00 102.13 ?  70  GLU A CD  1 
ATOM   537 O OE1 . GLU A 1 68 ? -12.481 6.781   -9.131  1.00 109.48 ?  70  GLU A OE1 1 
ATOM   538 O OE2 . GLU A 1 68 ? -12.501 8.380   -10.638 1.00 108.68 -1 70  GLU A OE2 1 
ATOM   539 N N   . ALA A 1 69 ? -7.749  3.761   -11.593 1.00 42.81  ?  71  ALA A N   1 
ATOM   540 C CA  . ALA A 1 69 ? -6.672  2.885   -11.134 1.00 38.30  ?  71  ALA A CA  1 
ATOM   541 C C   . ALA A 1 69 ? -5.776  3.680   -10.202 1.00 47.72  ?  71  ALA A C   1 
ATOM   542 O O   . ALA A 1 69 ? -5.452  4.839   -10.491 1.00 50.77  ?  71  ALA A O   1 
ATOM   543 C CB  . ALA A 1 69 ? -5.874  2.382   -12.328 1.00 40.91  ?  71  ALA A CB  1 
ATOM   544 N N   . LYS A 1 70 ? -5.404  3.088   -9.076  1.00 39.36  ?  72  LYS A N   1 
ATOM   545 C CA  . LYS A 1 70 ? -4.362  3.645   -8.227  1.00 33.33  ?  72  LYS A CA  1 
ATOM   546 C C   . LYS A 1 70 ? -3.151  2.728   -8.321  1.00 35.06  ?  72  LYS A C   1 
ATOM   547 O O   . LYS A 1 70 ? -3.294  1.518   -8.130  1.00 38.52  ?  72  LYS A O   1 
ATOM   548 C CB  . LYS A 1 70 ? -4.802  3.755   -6.766  1.00 40.44  ?  72  LYS A CB  1 
ATOM   549 C CG  . LYS A 1 70 ? -3.718  4.451   -5.907  1.00 44.77  ?  72  LYS A CG  1 
ATOM   550 C CD  . LYS A 1 70 ? -4.043  4.446   -4.406  1.00 56.84  ?  72  LYS A CD  1 
ATOM   551 C CE  . LYS A 1 70 ? -2.887  5.032   -3.563  1.00 60.97  ?  72  LYS A CE  1 
ATOM   552 N NZ  . LYS A 1 70 ? -3.210  5.104   -2.077  1.00 75.53  1  72  LYS A NZ  1 
ATOM   553 N N   . ILE A 1 71 ? -1.997  3.295   -8.658  1.00 37.06  ?  73  ILE A N   1 
ATOM   554 C CA  . ILE A 1 71 ? -0.784  2.539   -8.990  1.00 33.80  ?  73  ILE A CA  1 
ATOM   555 C C   . ILE A 1 71 ? 0.310   3.045   -8.075  1.00 46.60  ?  73  ILE A C   1 
ATOM   556 O O   . ILE A 1 71 ? 0.457   4.259   -7.896  1.00 44.52  ?  73  ILE A O   1 
ATOM   557 C CB  . ILE A 1 71 ? -0.408  2.754   -10.460 1.00 40.08  ?  73  ILE A CB  1 
ATOM   558 C CG1 . ILE A 1 71 ? -1.624  2.420   -11.320 1.00 49.80  ?  73  ILE A CG1 1 
ATOM   559 C CG2 . ILE A 1 71 ? 0.793   1.900   -10.843 1.00 38.36  ?  73  ILE A CG2 1 
ATOM   560 C CD1 . ILE A 1 71 ? -1.545  2.930   -12.713 1.00 48.78  ?  73  ILE A CD1 1 
ATOM   561 N N   . GLY A 1 72 ? 1.035   2.126   -7.459  1.00 40.20  ?  74  GLY A N   1 
ATOM   562 C CA  . GLY A 1 72 ? 2.190   2.465   -6.651  1.00 33.91  ?  74  GLY A CA  1 
ATOM   563 C C   . GLY A 1 72 ? 3.428   2.057   -7.421  1.00 40.15  ?  74  GLY A C   1 
ATOM   564 O O   . GLY A 1 72 ? 3.439   0.997   -8.050  1.00 42.59  ?  74  GLY A O   1 
ATOM   565 N N   . VAL A 1 73 ? 4.435   2.925   -7.410  1.00 41.86  ?  75  VAL A N   1 
ATOM   566 C CA  . VAL A 1 73 ? 5.695   2.708   -8.108  1.00 44.15  ?  75  VAL A CA  1 
ATOM   567 C C   . VAL A 1 73 ? 6.829   2.949   -7.131  1.00 49.44  ?  75  VAL A C   1 
ATOM   568 O O   . VAL A 1 73 ? 6.844   3.958   -6.419  1.00 47.47  ?  75  VAL A O   1 
ATOM   569 C CB  . VAL A 1 73 ? 5.840   3.631   -9.332  1.00 41.60  ?  75  VAL A CB  1 
ATOM   570 C CG1 . VAL A 1 73 ? 7.179   3.395   -10.010 1.00 48.80  ?  75  VAL A CG1 1 
ATOM   571 C CG2 . VAL A 1 73 ? 4.759   3.329   -10.319 1.00 46.54  ?  75  VAL A CG2 1 
ATOM   572 N N   . VAL A 1 74 ? 7.780   2.019   -7.082  1.00 50.39  ?  76  VAL A N   1 
ATOM   573 C CA  . VAL A 1 74 ? 9.032   2.255   -6.385  1.00 44.30  ?  76  VAL A CA  1 
ATOM   574 C C   . VAL A 1 74 ? 10.128  2.024   -7.423  1.00 50.02  ?  76  VAL A C   1 
ATOM   575 O O   . VAL A 1 74 ? 10.408  0.877   -7.775  1.00 50.16  ?  76  VAL A O   1 
ATOM   576 C CB  . VAL A 1 74 ? 9.207   1.348   -5.169  1.00 46.31  ?  76  VAL A CB  1 
ATOM   577 C CG1 . VAL A 1 74 ? 10.592  1.586   -4.565  1.00 48.62  ?  76  VAL A CG1 1 
ATOM   578 C CG2 . VAL A 1 74 ? 8.100   1.600   -4.150  1.00 48.14  ?  76  VAL A CG2 1 
ATOM   579 N N   . GLU A 1 75 ? 10.703  3.117   -7.950  1.00 51.11  ?  77  GLU A N   1 
ATOM   580 C CA  . GLU A 1 75 ? 11.528  3.034   -9.154  1.00 59.50  ?  77  GLU A CA  1 
ATOM   581 C C   . GLU A 1 75 ? 12.790  2.238   -8.899  1.00 62.85  ?  77  GLU A C   1 
ATOM   582 O O   . GLU A 1 75 ? 13.250  1.488   -9.768  1.00 64.88  ?  77  GLU A O   1 
ATOM   583 C CB  . GLU A 1 75 ? 11.901  4.436   -9.639  1.00 71.62  ?  77  GLU A CB  1 
ATOM   584 C CG  . GLU A 1 75 ? 10.727  5.291   -10.083 1.00 88.03  ?  77  GLU A CG  1 
ATOM   585 C CD  . GLU A 1 75 ? 10.259  4.952   -11.488 1.00 104.32 ?  77  GLU A CD  1 
ATOM   586 O OE1 . GLU A 1 75 ? 9.463   5.735   -12.057 1.00 99.68  ?  77  GLU A OE1 1 
ATOM   587 O OE2 . GLU A 1 75 ? 10.695  3.907   -12.023 1.00 117.94 -1 77  GLU A OE2 1 
ATOM   588 N N   . SER A 1 76 ? 13.381  2.419   -7.719  1.00 64.50  ?  78  SER A N   1 
ATOM   589 C CA  . SER A 1 76 ? 14.626  1.743   -7.399  1.00 67.67  ?  78  SER A CA  1 
ATOM   590 C C   . SER A 1 76 ? 14.463  0.232   -7.442  1.00 70.37  ?  78  SER A C   1 
ATOM   591 O O   . SER A 1 76 ? 15.402  -0.480  -7.810  1.00 63.25  ?  78  SER A O   1 
ATOM   592 C CB  . SER A 1 76 ? 15.110  2.174   -6.017  1.00 66.79  ?  78  SER A CB  1 
ATOM   593 O OG  . SER A 1 76 ? 14.345  1.537   -5.010  1.00 65.22  ?  78  SER A OG  1 
ATOM   594 N N   . ALA A 1 77 ? 13.291  -0.274  -7.072  1.00 64.73  ?  79  ALA A N   1 
ATOM   595 C CA  . ALA A 1 77 ? 13.040  -1.705  -7.074  1.00 61.11  ?  79  ALA A CA  1 
ATOM   596 C C   . ALA A 1 77 ? 12.375  -2.177  -8.357  1.00 58.95  ?  79  ALA A C   1 
ATOM   597 O O   . ALA A 1 77 ? 12.052  -3.366  -8.473  1.00 57.33  ?  79  ALA A O   1 
ATOM   598 C CB  . ALA A 1 77 ? 12.190  -2.088  -5.865  1.00 61.05  ?  79  ALA A CB  1 
ATOM   599 N N   . GLY A 1 78 ? 12.174  -1.281  -9.326  1.00 56.72  ?  80  GLY A N   1 
ATOM   600 C CA  . GLY A 1 78 ? 11.414  -1.609  -10.525 1.00 55.54  ?  80  GLY A CA  1 
ATOM   601 C C   . GLY A 1 78 ? 10.004  -2.075  -10.253 1.00 59.37  ?  80  GLY A C   1 
ATOM   602 O O   . GLY A 1 78 ? 9.386   -2.729  -11.096 1.00 62.20  ?  80  GLY A O   1 
ATOM   603 N N   . TRP A 1 79 ? 9.465   -1.752  -9.094  1.00 51.97  ?  81  TRP A N   1 
ATOM   604 C CA  . TRP A 1 79 ? 8.169   -2.275  -8.712  1.00 46.44  ?  81  TRP A CA  1 
ATOM   605 C C   . TRP A 1 79 ? 7.061   -1.356  -9.216  1.00 46.64  ?  81  TRP A C   1 
ATOM   606 O O   . TRP A 1 79 ? 7.121   -0.137  -9.008  1.00 41.61  ?  81  TRP A O   1 
ATOM   607 C CB  . TRP A 1 79 ? 8.082   -2.424  -7.197  1.00 49.52  ?  81  TRP A CB  1 
ATOM   608 C CG  . TRP A 1 79 ? 6.737   -2.944  -6.771  1.00 53.07  ?  81  TRP A CG  1 
ATOM   609 C CD1 . TRP A 1 79 ? 6.322   -4.259  -6.767  1.00 60.71  ?  81  TRP A CD1 1 
ATOM   610 C CD2 . TRP A 1 79 ? 5.653   -2.179  -6.290  1.00 60.09  ?  81  TRP A CD2 1 
ATOM   611 N NE1 . TRP A 1 79 ? 5.041   -4.342  -6.307  1.00 70.06  ?  81  TRP A NE1 1 
ATOM   612 C CE2 . TRP A 1 79 ? 4.602   -3.076  -6.014  1.00 61.13  ?  81  TRP A CE2 1 
ATOM   613 C CE3 . TRP A 1 79 ? 5.465   -0.823  -6.058  1.00 61.50  ?  81  TRP A CE3 1 
ATOM   614 C CZ2 . TRP A 1 79 ? 3.396   -2.661  -5.513  1.00 66.25  ?  81  TRP A CZ2 1 
ATOM   615 C CZ3 . TRP A 1 79 ? 4.255   -0.410  -5.561  1.00 71.92  ?  81  TRP A CZ3 1 
ATOM   616 C CH2 . TRP A 1 79 ? 3.231   -1.319  -5.300  1.00 69.59  ?  81  TRP A CH2 1 
ATOM   617 N N   . THR A 1 80 ? 6.067   -1.934  -9.896  1.00 41.12  ?  82  THR A N   1 
ATOM   618 C CA  . THR A 1 80 ? 4.830   -1.191  -10.235 1.00 39.62  ?  82  THR A CA  1 
ATOM   619 C C   . THR A 1 80 ? 3.667   -2.076  -9.820  1.00 46.31  ?  82  THR A C   1 
ATOM   620 O O   . THR A 1 80 ? 3.600   -3.234  -10.240 1.00 43.78  ?  82  THR A O   1 
ATOM   621 C CB  . THR A 1 80 ? 4.795   -0.902  -11.738 1.00 45.55  ?  82  THR A CB  1 
ATOM   622 O OG1 . THR A 1 80 ? 5.897   -0.054  -12.084 1.00 46.60  ?  82  THR A OG1 1 
ATOM   623 C CG2 . THR A 1 80 ? 3.499   -0.258  -12.192 1.00 46.23  ?  82  THR A CG2 1 
ATOM   624 N N   . GLY A 1 81 ? 2.777   -1.589  -8.964  1.00 44.49  ?  83  GLY A N   1 
ATOM   625 C CA  . GLY A 1 81 ? 1.714   -2.425  -8.444  1.00 36.95  ?  83  GLY A CA  1 
ATOM   626 C C   . GLY A 1 81 ? 0.389   -1.696  -8.535  1.00 36.29  ?  83  GLY A C   1 
ATOM   627 O O   . GLY A 1 81 ? 0.333   -0.483  -8.370  1.00 39.10  ?  83  GLY A O   1 
ATOM   628 N N   . VAL A 1 82 ? -0.662  -2.434  -8.859  1.00 38.02  ?  84  VAL A N   1 
ATOM   629 C CA  . VAL A 1 82 ? -1.998  -1.820  -8.886  1.00 40.52  ?  84  VAL A CA  1 
ATOM   630 C C   . VAL A 1 82 ? -2.596  -1.990  -7.509  1.00 45.89  ?  84  VAL A C   1 
ATOM   631 O O   . VAL A 1 82 ? -2.691  -3.113  -7.009  1.00 51.90  ?  84  VAL A O   1 
ATOM   632 C CB  . VAL A 1 82 ? -2.893  -2.461  -9.949  1.00 41.37  ?  84  VAL A CB  1 
ATOM   633 C CG1 . VAL A 1 82 ? -4.326  -1.909  -9.836  1.00 48.57  ?  84  VAL A CG1 1 
ATOM   634 C CG2 . VAL A 1 82 ? -2.341  -2.126  -11.293 1.00 40.15  ?  84  VAL A CG2 1 
ATOM   635 N N   . GLU A 1 83 ? -2.980  -0.885  -6.872  1.00 40.51  ?  85  GLU A N   1 
ATOM   636 C CA  . GLU A 1 83 ? -3.610  -1.006  -5.571  1.00 44.14  ?  85  GLU A CA  1 
ATOM   637 C C   . GLU A 1 83 ? -5.117  -0.939  -5.659  1.00 44.82  ?  85  GLU A C   1 
ATOM   638 O O   . GLU A 1 83 ? -5.807  -1.572  -4.854  1.00 50.01  ?  85  GLU A O   1 
ATOM   639 C CB  . GLU A 1 83 ? -3.081  0.075   -4.634  1.00 58.80  ?  85  GLU A CB  1 
ATOM   640 C CG  . GLU A 1 83 ? -1.578  0.266   -4.803  1.00 79.20  ?  85  GLU A CG  1 
ATOM   641 C CD  . GLU A 1 83 ? -0.907  0.881   -3.584  1.00 100.50 ?  85  GLU A CD  1 
ATOM   642 O OE1 . GLU A 1 83 ? -1.584  1.663   -2.869  1.00 106.20 ?  85  GLU A OE1 1 
ATOM   643 O OE2 . GLU A 1 83 ? 0.292   0.578   -3.354  1.00 105.63 -1 85  GLU A OE2 1 
ATOM   644 N N   . GLU A 1 84 ? -5.626  -0.239  -6.662  1.00 44.22  ?  86  GLU A N   1 
ATOM   645 C CA  . GLU A 1 84 ? -7.053  -0.201  -6.906  1.00 46.50  ?  86  GLU A CA  1 
ATOM   646 C C   . GLU A 1 84 ? -7.288  -0.163  -8.408  1.00 41.01  ?  86  GLU A C   1 
ATOM   647 O O   . GLU A 1 84 ? -6.517  0.456   -9.140  1.00 42.29  ?  86  GLU A O   1 
ATOM   648 C CB  . GLU A 1 84 ? -7.687  1.035   -6.197  1.00 55.76  ?  86  GLU A CB  1 
ATOM   649 C CG  . GLU A 1 84 ? -9.194  0.960   -6.087  1.00 89.40  ?  86  GLU A CG  1 
ATOM   650 C CD  . GLU A 1 84 ? -9.627  -0.401  -5.556  1.00 112.67 ?  86  GLU A CD  1 
ATOM   651 O OE1 . GLU A 1 84 ? -9.959  -0.504  -4.348  1.00 120.62 ?  86  GLU A OE1 1 
ATOM   652 O OE2 . GLU A 1 84 ? -9.616  -1.368  -6.360  1.00 120.47 -1 86  GLU A OE2 1 
ATOM   653 N N   . PHE A 1 85 ? -8.348  -0.835  -8.868  1.00 41.56  ?  87  PHE A N   1 
ATOM   654 C CA  . PHE A 1 85 ? -8.760  -0.735  -10.275 1.00 38.29  ?  87  PHE A CA  1 
ATOM   655 C C   . PHE A 1 85 ? -10.269 -0.947  -10.292 1.00 42.36  ?  87  PHE A C   1 
ATOM   656 O O   . PHE A 1 85 ? -10.743 -2.081  -10.137 1.00 47.89  ?  87  PHE A O   1 
ATOM   657 C CB  . PHE A 1 85 ? -8.025  -1.771  -11.136 1.00 42.09  ?  87  PHE A CB  1 
ATOM   658 C CG  . PHE A 1 85 ? -8.191  -1.549  -12.623 1.00 41.31  ?  87  PHE A CG  1 
ATOM   659 C CD1 . PHE A 1 85 ? -7.190  -0.924  -13.356 1.00 43.24  ?  87  PHE A CD1 1 
ATOM   660 C CD2 . PHE A 1 85 ? -9.346  -1.972  -13.281 1.00 43.67  ?  87  PHE A CD2 1 
ATOM   661 C CE1 . PHE A 1 85 ? -7.335  -0.701  -14.727 1.00 44.45  ?  87  PHE A CE1 1 
ATOM   662 C CE2 . PHE A 1 85 ? -9.513  -1.769  -14.658 1.00 43.50  ?  87  PHE A CE2 1 
ATOM   663 C CZ  . PHE A 1 85 ? -8.489  -1.126  -15.385 1.00 46.68  ?  87  PHE A CZ  1 
ATOM   664 N N   . LYS A 1 86 ? -11.015 0.158   -10.402 1.00 41.91  ?  88  LYS A N   1 
ATOM   665 C CA  . LYS A 1 86 ? -12.461 0.142   -10.274 1.00 43.52  ?  88  LYS A CA  1 
ATOM   666 C C   . LYS A 1 86 ? -13.138 0.650   -11.538 1.00 50.36  ?  88  LYS A C   1 
ATOM   667 O O   . LYS A 1 86 ? -12.689 1.620   -12.162 1.00 47.32  ?  88  LYS A O   1 
ATOM   668 C CB  . LYS A 1 86 ? -12.934 1.021   -9.103  1.00 61.07  ?  88  LYS A CB  1 
ATOM   669 C CG  . LYS A 1 86 ? -12.505 0.529   -7.743  1.00 85.70  ?  88  LYS A CG  1 
ATOM   670 C CD  . LYS A 1 86 ? -12.797 -0.993  -7.658  1.00 104.84 ?  88  LYS A CD  1 
ATOM   671 C CE  . LYS A 1 86 ? -12.608 -1.609  -6.254  1.00 107.66 ?  88  LYS A CE  1 
ATOM   672 N NZ  . LYS A 1 86 ? -13.349 -2.892  -6.028  1.00 107.93 1  88  LYS A NZ  1 
ATOM   673 N N   . LEU A 1 87 ? -14.258 0.010   -11.872 1.00 47.23  ?  89  LEU A N   1 
ATOM   674 C CA  . LEU A 1 87 ? -15.139 0.513   -12.908 1.00 43.95  ?  89  LEU A CA  1 
ATOM   675 C C   . LEU A 1 87 ? -15.933 1.669   -12.331 1.00 49.86  ?  89  LEU A C   1 
ATOM   676 O O   . LEU A 1 87 ? -16.458 1.581   -11.215 1.00 52.36  ?  89  LEU A O   1 
ATOM   677 C CB  . LEU A 1 87 ? -16.077 -0.599  -13.372 1.00 47.46  ?  89  LEU A CB  1 
ATOM   678 C CG  . LEU A 1 87 ? -17.214 -0.266  -14.312 1.00 54.14  ?  89  LEU A CG  1 
ATOM   679 C CD1 . LEU A 1 87 ? -16.690 0.343   -15.579 1.00 49.65  ?  89  LEU A CD1 1 
ATOM   680 C CD2 . LEU A 1 87 ? -17.958 -1.551  -14.597 1.00 58.58  ?  89  LEU A CD2 1 
ATOM   681 N N   . VAL A 1 88 ? -16.010 2.759   -13.090 1.00 43.33  ?  90  VAL A N   1 
ATOM   682 C CA  . VAL A 1 88 ? -16.612 3.999   -12.618 1.00 45.83  ?  90  VAL A CA  1 
ATOM   683 C C   . VAL A 1 88 ? -17.896 4.333   -13.362 1.00 47.86  ?  90  VAL A C   1 
ATOM   684 O O   . VAL A 1 88 ? -18.833 4.861   -12.761 1.00 48.70  ?  90  VAL A O   1 
ATOM   685 C CB  . VAL A 1 88 ? -15.588 5.140   -12.763 1.00 48.41  ?  90  VAL A CB  1 
ATOM   686 C CG1 . VAL A 1 88 ? -16.286 6.507   -12.701 1.00 56.61  ?  90  VAL A CG1 1 
ATOM   687 C CG2 . VAL A 1 88 ? -14.618 4.977   -11.681 1.00 59.95  ?  90  VAL A CG2 1 
ATOM   688 N N   . GLY A 1 89 ? -17.947 4.084   -14.670 1.00 49.78  ?  91  GLY A N   1 
ATOM   689 C CA  . GLY A 1 89 ? -19.107 4.504   -15.434 1.00 50.25  ?  91  GLY A CA  1 
ATOM   690 C C   . GLY A 1 89 ? -19.041 4.107   -16.890 1.00 49.72  ?  91  GLY A C   1 
ATOM   691 O O   . GLY A 1 89 ? -17.955 3.981   -17.462 1.00 54.82  ?  91  GLY A O   1 
ATOM   692 N N   . SER A 1 90 ? -20.202 3.916   -17.499 1.00 49.58  ?  92  SER A N   1 
ATOM   693 C CA  . SER A 1 90 ? -20.268 3.501   -18.887 1.00 46.41  ?  92  SER A CA  1 
ATOM   694 C C   . SER A 1 90 ? -20.149 4.674   -19.846 1.00 51.69  ?  92  SER A C   1 
ATOM   695 O O   . SER A 1 90 ? -20.758 5.739   -19.649 1.00 47.91  ?  92  SER A O   1 
ATOM   696 C CB  . SER A 1 90 ? -21.571 2.755   -19.138 1.00 50.30  ?  92  SER A CB  1 
ATOM   697 O OG  . SER A 1 90 ? -21.836 2.692   -20.528 1.00 54.43  ?  92  SER A OG  1 
ATOM   698 N N   . LEU A 1 91 ? -19.428 4.447   -20.941 1.00 43.39  ?  93  LEU A N   1 
ATOM   699 C CA  . LEU A 1 91 ? -19.290 5.436   -22.006 1.00 46.07  ?  93  LEU A CA  1 
ATOM   700 C C   . LEU A 1 91 ? -20.113 5.094   -23.240 1.00 54.16  ?  93  LEU A C   1 
ATOM   701 O O   . LEU A 1 91 ? -19.868 5.654   -24.309 1.00 65.83  ?  93  LEU A O   1 
ATOM   702 C CB  . LEU A 1 91 ? -17.821 5.597   -22.407 1.00 45.81  ?  93  LEU A CB  1 
ATOM   703 C CG  . LEU A 1 91 ? -16.987 6.325   -21.357 1.00 42.02  ?  93  LEU A CG  1 
ATOM   704 C CD1 . LEU A 1 91 ? -15.556 6.389   -21.871 1.00 42.90  ?  93  LEU A CD1 1 
ATOM   705 C CD2 . LEU A 1 91 ? -17.500 7.718   -21.130 1.00 45.99  ?  93  LEU A CD2 1 
ATOM   706 N N   . GLU A 1 92 ? -21.083 4.205   -23.136 1.00 56.87  ?  94  GLU A N   1 
ATOM   707 C CA  . GLU A 1 92 ? -21.954 3.942   -24.270 1.00 67.82  ?  94  GLU A CA  1 
ATOM   708 C C   . GLU A 1 92 ? -23.237 4.759   -24.143 1.00 76.36  ?  94  GLU A C   1 
ATOM   709 O O   . GLU A 1 92 ? -23.836 4.805   -23.065 1.00 80.76  ?  94  GLU A O   1 
ATOM   710 C CB  . GLU A 1 92 ? -22.261 2.453   -24.378 1.00 75.39  ?  94  GLU A CB  1 
ATOM   711 C CG  . GLU A 1 92 ? -21.005 1.614   -24.564 1.00 82.93  ?  94  GLU A CG  1 
ATOM   712 C CD  . GLU A 1 92 ? -20.445 1.748   -25.977 1.00 92.92  ?  94  GLU A CD  1 
ATOM   713 O OE1 . GLU A 1 92 ? -21.260 1.956   -26.905 1.00 100.05 ?  94  GLU A OE1 1 
ATOM   714 O OE2 . GLU A 1 92 ? -19.201 1.686   -26.144 1.00 89.50  ?  94  GLU A OE2 1 
ATOM   715 N N   . HIS A 1 93 ? -23.651 5.406   -25.232 1.00 86.30  ?  95  HIS A N   1 
ATOM   716 C CA  . HIS A 1 93 ? -24.894 6.188   -25.237 1.00 85.94  ?  95  HIS A CA  1 
ATOM   717 C C   . HIS A 1 93 ? -26.094 5.269   -25.080 1.00 86.21  ?  95  HIS A C   1 
ATOM   718 O O   . HIS A 1 93 ? -27.173 5.709   -24.675 1.00 93.63  ?  95  HIS A O   1 
ATOM   719 C CB  . HIS A 1 93 ? -25.036 7.010   -26.523 1.00 98.90  ?  95  HIS A CB  1 
ATOM   720 C CG  . HIS A 1 93 ? -23.751 7.601   -27.013 1.00 107.92 ?  95  HIS A CG  1 
ATOM   721 N ND1 . HIS A 1 93 ? -22.869 6.899   -27.807 1.00 112.95 ?  95  HIS A ND1 1 
ATOM   722 C CD2 . HIS A 1 93 ? -23.209 8.830   -26.842 1.00 110.91 ?  95  HIS A CD2 1 
ATOM   723 C CE1 . HIS A 1 93 ? -21.829 7.665   -28.091 1.00 111.36 ?  95  HIS A CE1 1 
ATOM   724 N NE2 . HIS A 1 93 ? -22.011 8.842   -27.518 1.00 111.87 ?  95  HIS A NE2 1 
HETATM 725 O O   . HOH B 2 .  ? 7.444   7.178   -10.439 1.00 57.29  ?  201 HOH A O   1 
HETATM 726 O O   . HOH B 2 .  ? -23.157 6.628   -19.712 1.00 38.55  ?  202 HOH A O   1 
HETATM 727 O O   . HOH B 2 .  ? 4.428   9.683   -2.836  1.00 51.15  ?  203 HOH A O   1 
HETATM 728 O O   . HOH B 2 .  ? -15.180 -1.656  -20.644 1.00 56.70  ?  204 HOH A O   1 
HETATM 729 O O   . HOH B 2 .  ? 0.634   5.410   14.392  1.00 50.14  ?  205 HOH A O   1 
HETATM 730 O O   . HOH B 2 .  ? 13.108  4.673   -6.255  1.00 63.03  ?  206 HOH A O   1 
HETATM 731 O O   . HOH B 2 .  ? 10.215  5.601   -6.905  1.00 61.45  ?  207 HOH A O   1 
HETATM 732 O O   . HOH B 2 .  ? -0.024  -3.879  21.792  1.00 45.84  ?  208 HOH A O   1 
HETATM 733 O O   . HOH B 2 .  ? -7.460  -2.818  17.915  1.00 50.77  ?  209 HOH A O   1 
HETATM 734 O O   . HOH B 2 .  ? -1.120  -2.115  19.937  1.00 41.81  ?  210 HOH A O   1 
HETATM 735 O O   . HOH B 2 .  ? -29.361 6.913   -23.341 1.00 66.81  ?  211 HOH A O   1 
HETATM 736 O O   . HOH B 2 .  ? -17.857 -2.324  -20.248 1.00 61.69  ?  212 HOH A O   1 
HETATM 737 O O   . HOH B 2 .  ? 5.594   6.531   14.622  1.00 59.13  ?  213 HOH A O   1 
HETATM 738 O O   . HOH B 2 .  ? -9.688  -4.499  18.674  1.00 61.63  ?  214 HOH A O   1 
# 
loop_
_atom_site_anisotrop.id 
_atom_site_anisotrop.type_symbol 
_atom_site_anisotrop.pdbx_label_atom_id 
_atom_site_anisotrop.pdbx_label_alt_id 
_atom_site_anisotrop.pdbx_label_comp_id 
_atom_site_anisotrop.pdbx_label_asym_id 
_atom_site_anisotrop.pdbx_label_seq_id 
_atom_site_anisotrop.pdbx_PDB_ins_code 
_atom_site_anisotrop.U[1][1] 
_atom_site_anisotrop.U[2][2] 
_atom_site_anisotrop.U[3][3] 
_atom_site_anisotrop.U[1][2] 
_atom_site_anisotrop.U[1][3] 
_atom_site_anisotrop.U[2][3] 
_atom_site_anisotrop.pdbx_auth_seq_id 
_atom_site_anisotrop.pdbx_auth_comp_id 
_atom_site_anisotrop.pdbx_auth_asym_id 
_atom_site_anisotrop.pdbx_auth_atom_id 
1   N N   . GLY A 2  ? 0.7410 1.6425 1.2464 0.0674  0.0979  0.1957  4  GLY A N   
2   C CA  . GLY A 2  ? 0.6872 1.5521 1.2437 0.0592  0.0740  0.2079  4  GLY A CA  
3   C C   . GLY A 2  ? 0.6319 1.4547 1.1838 0.0611  0.0582  0.1807  4  GLY A C   
4   O O   . GLY A 2  ? 0.6221 1.4091 1.2009 0.0453  0.0347  0.1878  4  GLY A O   
5   N N   . ILE A 3  ? 0.6010 1.4276 1.1191 0.0808  0.0734  0.1485  5  ILE A N   
6   C CA  . ILE A 3  ? 0.5747 1.3229 1.0642 0.0852  0.0578  0.1183  5  ILE A CA  
7   C C   . ILE A 3  ? 0.5222 1.2690 1.0588 0.0897  0.0380  0.1330  5  ILE A C   
8   O O   . ILE A 3  ? 0.5165 1.3133 1.0895 0.1070  0.0509  0.1456  5  ILE A O   
9   C CB  . ILE A 3  ? 0.6241 1.3472 1.0600 0.1046  0.0819  0.0763  5  ILE A CB  
10  C CG1 . ILE A 3  ? 0.6998 1.4331 1.0883 0.0947  0.0968  0.0593  5  ILE A CG1 
11  C CG2 . ILE A 3  ? 0.6400 1.2781 1.0501 0.1110  0.0672  0.0525  5  ILE A CG2 
12  C CD1 . ILE A 3  ? 0.6774 1.3723 1.0125 0.1062  0.1182  0.0094  5  ILE A CD1 
13  N N   . VAL A 4  ? 0.4735 1.1674 1.0108 0.0732  0.0071  0.1326  6  VAL A N   
14  C CA  . VAL A 4  ? 0.4571 1.1559 1.0345 0.0714  -0.0190 0.1458  6  VAL A CA  
15  C C   . VAL A 4  ? 0.4890 1.1145 1.0178 0.0753  -0.0368 0.1205  6  VAL A C   
16  O O   . VAL A 4  ? 0.4678 1.0290 0.9443 0.0668  -0.0379 0.0980  6  VAL A O   
17  C CB  . VAL A 4  ? 0.5172 1.2380 1.1517 0.0412  -0.0420 0.1723  6  VAL A CB  
18  C CG1 . VAL A 4  ? 0.5682 1.3488 1.2421 0.0395  -0.0198 0.1998  6  VAL A CG1 
19  C CG2 . VAL A 4  ? 0.4751 1.1265 1.0781 0.0152  -0.0555 0.1568  6  VAL A CG2 
20  N N   . ASN A 5  ? 0.5238 1.1644 1.0737 0.0902  -0.0488 0.1290  7  ASN A N   
21  C CA  . ASN A 5  ? 0.5639 1.1480 1.0728 0.0954  -0.0674 0.1144  7  ASN A CA  
22  C C   . ASN A 5  ? 0.6336 1.1878 1.1327 0.0610  -0.1047 0.1124  7  ASN A C   
23  O O   . ASN A 5  ? 0.6625 1.2600 1.2134 0.0386  -0.1261 0.1312  7  ASN A O   
24  C CB  . ASN A 5  ? 0.6172 1.2391 1.1619 0.1216  -0.0697 0.1344  7  ASN A CB  
25  C CG  . ASN A 5  ? 0.8072 1.3742 1.3064 0.1416  -0.0691 0.1213  7  ASN A CG  
26  O OD1 . ASN A 5  ? 0.8910 1.4107 1.3465 0.1263  -0.0952 0.1113  7  ASN A OD1 
27  N ND2 . ASN A 5  ? 0.8735 1.4440 1.3837 0.1765  -0.0350 0.1207  7  ASN A ND2 
28  N N   . VAL A 6  ? 0.6569 1.1351 1.0916 0.0549  -0.1093 0.0871  8  VAL A N   
29  C CA  . VAL A 6  ? 0.6734 1.1139 1.0887 0.0219  -0.1394 0.0774  8  VAL A CA  
30  C C   . VAL A 6  ? 0.7269 1.1812 1.1345 0.0258  -0.1705 0.0846  8  VAL A C   
31  O O   . VAL A 6  ? 0.7560 1.1863 1.1264 0.0528  -0.1643 0.0820  8  VAL A O   
32  C CB  . VAL A 6  ? 0.6262 0.9806 0.9773 0.0143  -0.1272 0.0497  8  VAL A CB  
33  C CG1 . VAL A 6  ? 0.6279 0.9367 0.9481 -0.0158 -0.1545 0.0342  8  VAL A CG1 
34  C CG2 . VAL A 6  ? 0.6477 1.0037 1.0184 0.0054  -0.1025 0.0520  8  VAL A CG2 
35  N N   . PRO A 7  ? 0.7598 1.2576 1.2062 -0.0013 -0.2043 0.0965  9  PRO A N   
36  C CA  . PRO A 7  ? 0.7616 1.3030 1.2163 0.0054  -0.2358 0.1149  9  PRO A CA  
37  C C   . PRO A 7  ? 0.8130 1.3010 1.1896 -0.0017 -0.2567 0.0959  9  PRO A C   
38  O O   . PRO A 7  ? 0.8722 1.3743 1.2320 0.0251  -0.2630 0.1126  9  PRO A O   
39  C CB  . PRO A 7  ? 0.7093 1.3185 1.2346 -0.0278 -0.2661 0.1309  9  PRO A CB  
40  C CG  . PRO A 7  ? 0.6694 1.2369 1.1971 -0.0620 -0.2561 0.1082  9  PRO A CG  
41  C CD  . PRO A 7  ? 0.7016 1.2155 1.1940 -0.0396 -0.2137 0.0964  9  PRO A CD  
42  N N   . ASN A 8  ? 0.7923 1.2192 1.1225 -0.0354 -0.2637 0.0638  10 ASN A N   
43  C CA  . ASN A 8  ? 0.8539 1.2193 1.0983 -0.0398 -0.2741 0.0417  10 ASN A CA  
44  C C   . ASN A 8  ? 0.9263 1.2012 1.1235 -0.0348 -0.2371 0.0149  10 ASN A C   
45  O O   . ASN A 8  ? 0.9259 1.1676 1.1328 -0.0621 -0.2266 -0.0031 10 ASN A O   
46  C CB  . ASN A 8  ? 1.0016 1.3732 1.2252 -0.0867 -0.3147 0.0232  10 ASN A CB  
47  C CG  . ASN A 8  ? 1.1840 1.4818 1.3095 -0.0944 -0.3170 -0.0059 10 ASN A CG  
48  O OD1 . ASN A 8  ? 1.3562 1.6139 1.4490 -0.1354 -0.3268 -0.0400 10 ASN A OD1 
49  N ND2 . ASN A 8  ? 1.1610 1.4362 1.2415 -0.0544 -0.3025 0.0065  10 ASN A ND2 
50  N N   . CYS A 9  ? 0.8826 1.1188 1.0361 0.0000  -0.2161 0.0154  11 CYS A N   
51  C CA  . CYS A 9  ? 0.7962 0.9583 0.9173 0.0101  -0.1794 -0.0039 11 CYS A CA  
52  C C   . CYS A 9  ? 0.7677 0.8497 0.8090 0.0031  -0.1779 -0.0269 11 CYS A C   
53  O O   . CYS A 9  ? 0.8259 0.8445 0.8402 0.0137  -0.1475 -0.0401 11 CYS A O   
54  C CB  . CYS A 9  ? 0.8377 1.0089 0.9747 0.0521  -0.1499 0.0085  11 CYS A CB  
55  S SG  . CYS A 9  ? 1.0300 1.2170 1.1510 0.0903  -0.1546 0.0305  11 CYS A SG  
56  N N   . ASN A 10 ? 0.7966 0.8837 0.7989 -0.0158 -0.2095 -0.0321 12 ASN A N   
57  C CA  . ASN A 10 ? 0.8884 0.9009 0.8076 -0.0243 -0.2059 -0.0558 12 ASN A CA  
58  C C   . ASN A 10 ? 0.9415 0.9223 0.8403 -0.0736 -0.2176 -0.0884 12 ASN A C   
59  O O   . ASN A 10 ? 1.0267 0.9662 0.8531 -0.0901 -0.2259 -0.1106 12 ASN A O   
60  C CB  . ASN A 10 ? 0.9443 0.9809 0.8181 -0.0038 -0.2265 -0.0375 12 ASN A CB  
61  C CG  . ASN A 10 ? 0.9232 0.9377 0.7944 0.0451  -0.1954 -0.0182 12 ASN A CG  
62  O OD1 . ASN A 10 ? 0.9045 0.8457 0.7513 0.0554  -0.1612 -0.0340 12 ASN A OD1 
63  N ND2 . ASN A 10 ? 0.8191 0.8967 0.7258 0.0748  -0.2037 0.0171  12 ASN A ND2 
64  N N   . THR A 11 ? 0.8381 0.8356 0.8013 -0.0973 -0.2137 -0.0922 13 THR A N   
65  C CA  . THR A 11 ? 0.9253 0.8730 0.8821 -0.1408 -0.2085 -0.1249 13 THR A CA  
66  C C   . THR A 11 ? 0.9709 0.8247 0.8974 -0.1324 -0.1645 -0.1398 13 THR A C   
67  O O   . THR A 11 ? 0.9214 0.7594 0.8450 -0.0963 -0.1408 -0.1236 13 THR A O   
68  C CB  . THR A 11 ? 0.9699 0.9651 1.0181 -0.1651 -0.2122 -0.1166 13 THR A CB  
69  O OG1 . THR A 11 ? 1.0587 1.0312 1.1501 -0.1500 -0.1740 -0.1037 13 THR A OG1 
70  C CG2 . THR A 11 ? 0.8891 0.9851 0.9891 -0.1517 -0.2416 -0.0845 13 THR A CG2 
71  N N   . THR A 12 ? 1.0051 0.7968 0.9153 -0.1679 -0.1515 -0.1715 14 THR A N   
72  C CA  . THR A 12 ? 1.0137 0.7154 0.9014 -0.1612 -0.1074 -0.1827 14 THR A CA  
73  C C   . THR A 12 ? 0.9121 0.6261 0.8698 -0.1392 -0.0794 -0.1529 14 THR A C   
74  O O   . THR A 12 ? 0.9880 0.6593 0.9277 -0.1140 -0.0514 -0.1458 14 THR A O   
75  C CB  . THR A 12 ? 1.0751 0.7113 0.9538 -0.2048 -0.0913 -0.2202 14 THR A CB  
76  O OG1 . THR A 12 ? 1.1622 0.7787 0.9535 -0.2242 -0.1130 -0.2536 14 THR A OG1 
77  C CG2 . THR A 12 ? 1.0798 0.6298 0.9564 -0.1946 -0.0407 -0.2224 14 THR A CG2 
78  N N   . LYS A 13 ? 0.8083 0.5863 0.8462 -0.1489 -0.0871 -0.1336 15 LYS A N   
79  C CA  . LYS A 13 ? 0.7966 0.5947 0.8965 -0.1320 -0.0610 -0.1042 15 LYS A CA  
80  C C   . LYS A 13 ? 0.7814 0.6041 0.8607 -0.0910 -0.0582 -0.0873 15 LYS A C   
81  O O   . LYS A 13 ? 0.7397 0.5360 0.8212 -0.0747 -0.0310 -0.0786 15 LYS A O   
82  C CB  . LYS A 13 ? 0.8028 0.6744 0.9892 -0.1478 -0.0705 -0.0828 15 LYS A CB  
83  C CG  . LYS A 13 ? 0.7868 0.7017 1.0324 -0.1285 -0.0481 -0.0467 15 LYS A CG  
84  C CD  . LYS A 13 ? 0.8500 0.8521 1.1725 -0.1372 -0.0615 -0.0217 15 LYS A CD  
85  C CE  . LYS A 13 ? 0.8348 0.9028 1.1926 -0.1106 -0.0480 0.0127  15 LYS A CE  
86  N NZ  . LYS A 13 ? 0.8012 0.9164 1.2452 -0.1237 -0.0327 0.0463  15 LYS A NZ  
87  N N   . TYR A 14 ? 0.7709 0.6449 0.8355 -0.0746 -0.0846 -0.0822 16 TYR A N   
88  C CA  . TYR A 14 ? 0.6401 0.5333 0.6954 -0.0370 -0.0755 -0.0696 16 TYR A CA  
89  C C   . TYR A 14 ? 0.6494 0.4758 0.6346 -0.0180 -0.0651 -0.0834 16 TYR A C   
90  O O   . TYR A 14 ? 0.6657 0.4801 0.6460 0.0081  -0.0450 -0.0790 16 TYR A O   
91  C CB  . TYR A 14 ? 0.6354 0.6109 0.7193 -0.0225 -0.0981 -0.0529 16 TYR A CB  
92  C CG  . TYR A 14 ? 0.6190 0.6615 0.7744 -0.0407 -0.1068 -0.0366 16 TYR A CG  
93  C CD1 . TYR A 14 ? 0.5583 0.6376 0.7608 -0.0329 -0.0861 -0.0195 16 TYR A CD1 
94  C CD2 . TYR A 14 ? 0.7131 0.7863 0.8898 -0.0672 -0.1356 -0.0374 16 TYR A CD2 
95  C CE1 . TYR A 14 ? 0.5719 0.7137 0.8412 -0.0475 -0.0902 0.0004  16 TYR A CE1 
96  C CE2 . TYR A 14 ? 0.7407 0.8738 0.9912 -0.0838 -0.1407 -0.0201 16 TYR A CE2 
97  C CZ  . TYR A 14 ? 0.6935 0.8597 0.9908 -0.0719 -0.1162 0.0009  16 TYR A CZ  
98  O OH  . TYR A 14 ? 0.7324 0.9612 1.1052 -0.0859 -0.1179 0.0236  16 TYR A OH  
99  N N   . GLN A 15 ? 0.6337 0.6482 0.5904 -0.0333 -0.1146 -0.2053 17 GLN A N   
100 C CA  . GLN A 15 ? 0.6391 0.6216 0.5695 -0.0018 -0.0873 -0.2135 17 GLN A CA  
101 C C   . GLN A 15 ? 0.7197 0.6483 0.6653 0.0142  -0.0613 -0.2210 17 GLN A C   
102 O O   . GLN A 15 ? 0.6837 0.6146 0.6486 0.0403  -0.0360 -0.2134 17 GLN A O   
103 C CB  . GLN A 15 ? 0.7583 0.7133 0.6165 -0.0095 -0.0962 -0.2289 17 GLN A CB  
104 C CG  . GLN A 15 ? 0.9010 0.9223 0.7536 -0.0240 -0.1248 -0.2125 17 GLN A CG  
105 C CD  . GLN A 15 ? 1.1017 1.1178 0.8953 -0.0147 -0.1233 -0.2144 17 GLN A CD  
106 O OE1 . GLN A 15 ? 1.1710 1.1240 0.9052 -0.0099 -0.1073 -0.2367 17 GLN A OE1 
107 N NE2 . GLN A 15 ? 1.1236 1.2080 0.9324 -0.0094 -0.1380 -0.1887 17 GLN A NE2 
108 N N   . GLN A 16 ? 0.7336 0.6157 0.6771 -0.0025 -0.0690 -0.2315 18 GLN A N   
109 C CA  . GLN A 16 ? 0.7674 0.6047 0.7370 0.0157  -0.0456 -0.2324 18 GLN A CA  
110 C C   . GLN A 16 ? 0.6661 0.5493 0.7027 0.0218  -0.0404 -0.2073 18 GLN A C   
111 O O   . GLN A 16 ? 0.6422 0.5224 0.7053 0.0453  -0.0164 -0.1987 18 GLN A O   
112 C CB  . GLN A 16 ? 0.8648 0.6383 0.8232 -0.0037 -0.0592 -0.2445 18 GLN A CB  
113 C CG  . GLN A 16 ? 1.0470 0.7744 1.0390 0.0212  -0.0344 -0.2415 18 GLN A CG  
114 C CD  . GLN A 16 ? 1.1775 0.8775 1.1428 0.0597  0.0043  -0.2553 18 GLN A CD  
115 O OE1 . GLN A 16 ? 1.1433 0.8790 1.1523 0.0840  0.0279  -0.2365 18 GLN A OE1 
116 N NE2 . GLN A 16 ? 1.1977 0.8369 1.0870 0.0619  0.0103  -0.2875 18 GLN A NE2 
117 N N   . LEU A 17 ? 0.6532 0.5837 0.7157 -0.0014 -0.0630 -0.1939 19 LEU A N   
118 C CA  . LEU A 17 ? 0.5590 0.5312 0.6688 0.0007  -0.0597 -0.1744 19 LEU A CA  
119 C C   . LEU A 17 ? 0.5651 0.5572 0.6762 0.0247  -0.0417 -0.1718 19 LEU A C   
120 O O   . LEU A 17 ? 0.4703 0.4629 0.6106 0.0334  -0.0300 -0.1606 19 LEU A O   
121 C CB  . LEU A 17 ? 0.5484 0.5744 0.6724 -0.0249 -0.0814 -0.1638 19 LEU A CB  
122 C CG  . LEU A 17 ? 0.5729 0.5921 0.7130 -0.0556 -0.1014 -0.1531 19 LEU A CG  
123 C CD1 . LEU A 17 ? 0.5765 0.6611 0.7208 -0.0812 -0.1204 -0.1426 19 LEU A CD1 
124 C CD2 . LEU A 17 ? 0.5485 0.5665 0.7266 -0.0554 -0.0969 -0.1353 19 LEU A CD2 
125 N N   . ALA A 18 ? 0.5713 0.5813 0.6532 0.0326  -0.0425 -0.1779 20 ALA A N   
126 C CA  . ALA A 18 ? 0.5733 0.5936 0.6569 0.0544  -0.0274 -0.1718 20 ALA A CA  
127 C C   . ALA A 18 ? 0.5391 0.5238 0.6190 0.0718  -0.0039 -0.1703 20 ALA A C   
128 O O   . ALA A 18 ? 0.5206 0.5081 0.6246 0.0806  0.0078  -0.1575 20 ALA A O   
129 C CB  . ALA A 18 ? 0.5845 0.6319 0.6418 0.0612  -0.0350 -0.1722 20 ALA A CB  
130 N N   . ARG A 19 ? 0.5540 0.5050 0.6015 0.0758  0.0037  -0.1829 21 ARG A N   
131 C CA  . ARG A 19 ? 0.5684 0.4944 0.6135 0.0966  0.0327  -0.1805 21 ARG A CA  
132 C C   . ARG A 19 ? 0.6142 0.5382 0.7165 0.0992  0.0423  -0.1659 21 ARG A C   
133 O O   . ARG A 19 ? 0.6292 0.5626 0.7589 0.1124  0.0621  -0.1486 21 ARG A O   
134 C CB  . ARG A 19 ? 0.6778 0.5615 0.6658 0.1022  0.0419  -0.2032 21 ARG A CB  
135 C CG  . ARG A 19 ? 0.7425 0.6326 0.6705 0.1053  0.0415  -0.2088 21 ARG A CG  
136 C CD  . ARG A 19 ? 0.8657 0.7074 0.7258 0.1129  0.0581  -0.2332 21 ARG A CD  
137 N NE  . ARG A 19 ? 1.0387 0.8382 0.8699 0.0924  0.0374  -0.2581 21 ARG A NE  
138 C CZ  . ARG A 19 ? 1.1049 0.9023 0.8847 0.0661  0.0066  -0.2708 21 ARG A CZ  
139 N NH1 . ARG A 19 ? 0.9695 0.8102 0.7239 0.0620  -0.0059 -0.2593 21 ARG A NH1 
140 N NH2 . ARG A 19 ? 1.1612 0.9130 0.9182 0.0422  -0.0142 -0.2912 21 ARG A NH2 
141 N N   . THR A 20 ? 0.5906 0.5084 0.7154 0.0837  0.0257  -0.1665 22 THR A N   
142 C CA  . THR A 20 ? 0.5320 0.4554 0.7151 0.0844  0.0297  -0.1456 22 THR A CA  
143 C C   . THR A 20 ? 0.5185 0.4813 0.7337 0.0745  0.0224  -0.1256 22 THR A C   
144 O O   . THR A 20 ? 0.4887 0.4637 0.7451 0.0797  0.0329  -0.1040 22 THR A O   
145 C CB  . THR A 20 ? 0.5386 0.4470 0.7372 0.0671  0.0100  -0.1452 22 THR A CB  
146 O OG1 . THR A 20 ? 0.5960 0.4491 0.7641 0.0782  0.0193  -0.1647 22 THR A OG1 
147 C CG2 . THR A 20 ? 0.5558 0.4812 0.8181 0.0640  0.0072  -0.1158 22 THR A CG2 
148 N N   . ALA A 21 ? 0.4539 0.4368 0.6493 0.0605  0.0050  -0.1325 23 ALA A N   
149 C CA  . ALA A 21 ? 0.4050 0.4086 0.6164 0.0519  -0.0007 -0.1209 23 ALA A CA  
150 C C   . ALA A 21 ? 0.4548 0.4520 0.6666 0.0659  0.0164  -0.1118 23 ALA A C   
151 O O   . ALA A 21 ? 0.4479 0.4517 0.6889 0.0572  0.0156  -0.0933 23 ALA A O   
152 C CB  . ALA A 21 ? 0.3807 0.4022 0.5665 0.0437  -0.0149 -0.1337 23 ALA A CB  
153 N N   . VAL A 22 ? 0.4757 0.4619 0.6540 0.0835  0.0297  -0.1209 24 VAL A N   
154 C CA  . VAL A 22 ? 0.5057 0.4888 0.6822 0.0948  0.0462  -0.1068 24 VAL A CA  
155 C C   . VAL A 22 ? 0.4882 0.4777 0.7047 0.1001  0.0659  -0.0860 24 VAL A C   
156 O O   . VAL A 22 ? 0.4930 0.4934 0.7366 0.0950  0.0711  -0.0622 24 VAL A O   
157 C CB  . VAL A 22 ? 0.5244 0.4997 0.6514 0.1103  0.0544  -0.1171 24 VAL A CB  
158 C CG1 . VAL A 22 ? 0.5277 0.5024 0.6526 0.1213  0.0755  -0.0971 24 VAL A CG1 
159 C CG2 . VAL A 22 ? 0.4418 0.4243 0.5474 0.1080  0.0347  -0.1255 24 VAL A CG2 
160 N N   . ALA A 23 ? 0.4692 0.4520 0.6934 0.1105  0.0768  -0.0923 25 ALA A N   
161 C CA  . ALA A 23 ? 0.4715 0.4668 0.7423 0.1246  0.1009  -0.0706 25 ALA A CA  
162 C C   . ALA A 23 ? 0.4570 0.4817 0.7930 0.1050  0.0853  -0.0409 25 ALA A C   
163 O O   . ALA A 23 ? 0.4447 0.4987 0.8276 0.1064  0.0982  -0.0096 25 ALA A O   
164 C CB  . ALA A 23 ? 0.5727 0.5408 0.8349 0.1435  0.1147  -0.0877 25 ALA A CB  
165 N N   . ILE A 24 ? 0.4275 0.4503 0.7667 0.0837  0.0563  -0.0471 26 ILE A N   
166 C CA  . ILE A 24 ? 0.4254 0.4751 0.8129 0.0583  0.0348  -0.0207 26 ILE A CA  
167 C C   . ILE A 24 ? 0.4085 0.4648 0.7922 0.0387  0.0256  -0.0099 26 ILE A C   
168 O O   . ILE A 24 ? 0.4081 0.4908 0.8387 0.0234  0.0210  0.0223  26 ILE A O   
169 C CB  . ILE A 24 ? 0.4326 0.4788 0.8091 0.0381  0.0072  -0.0317 26 ILE A CB  
170 C CG1 . ILE A 24 ? 0.4326 0.4658 0.8253 0.0528  0.0127  -0.0329 26 ILE A CG1 
171 C CG2 . ILE A 24 ? 0.4519 0.5238 0.8568 0.0055  -0.0194 -0.0086 26 ILE A CG2 
172 C CD1 . ILE A 24 ? 0.4344 0.4628 0.8098 0.0315  -0.0132 -0.0422 26 ILE A CD1 
173 N N   . TYR A 25 ? 0.4063 0.4370 0.7358 0.0374  0.0205  -0.0344 27 TYR A N   
174 C CA  . TYR A 25 ? 0.4060 0.4252 0.7263 0.0226  0.0134  -0.0263 27 TYR A CA  
175 C C   . TYR A 25 ? 0.4147 0.4477 0.7640 0.0299  0.0344  0.0027  27 TYR A C   
176 O O   . TYR A 25 ? 0.4376 0.4796 0.8166 0.0059  0.0243  0.0296  27 TYR A O   
177 C CB  . TYR A 25 ? 0.4018 0.3901 0.6648 0.0319  0.0107  -0.0549 27 TYR A CB  
178 C CG  . TYR A 25 ? 0.5693 0.5285 0.8181 0.0218  0.0050  -0.0484 27 TYR A CG  
179 C CD1 . TYR A 25 ? 0.6508 0.5850 0.8833 -0.0016 -0.0167 -0.0580 27 TYR A CD1 
180 C CD2 . TYR A 25 ? 0.6355 0.5848 0.8788 0.0352  0.0209  -0.0341 27 TYR A CD2 
181 C CE1 . TYR A 25 ? 0.6222 0.5124 0.8356 -0.0113 -0.0233 -0.0555 27 TYR A CE1 
182 C CE2 . TYR A 25 ? 0.6633 0.5765 0.8944 0.0242  0.0131  -0.0251 27 TYR A CE2 
183 C CZ  . TYR A 25 ? 0.7101 0.5884 0.9270 0.0012  -0.0094 -0.0370 27 TYR A CZ  
184 O OH  . TYR A 25 ? 0.8214 0.6464 1.0205 -0.0104 -0.0183 -0.0308 27 TYR A OH  
185 N N   . ASN A 26 ? 0.4358 0.4725 0.7737 0.0599  0.0630  -0.0011 28 ASN A N   
186 C CA  . ASN A 26 ? 0.4101 0.4669 0.7697 0.0683  0.0880  0.0280  28 ASN A CA  
187 C C   . ASN A 26 ? 0.4006 0.5039 0.8364 0.0595  0.0931  0.0660  28 ASN A C   
188 O O   . ASN A 26 ? 0.4746 0.6059 0.9462 0.0483  0.1008  0.1021  28 ASN A O   
189 C CB  . ASN A 26 ? 0.4918 0.5461 0.8170 0.1023  0.1208  0.0145  28 ASN A CB  
190 C CG  . ASN A 26 ? 0.5786 0.6046 0.8393 0.1086  0.1191  -0.0029 28 ASN A CG  
191 O OD1 . ASN A 26 ? 0.5897 0.5978 0.8390 0.0932  0.1006  0.0024  28 ASN A OD1 
192 N ND2 . ASN A 26 ? 0.5444 0.5623 0.7595 0.1317  0.1377  -0.0231 28 ASN A ND2 
193 N N   . TYR A 27 ? 0.3997 0.5165 0.8660 0.0642  0.0881  0.0636  29 TYR A N   
194 C CA  . TYR A 27 ? 0.4220 0.5926 0.9721 0.0604  0.0922  0.1063  29 TYR A CA  
195 C C   . TYR A 27 ? 0.4964 0.6846 1.0776 0.0127  0.0542  0.1337  29 TYR A C   
196 O O   . TYR A 27 ? 0.4722 0.7066 1.1122 -0.0032 0.0554  0.1778  29 TYR A O   
197 C CB  . TYR A 27 ? 0.3665 0.5387 0.9401 0.0794  0.0939  0.0992  29 TYR A CB  
198 C CG  . TYR A 27 ? 0.3625 0.5952 1.0318 0.0851  0.1012  0.1476  29 TYR A CG  
199 C CD1 . TYR A 27 ? 0.4633 0.7277 1.1821 0.0502  0.0630  0.1777  29 TYR A CD1 
200 C CD2 . TYR A 27 ? 0.4510 0.7141 1.1603 0.1254  0.1466  0.1659  29 TYR A CD2 
201 C CE1 . TYR A 27 ? 0.4478 0.7788 1.2641 0.0552  0.0663  0.2301  29 TYR A CE1 
202 C CE2 . TYR A 27 ? 0.4314 0.7576 1.2360 0.1360  0.1556  0.2145  29 TYR A CE2 
203 C CZ  . TYR A 27 ? 0.4518 0.8099 1.3062 0.0990  0.1126  0.2480  29 TYR A CZ  
204 O OH  . TYR A 27 ? 0.5182 0.9194 1.4285 0.1026  0.1139  0.2937  29 TYR A OH  
205 N N   . HIS A 28 ? 0.4814 0.6332 1.0185 -0.0129 0.0202  0.1075  30 HIS A N   
206 C CA  . HIS A 28 ? 0.4604 0.6169 1.0096 -0.0613 -0.0182 0.1257  30 HIS A CA  
207 C C   . HIS A 28 ? 0.5345 0.6677 1.0654 -0.0837 -0.0234 0.1345  30 HIS A C   
208 O O   . HIS A 28 ? 0.5660 0.7204 1.1338 -0.1234 -0.0462 0.1695  30 HIS A O   
209 C CB  . HIS A 28 ? 0.5541 0.6742 1.0478 -0.0782 -0.0462 0.0904  30 HIS A CB  
210 C CG  . HIS A 28 ? 0.6066 0.7533 1.1264 -0.0733 -0.0537 0.0949  30 HIS A CG  
211 N ND1 . HIS A 28 ? 0.6517 0.8532 1.2482 -0.0828 -0.0628 0.1400  30 HIS A ND1 
212 C CD2 . HIS A 28 ? 0.6492 0.7771 1.1332 -0.0618 -0.0558 0.0653  30 HIS A CD2 
213 C CE1 . HIS A 28 ? 0.5835 0.7912 1.1873 -0.0755 -0.0702 0.1372  30 HIS A CE1 
214 N NE2 . HIS A 28 ? 0.5346 0.6976 1.0697 -0.0651 -0.0662 0.0922  30 HIS A NE2 
215 N N   . GLU A 29 ? 0.5863 0.6741 1.0607 -0.0627 -0.0068 0.1065  31 GLU A N   
216 C CA  . GLU A 29 ? 0.6853 0.7340 1.1339 -0.0830 -0.0150 0.1125  31 GLU A CA  
217 C C   . GLU A 29 ? 0.7195 0.7977 1.1989 -0.0698 0.0144  0.1470  31 GLU A C   
218 O O   . GLU A 29 ? 0.8209 0.8641 1.2777 -0.0827 0.0110  0.1558  31 GLU A O   
219 C CB  . GLU A 29 ? 0.6507 0.6315 1.0214 -0.0681 -0.0181 0.0667  31 GLU A CB  
220 C CG  . GLU A 29 ? 0.7933 0.7523 1.1288 -0.0768 -0.0399 0.0315  31 GLU A CG  
221 C CD  . GLU A 29 ? 0.9947 0.9378 1.3299 -0.1257 -0.0752 0.0395  31 GLU A CD  
222 O OE1 . GLU A 29 ? 1.0094 0.9774 1.3519 -0.1417 -0.0923 0.0367  31 GLU A OE1 
223 O OE2 . GLU A 29 ? 1.1601 1.0627 1.4838 -0.1513 -0.0881 0.0500  31 GLU A OE2 
224 N N   . GLN A 30 ? 0.7208 0.8604 1.2496 -0.0432 0.0449  0.1680  32 GLN A N   
225 C CA  . GLN A 30 ? 0.7527 0.9299 1.3049 -0.0238 0.0822  0.1987  32 GLN A CA  
226 C C   . GLN A 30 ? 0.7502 0.8772 1.2309 -0.0078 0.0939  0.1772  32 GLN A C   
227 O O   . GLN A 30 ? 0.7657 0.9025 1.2502 -0.0132 0.1077  0.2080  32 GLN A O   
228 C CB  . GLN A 30 ? 0.7726 1.0001 1.3955 -0.0616 0.0739  0.2582  32 GLN A CB  
229 C CG  . GLN A 30 ? 0.7755 1.0865 1.4913 -0.0633 0.0778  0.2970  32 GLN A CG  
230 C CD  . GLN A 30 ? 0.8895 1.1967 1.6251 -0.1047 0.0282  0.2985  32 GLN A CD  
231 O OE1 . GLN A 30 ? 0.9681 1.2056 1.6383 -0.1253 -0.0037 0.2598  32 GLN A OE1 
232 N NE2 . GLN A 30 ? 0.8840 1.2717 1.7107 -0.1157 0.0230  0.3463  32 GLN A NE2 
233 N N   . ALA A 31 ? 0.8860 0.9642 1.3048 0.0100  0.0861  0.1294  33 ALA A N   
234 C CA  . ALA A 31 ? 0.7756 0.8114 1.1303 0.0267  0.0918  0.1107  33 ALA A CA  
235 C C   . ALA A 31 ? 0.7973 0.8557 1.1260 0.0652  0.1279  0.1002  33 ALA A C   
236 O O   . ALA A 31 ? 0.7083 0.8053 1.0658 0.0825  0.1519  0.1033  33 ALA A O   
237 C CB  . ALA A 31 ? 0.7066 0.6878 1.0132 0.0259  0.0649  0.0695  33 ALA A CB  
238 N N   . HIS A 32 ? 0.6815 0.7119 0.9521 0.0792  0.1312  0.0884  34 HIS A N   
239 C CA  . HIS A 32 ? 0.6800 0.7224 0.9057 0.1093  0.1597  0.0759  34 HIS A CA  
240 C C   . HIS A 32 ? 0.6430 0.6489 0.8062 0.1193  0.1417  0.0449  34 HIS A C   
241 O O   . HIS A 32 ? 0.6938 0.6950 0.8128 0.1287  0.1480  0.0528  34 HIS A O   
242 C CB  . HIS A 32 ? 0.7906 0.8633 1.0166 0.1122  0.1891  0.1155  34 HIS A CB  
243 C CG  . HIS A 32 ? 0.8582 0.9845 1.1556 0.1049  0.2109  0.1521  34 HIS A CG  
244 N ND1 . HIS A 32 ? 0.8500 0.9896 1.2034 0.0710  0.1950  0.1940  34 HIS A ND1 
245 C CD2 . HIS A 32 ? 0.9360 1.1071 1.2618 0.1278  0.2466  0.1551  34 HIS A CD2 
246 C CE1 . HIS A 32 ? 0.8386 1.0419 1.2585 0.0711  0.2186  0.2261  34 HIS A CE1 
247 N NE2 . HIS A 32 ? 0.8902 1.1141 1.2968 0.1097  0.2530  0.2034  34 HIS A NE2 
248 N N   . LEU A 33 ? 0.5895 0.5763 0.7522 0.1160  0.1180  0.0143  35 LEU A N   
249 C CA  . LEU A 33 ? 0.5272 0.4959 0.6424 0.1268  0.1023  -0.0132 35 LEU A CA  
250 C C   . LEU A 33 ? 0.7011 0.6806 0.7763 0.1425  0.1161  -0.0355 35 LEU A C   
251 O O   . LEU A 33 ? 0.5863 0.5747 0.6754 0.1470  0.1327  -0.0443 35 LEU A O   
252 C CB  . LEU A 33 ? 0.6259 0.5806 0.7548 0.1175  0.0769  -0.0361 35 LEU A CB  
253 C CG  . LEU A 33 ? 0.6398 0.5654 0.7840 0.1037  0.0592  -0.0271 35 LEU A CG  
254 C CD1 . LEU A 33 ? 0.5441 0.4612 0.6880 0.0987  0.0404  -0.0547 35 LEU A CD1 
255 C CD2 . LEU A 33 ? 0.7429 0.6465 0.8610 0.1151  0.0578  -0.0123 35 LEU A CD2 
256 N N   . THR A 34 ? 0.5812 0.5564 0.6056 0.1504  0.1075  -0.0434 36 THR A N   
257 C CA  . THR A 34 ? 0.6038 0.5802 0.5766 0.1573  0.1106  -0.0689 36 THR A CA  
258 C C   . THR A 34 ? 0.7178 0.6947 0.6776 0.1524  0.0794  -0.0878 36 THR A C   
259 O O   . THR A 34 ? 0.6057 0.5890 0.5602 0.1557  0.0635  -0.0745 36 THR A O   
260 C CB  . THR A 34 ? 0.7598 0.7426 0.6758 0.1656  0.1264  -0.0560 36 THR A CB  
261 O OG1 . THR A 34 ? 0.7942 0.7876 0.7253 0.1716  0.1612  -0.0356 36 THR A OG1 
262 C CG2 . THR A 34 ? 0.8197 0.7940 0.6694 0.1666  0.1240  -0.0876 36 THR A CG2 
263 N N   . PHE A 35 ? 0.6482 0.6211 0.6063 0.1455  0.0714  -0.1146 37 PHE A N   
264 C CA  . PHE A 35 ? 0.7305 0.7166 0.6818 0.1373  0.0425  -0.1274 37 PHE A CA  
265 C C   . PHE A 35 ? 0.6701 0.6690 0.5670 0.1384  0.0302  -0.1244 37 PHE A C   
266 O O   . PHE A 35 ? 0.6724 0.6591 0.5168 0.1390  0.0424  -0.1297 37 PHE A O   
267 C CB  . PHE A 35 ? 0.6198 0.5969 0.5776 0.1241  0.0350  -0.1517 37 PHE A CB  
268 C CG  . PHE A 35 ? 0.6905 0.6878 0.6334 0.1098  0.0060  -0.1623 37 PHE A CG  
269 C CD1 . PHE A 35 ? 0.6378 0.6635 0.6204 0.1050  -0.0096 -0.1578 37 PHE A CD1 
270 C CD2 . PHE A 35 ? 0.7303 0.7185 0.6185 0.0983  -0.0052 -0.1772 37 PHE A CD2 
271 C CE1 . PHE A 35 ? 0.8297 0.8882 0.8085 0.0914  -0.0339 -0.1614 37 PHE A CE1 
272 C CE2 . PHE A 35 ? 0.7871 0.8017 0.6687 0.0786  -0.0358 -0.1813 37 PHE A CE2 
273 C CZ  . PHE A 35 ? 0.7781 0.8333 0.7103 0.0756  -0.0491 -0.1709 37 PHE A CZ  
274 N N   . VAL A 36 ? 0.6771 0.7045 0.5857 0.1400  0.0068  -0.1140 38 VAL A N   
275 C CA  . VAL A 36 ? 0.6650 0.7183 0.5331 0.1390  -0.0125 -0.1032 38 VAL A CA  
276 C C   . VAL A 36 ? 0.6927 0.7759 0.5587 0.1211  -0.0410 -0.1164 38 VAL A C   
277 O O   . VAL A 36 ? 0.7395 0.8227 0.5528 0.1028  -0.0553 -0.1270 38 VAL A O   
278 C CB  . VAL A 36 ? 0.6194 0.6896 0.5094 0.1589  -0.0175 -0.0700 38 VAL A CB  
279 C CG1 . VAL A 36 ? 0.7269 0.8363 0.5859 0.1576  -0.0430 -0.0522 38 VAL A CG1 
280 C CG2 . VAL A 36 ? 0.6526 0.6938 0.5376 0.1687  0.0060  -0.0500 38 VAL A CG2 
281 N N   . GLU A 37 ? 0.6428 0.7532 0.5621 0.1238  -0.0502 -0.1144 39 GLU A N   
282 C CA  . GLU A 37 ? 0.6656 0.8207 0.5959 0.1059  -0.0768 -0.1176 39 GLU A CA  
283 C C   . GLU A 37 ? 0.5807 0.7601 0.5706 0.1138  -0.0731 -0.1173 39 GLU A C   
284 O O   . GLU A 37 ? 0.5784 0.7440 0.5952 0.1367  -0.0561 -0.1116 39 GLU A O   
285 C CB  . GLU A 37 ? 0.8062 1.0137 0.7244 0.1073  -0.1019 -0.0929 39 GLU A CB  
286 C CG  . GLU A 37 ? 0.6722 0.9049 0.6304 0.1424  -0.0962 -0.0638 39 GLU A CG  
287 C CD  . GLU A 37 ? 0.8911 1.1788 0.8414 0.1465  -0.1223 -0.0312 39 GLU A CD  
288 O OE1 . GLU A 37 ? 0.9441 1.2930 0.9093 0.1296  -0.1487 -0.0238 39 GLU A OE1 
289 O OE2 . GLU A 37 ? 0.9207 1.1946 0.8516 0.1636  -0.1185 -0.0085 39 GLU A OE2 
290 N N   . ASN A 38 ? 0.5660 0.7787 0.5710 0.0915  -0.0897 -0.1236 40 ASN A N   
291 C CA  . ASN A 38 ? 0.4661 0.7135 0.5207 0.0975  -0.0850 -0.1216 40 ASN A CA  
292 C C   . ASN A 38 ? 0.5463 0.8640 0.6314 0.1168  -0.0939 -0.0980 40 ASN A C   
293 O O   . ASN A 38 ? 0.5455 0.9032 0.6205 0.1087  -0.1162 -0.0815 40 ASN A O   
294 C CB  . ASN A 38 ? 0.5316 0.7904 0.5948 0.0643  -0.0967 -0.1318 40 ASN A CB  
295 C CG  . ASN A 38 ? 0.6199 0.8133 0.6712 0.0535  -0.0842 -0.1505 40 ASN A CG  
296 O OD1 . ASN A 38 ? 0.5540 0.7134 0.6120 0.0713  -0.0636 -0.1539 40 ASN A OD1 
297 N ND2 . ASN A 38 ? 0.5315 0.7068 0.5677 0.0233  -0.0984 -0.1600 40 ASN A ND2 
298 N N   . LEU A 39 ? 0.4243 0.7583 0.5460 0.1426  -0.0766 -0.0963 41 LEU A N   
299 C CA  . LEU A 39 ? 0.4275 0.8296 0.5881 0.1720  -0.0765 -0.0743 41 LEU A CA  
300 C C   . LEU A 39 ? 0.6093 1.0839 0.8076 0.1624  -0.0768 -0.0716 41 LEU A C   
301 O O   . LEU A 39 ? 0.6614 1.2200 0.8896 0.1586  -0.0934 -0.0473 41 LEU A O   
302 C CB  . LEU A 39 ? 0.5268 0.8862 0.6950 0.2158  -0.0522 -0.0747 41 LEU A CB  
303 C CG  . LEU A 39 ? 0.5920 0.8841 0.7271 0.2220  -0.0513 -0.0703 41 LEU A CG  
304 C CD1 . LEU A 39 ? 0.6470 0.8872 0.7898 0.2594  -0.0314 -0.0684 41 LEU A CD1 
305 C CD2 . LEU A 39 ? 0.5713 0.9020 0.6952 0.2185  -0.0743 -0.0439 41 LEU A CD2 
306 N N   . ASN A 40 ? 0.5144 0.9662 0.7130 0.1558  -0.0600 -0.0917 42 ASN A N   
307 C CA  . ASN A 40 ? 0.5472 1.0666 0.7743 0.1407  -0.0584 -0.0881 42 ASN A CA  
308 C C   . ASN A 40 ? 0.5207 0.9932 0.7257 0.1043  -0.0600 -0.1068 42 ASN A C   
309 O O   . ASN A 40 ? 0.5742 0.9679 0.7521 0.1048  -0.0528 -0.1240 42 ASN A O   
310 C CB  . ASN A 40 ? 0.6590 1.2091 0.9097 0.1807  -0.0282 -0.0906 42 ASN A CB  
311 C CG  . ASN A 40 ? 0.9382 1.4741 1.1976 0.2311  -0.0147 -0.0842 42 ASN A CG  
312 O OD1 . ASN A 40 ? 1.0265 1.4851 1.2618 0.2519  0.0018  -0.1025 42 ASN A OD1 
313 N ND2 . ASN A 40 ? 1.1165 1.7267 1.4129 0.2494  -0.0242 -0.0543 42 ASN A ND2 
314 N N   A CYS A 41 ? 0.5723 1.0153 1.0239 -0.0948 -0.1182 0.2092  43 CYS A N   
315 N N   B CYS A 41 ? 0.5719 1.0151 1.0235 -0.0948 -0.1182 0.2092  43 CYS A N   
316 C CA  A CYS A 41 ? 0.5524 0.9771 0.9768 -0.0971 -0.0897 0.1879  43 CYS A CA  
317 C CA  B CYS A 41 ? 0.5532 0.9781 0.9780 -0.0970 -0.0897 0.1876  43 CYS A CA  
318 C C   A CYS A 41 ? 0.4994 0.9071 0.9376 -0.0915 -0.0763 0.1511  43 CYS A C   
319 C C   B CYS A 41 ? 0.4999 0.9076 0.9393 -0.0912 -0.0766 0.1510  43 CYS A C   
320 O O   A CYS A 41 ? 0.4871 0.9178 0.9363 -0.0925 -0.0799 0.1363  43 CYS A O   
321 O O   B CYS A 41 ? 0.4848 0.9151 0.9361 -0.0918 -0.0805 0.1362  43 CYS A O   
322 C CB  A CYS A 41 ? 0.6054 1.0578 0.9804 -0.1042 -0.0757 0.1828  43 CYS A CB  
323 C CB  B CYS A 41 ? 0.6066 1.0582 0.9821 -0.1041 -0.0755 0.1814  43 CYS A CB  
324 S SG  A CYS A 41 ? 0.6868 1.1120 1.0235 -0.1015 -0.0475 0.1566  43 CYS A SG  
325 S SG  B CYS A 41 ? 0.6401 1.1371 0.9927 -0.1103 -0.0842 0.2236  43 CYS A SG  
326 N N   . LYS A 42 ? 0.4343 0.8101 0.8733 -0.0875 -0.0620 0.1391  44 LYS A N   
327 C CA  . LYS A 42 ? 0.4201 0.7876 0.8649 -0.0862 -0.0461 0.1082  44 LYS A CA  
328 C C   . LYS A 42 ? 0.5295 0.8719 0.9349 -0.0939 -0.0239 0.0972  44 LYS A C   
329 O O   . LYS A 42 ? 0.4565 0.7867 0.8427 -0.0924 -0.0208 0.1111  44 LYS A O   
330 C CB  . LYS A 42 ? 0.5548 0.9104 1.0402 -0.0683 -0.0539 0.1000  44 LYS A CB  
331 C CG  . LYS A 42 ? 0.6794 1.0439 1.2015 -0.0532 -0.0851 0.1140  44 LYS A CG  
332 C CD  . LYS A 42 ? 0.7223 1.0698 1.2804 -0.0277 -0.0985 0.0983  44 LYS A CD  
333 C CE  . LYS A 42 ? 0.7993 1.1848 1.3930 -0.0071 -0.1160 0.0830  44 LYS A CE  
334 N NZ  . LYS A 42 ? 0.8401 1.2246 1.4622 0.0232  -0.1212 0.0533  44 LYS A NZ  
335 N N   . GLU A 43 ? 0.5127 0.8515 0.9060 -0.1033 -0.0110 0.0745  45 GLU A N   
336 C CA  . GLU A 43 ? 0.5188 0.8247 0.8727 -0.1090 0.0044  0.0639  45 GLU A CA  
337 C C   . GLU A 43 ? 0.5181 0.8144 0.8789 -0.1164 0.0161  0.0471  45 GLU A C   
338 O O   . GLU A 43 ? 0.4894 0.8173 0.8757 -0.1232 0.0141  0.0403  45 GLU A O   
339 C CB  . GLU A 43 ? 0.5429 0.8446 0.8534 -0.1182 0.0011  0.0569  45 GLU A CB  
340 C CG  . GLU A 43 ? 0.6411 0.9493 0.9494 -0.1380 -0.0043 0.0431  45 GLU A CG  
341 C CD  . GLU A 43 ? 0.8371 1.1344 1.1017 -0.1451 -0.0161 0.0338  45 GLU A CD  
342 O OE1 . GLU A 43 ? 0.9236 1.2043 1.1724 -0.1665 -0.0235 0.0211  45 GLU A OE1 
343 O OE2 . GLU A 43 ? 0.8043 1.1122 1.0492 -0.1301 -0.0206 0.0397  45 GLU A OE2 
344 N N   . GLN A 44 ? 0.4776 0.7389 0.8155 -0.1151 0.0283  0.0420  46 GLN A N   
345 C CA  . GLN A 44 ? 0.4806 0.7327 0.8167 -0.1251 0.0397  0.0299  46 GLN A CA  
346 C C   . GLN A 44 ? 0.5114 0.7161 0.7980 -0.1333 0.0439  0.0243  46 GLN A C   
347 O O   . GLN A 44 ? 0.5006 0.6798 0.7705 -0.1189 0.0491  0.0259  46 GLN A O   
348 C CB  . GLN A 44 ? 0.5134 0.7682 0.8775 -0.1086 0.0465  0.0282  46 GLN A CB  
349 C CG  . GLN A 44 ? 0.6185 0.8803 0.9822 -0.1180 0.0589  0.0167  46 GLN A CG  
350 C CD  . GLN A 44 ? 0.6885 0.9623 1.0818 -0.0966 0.0621  0.0092  46 GLN A CD  
351 O OE1 . GLN A 44 ? 0.7785 1.0350 1.1858 -0.0778 0.0529  0.0144  46 GLN A OE1 
352 N NE2 . GLN A 44 ? 0.6604 0.9668 1.0624 -0.1005 0.0721  -0.0024 46 GLN A NE2 
353 N N   . LEU A 45 ? 0.4935 0.6857 0.7568 -0.1563 0.0378  0.0181  47 LEU A N   
354 C CA  . LEU A 45 ? 0.6020 0.7376 0.8132 -0.1611 0.0311  0.0102  47 LEU A CA  
355 C C   . LEU A 45 ? 0.6154 0.7216 0.8123 -0.1799 0.0353  0.0095  47 LEU A C   
356 O O   . LEU A 45 ? 0.5481 0.6864 0.7671 -0.2034 0.0382  0.0150  47 LEU A O   
357 C CB  . LEU A 45 ? 0.6075 0.7321 0.7934 -0.1749 0.0110  0.0039  47 LEU A CB  
358 C CG  . LEU A 45 ? 0.6426 0.8061 0.8414 -0.1605 0.0054  0.0070  47 LEU A CG  
359 C CD1 . LEU A 45 ? 0.7317 0.8839 0.9034 -0.1757 -0.0165 -0.0025 47 LEU A CD1 
360 C CD2 . LEU A 45 ? 0.5975 0.7596 0.7819 -0.1302 0.0109  0.0086  47 LEU A CD2 
361 N N   . GLY A 46 ? 0.5971 0.6505 0.7575 -0.1687 0.0351  0.0041  48 GLY A N   
362 C CA  . GLY A 46 ? 0.6513 0.6644 0.7873 -0.1895 0.0321  0.0060  48 GLY A CA  
363 C C   . GLY A 46 ? 0.6615 0.7036 0.8237 -0.1924 0.0514  0.0135  48 GLY A C   
364 O O   . GLY A 46 ? 0.7419 0.7628 0.8860 -0.2152 0.0493  0.0199  48 GLY A O   
365 N N   . GLU A 47 ? 0.5674 0.6543 0.7686 -0.1704 0.0665  0.0129  49 GLU A N   
366 C CA  . GLU A 47 ? 0.6065 0.7231 0.8312 -0.1685 0.0817  0.0140  49 GLU A CA  
367 C C   . GLU A 47 ? 0.6561 0.7483 0.8755 -0.1425 0.0898  0.0108  49 GLU A C   
368 O O   . GLU A 47 ? 0.6381 0.7501 0.8729 -0.1376 0.1003  0.0086  49 GLU A O   
369 C CB  . GLU A 47 ? 0.6461 0.8324 0.9214 -0.1624 0.0866  0.0117  49 GLU A CB  
370 C CG  . GLU A 47 ? 0.7869 1.0088 1.0718 -0.1870 0.0783  0.0156  49 GLU A CG  
371 C CD  . GLU A 47 ? 0.9418 1.2439 1.2760 -0.1795 0.0834  0.0106  49 GLU A CD  
372 O OE1 . GLU A 47 ? 0.9500 1.2919 1.2987 -0.1763 0.0948  0.0055  49 GLU A OE1 
373 O OE2 . GLU A 47 ? 0.9937 1.3220 1.3508 -0.1733 0.0743  0.0099  49 GLU A OE2 
374 N N   . GLY A 48 ? 0.5454 0.6030 0.7427 -0.1252 0.0846  0.0097  50 GLY A N   
375 C CA  . GLY A 48 ? 0.5627 0.6066 0.7570 -0.1035 0.0912  0.0092  50 GLY A CA  
376 C C   . GLY A 48 ? 0.6419 0.6386 0.7951 -0.1052 0.0905  0.0063  50 GLY A C   
377 O O   . GLY A 48 ? 0.6297 0.5851 0.7440 -0.1058 0.0781  0.0022  50 GLY A O   
378 N N   . ASP A 49 ? 0.5633 0.5629 0.7229 -0.1035 0.1001  0.0068  51 ASP A N   
379 C CA  . ASP A 49 ? 0.5772 0.5342 0.7002 -0.1033 0.0988  0.0067  51 ASP A CA  
380 C C   . ASP A 49 ? 0.5918 0.5484 0.7185 -0.0766 0.1041  0.0043  51 ASP A C   
381 O O   . ASP A 49 ? 0.4853 0.4767 0.6483 -0.0671 0.1100  0.0053  51 ASP A O   
382 C CB  . ASP A 49 ? 0.5203 0.4907 0.6445 -0.1256 0.1053  0.0120  51 ASP A CB  
383 C CG  . ASP A 49 ? 0.6817 0.6687 0.8066 -0.1584 0.1000  0.0194  51 ASP A CG  
384 O OD1 . ASP A 49 ? 0.7023 0.7360 0.8432 -0.1757 0.1091  0.0246  51 ASP A OD1 
385 O OD2 . ASP A 49 ? 0.7055 0.6660 0.8149 -0.1667 0.0857  0.0199  51 ASP A OD2 
386 N N   . TYR A 50 ? 0.5982 0.5148 0.6876 -0.0641 0.0981  0.0014  52 TYR A N   
387 C CA  . TYR A 50 ? 0.5157 0.4413 0.6087 -0.0400 0.1024  0.0005  52 TYR A CA  
388 C C   . TYR A 50 ? 0.6243 0.5139 0.6872 -0.0372 0.1006  -0.0008 52 TYR A C   
389 O O   . TYR A 50 ? 0.6540 0.4945 0.6771 -0.0424 0.0880  -0.0024 52 TYR A O   
390 C CB  . TYR A 50 ? 0.6262 0.5599 0.7068 -0.0172 0.0962  -0.0031 52 TYR A CB  
391 C CG  . TYR A 50 ? 0.6707 0.6445 0.7807 -0.0221 0.0971  0.0027  52 TYR A CG  
392 C CD1 . TYR A 50 ? 0.6691 0.6322 0.7653 -0.0298 0.0887  -0.0022 52 TYR A CD1 
393 C CD2 . TYR A 50 ? 0.6410 0.6585 0.7914 -0.0214 0.1019  0.0147  52 TYR A CD2 
394 C CE1 . TYR A 50 ? 0.6962 0.6978 0.8182 -0.0343 0.0883  0.0044  52 TYR A CE1 
395 C CE2 . TYR A 50 ? 0.7022 0.7521 0.8780 -0.0274 0.0985  0.0238  52 TYR A CE2 
396 C CZ  . TYR A 50 ? 0.7593 0.8037 0.9206 -0.0328 0.0935  0.0183  52 TYR A CZ  
397 O OH  . TYR A 50 ? 0.9373 1.0149 1.1215 -0.0384 0.0891  0.0280  52 TYR A OH  
398 N N   . TYR A 51 ? 0.5448 0.4542 0.6248 -0.0297 0.1091  0.0007  53 TYR A N   
399 C CA  . TYR A 51 ? 0.5895 0.4717 0.6432 -0.0260 0.1077  0.0007  53 TYR A CA  
400 C C   . TYR A 51 ? 0.5926 0.4881 0.6484 0.0004  0.1075  -0.0015 53 TYR A C   
401 O O   . TYR A 51 ? 0.5016 0.4382 0.5930 0.0046  0.1124  0.0016  53 TYR A O   
402 C CB  . TYR A 51 ? 0.5827 0.4855 0.6525 -0.0425 0.1172  0.0029  53 TYR A CB  
403 C CG  . TYR A 51 ? 0.6040 0.5110 0.6718 -0.0702 0.1179  0.0078  53 TYR A CG  
404 C CD1 . TYR A 51 ? 0.6090 0.5576 0.7135 -0.0774 0.1237  0.0049  53 TYR A CD1 
405 C CD2 . TYR A 51 ? 0.6397 0.5117 0.6695 -0.0912 0.1098  0.0181  53 TYR A CD2 
406 C CE1 . TYR A 51 ? 0.5638 0.5305 0.6694 -0.1034 0.1247  0.0101  53 TYR A CE1 
407 C CE2 . TYR A 51 ? 0.7219 0.6090 0.7520 -0.1234 0.1091  0.0278  53 TYR A CE2 
408 C CZ  . TYR A 51 ? 0.6711 0.6114 0.7407 -0.1286 0.1182  0.0228  53 TYR A CZ  
409 O OH  . TYR A 51 ? 0.6288 0.5977 0.7020 -0.1606 0.1180  0.0329  53 TYR A OH  
410 N N   . TYR A 52 ? 0.5766 0.4376 0.5940 0.0176  0.0981  -0.0054 54 TYR A N   
411 C CA  . TYR A 52 ? 0.5952 0.4789 0.6132 0.0446  0.0975  -0.0078 54 TYR A CA  
412 C C   . TYR A 52 ? 0.7077 0.5676 0.7079 0.0452  0.0958  -0.0064 54 TYR A C   
413 O O   . TYR A 52 ? 0.6917 0.4985 0.6502 0.0486  0.0833  -0.0081 54 TYR A O   
414 C CB  . TYR A 52 ? 0.6563 0.5300 0.6431 0.0744  0.0853  -0.0186 54 TYR A CB  
415 C CG  . TYR A 52 ? 0.6819 0.5763 0.6764 0.0743  0.0846  -0.0217 54 TYR A CG  
416 C CD1 . TYR A 52 ? 0.6732 0.6363 0.6920 0.0876  0.0907  -0.0179 54 TYR A CD1 
417 C CD2 . TYR A 52 ? 0.6737 0.5237 0.6501 0.0582  0.0760  -0.0257 54 TYR A CD2 
418 C CE1 . TYR A 52 ? 0.6541 0.6417 0.6773 0.0875  0.0897  -0.0191 54 TYR A CE1 
419 C CE2 . TYR A 52 ? 0.6854 0.5556 0.6671 0.0590  0.0741  -0.0296 54 TYR A CE2 
420 C CZ  . TYR A 52 ? 0.7854 0.7245 0.7897 0.0750  0.0816  -0.0268 54 TYR A CZ  
421 O OH  . TYR A 52 ? 0.9313 0.8963 0.9387 0.0758  0.0794  -0.0291 54 TYR A OH  
422 N N   . ILE A 53 ? 0.5804 0.4756 0.6100 0.0418  0.1043  -0.0028 55 ILE A N   
423 C CA  . ILE A 53 ? 0.6381 0.5195 0.6548 0.0383  0.1045  -0.0018 55 ILE A CA  
424 C C   . ILE A 53 ? 0.6711 0.5790 0.6949 0.0594  0.1019  -0.0026 55 ILE A C   
425 O O   . ILE A 53 ? 0.5691 0.5224 0.6298 0.0600  0.1046  0.0004  55 ILE A O   
426 C CB  . ILE A 53 ? 0.6397 0.5421 0.6826 0.0166  0.1139  -0.0020 55 ILE A CB  
427 C CG1 . ILE A 53 ? 0.6772 0.5675 0.7141 -0.0055 0.1170  0.0004  55 ILE A CG1 
428 C CG2 . ILE A 53 ? 0.6778 0.5787 0.7067 0.0168  0.1141  -0.0027 55 ILE A CG2 
429 C CD1 . ILE A 53 ? 0.6415 0.5649 0.6994 -0.0208 0.1262  -0.0034 55 ILE A CD1 
430 N N   . THR A 54 ? 0.7007 0.5809 0.6893 0.0751  0.0933  -0.0039 56 THR A N   
431 C CA  . THR A 54 ? 0.5297 0.4389 0.5243 0.0930  0.0906  -0.0042 56 THR A CA  
432 C C   . THR A 54 ? 0.5564 0.4576 0.5477 0.0791  0.0927  -0.0024 56 THR A C   
433 O O   . THR A 54 ? 0.6361 0.4960 0.5931 0.0706  0.0892  0.0008  56 THR A O   
434 C CB  . THR A 54 ? 0.5730 0.4623 0.5304 0.1263  0.0770  -0.0098 56 THR A CB  
435 O OG1 . THR A 54 ? 0.6315 0.5292 0.5859 0.1422  0.0741  -0.0164 56 THR A OG1 
436 C CG2 . THR A 54 ? 0.5817 0.5203 0.5537 0.1449  0.0755  -0.0094 56 THR A CG2 
437 N N   . LEU A 55 ? 0.5356 0.4775 0.5608 0.0750  0.0953  -0.0035 57 LEU A N   
438 C CA  . LEU A 55 ? 0.5042 0.4456 0.5263 0.0654  0.0961  -0.0072 57 LEU A CA  
439 C C   . LEU A 55 ? 0.5323 0.5035 0.5686 0.0757  0.0887  -0.0086 57 LEU A C   
440 O O   . LEU A 55 ? 0.5991 0.6047 0.6634 0.0812  0.0842  -0.0044 57 LEU A O   
441 C CB  . LEU A 55 ? 0.4807 0.4358 0.5314 0.0464  0.1029  -0.0141 57 LEU A CB  
442 C CG  . LEU A 55 ? 0.5356 0.5190 0.6329 0.0443  0.0983  -0.0144 57 LEU A CG  
443 C CD1 . LEU A 55 ? 0.5974 0.5986 0.7186 0.0429  0.0878  -0.0230 57 LEU A CD1 
444 C CD2 . LEU A 55 ? 0.6077 0.5904 0.7250 0.0324  0.1031  -0.0161 57 LEU A CD2 
445 N N   . ALA A 56 ? 0.5408 0.5064 0.5595 0.0743  0.0867  -0.0128 58 ALA A N   
446 C CA  . ALA A 56 ? 0.5102 0.5030 0.5425 0.0800  0.0776  -0.0169 58 ALA A CA  
447 C C   . ALA A 56 ? 0.5418 0.5484 0.6017 0.0668  0.0752  -0.0305 58 ALA A C   
448 O O   . ALA A 56 ? 0.5385 0.5375 0.5898 0.0590  0.0831  -0.0389 58 ALA A O   
449 C CB  . ALA A 56 ? 0.6216 0.6003 0.6135 0.0902  0.0732  -0.0152 58 ALA A CB  
450 N N   . ALA A 57 ? 0.4816 0.5112 0.5739 0.0653  0.0612  -0.0331 59 ALA A N   
451 C CA  . ALA A 57 ? 0.4802 0.5124 0.5985 0.0573  0.0492  -0.0501 59 ALA A CA  
452 C C   . ALA A 57 ? 0.6316 0.6801 0.7653 0.0570  0.0285  -0.0517 59 ALA A C   
453 O O   . ALA A 57 ? 0.6071 0.6780 0.7519 0.0560  0.0233  -0.0339 59 ALA A O   
454 C CB  . ALA A 57 ? 0.4615 0.4899 0.6160 0.0463  0.0449  -0.0479 59 ALA A CB  
455 N N   . THR A 58 ? 0.5071 0.5513 0.6404 0.0591  0.0154  -0.0743 60 THR A N   
456 C CA  . THR A 58 ? 0.5217 0.5759 0.6696 0.0564  -0.0099 -0.0789 60 THR A CA  
457 C C   . THR A 58 ? 0.6316 0.6695 0.8204 0.0433  -0.0383 -0.0869 60 THR A C   
458 O O   . THR A 58 ? 0.5650 0.5824 0.7611 0.0466  -0.0395 -0.1037 60 THR A O   
459 C CB  . THR A 58 ? 0.6192 0.6768 0.7352 0.0695  -0.0125 -0.1013 60 THR A CB  
460 O OG1 . THR A 58 ? 0.6690 0.7184 0.7780 0.0772  -0.0105 -0.1291 60 THR A OG1 
461 C CG2 . THR A 58 ? 0.6132 0.6788 0.6867 0.0791  0.0091  -0.0880 60 THR A CG2 
462 N N   . ASP A 59 ? 0.5672 0.6151 0.7834 0.0276  -0.0643 -0.0730 61 ASP A N   
463 C CA  . ASP A 59 ? 0.6226 0.6452 0.8776 0.0092  -0.1000 -0.0738 61 ASP A CA  
464 C C   . ASP A 59 ? 0.7771 0.7730 1.0287 0.0162  -0.1329 -0.1074 61 ASP A C   
465 O O   . ASP A 59 ? 0.7655 0.7704 0.9837 0.0368  -0.1222 -0.1310 61 ASP A O   
466 C CB  . ASP A 59 ? 0.7590 0.8119 1.0484 -0.0198 -0.1142 -0.0333 61 ASP A CB  
467 C CG  . ASP A 59 ? 0.8997 0.9931 1.1881 -0.0253 -0.1228 -0.0214 61 ASP A CG  
468 O OD1 . ASP A 59 ? 0.9256 1.0109 1.1891 -0.0092 -0.1258 -0.0463 61 ASP A OD1 
469 O OD2 . ASP A 59 ? 0.9571 1.0999 1.2697 -0.0455 -0.1264 0.0136  61 ASP A OD2 
470 N N   . ASP A 60 ? 0.8917 0.8526 1.1764 -0.0014 -0.1774 -0.1088 62 ASP A N   
471 C CA  . ASP A 60 ? 1.0091 0.9326 1.2913 0.0077  -0.2185 -0.1461 62 ASP A CA  
472 C C   . ASP A 60 ? 1.0106 0.9604 1.2794 0.0052  -0.2267 -0.1468 62 ASP A C   
473 O O   . ASP A 60 ? 0.9723 0.9093 1.2180 0.0263  -0.2414 -0.1858 62 ASP A O   
474 C CB  . ASP A 60 ? 1.1279 0.9983 1.4495 -0.0167 -0.2730 -0.1393 62 ASP A CB  
475 C CG  . ASP A 60 ? 1.3945 1.2100 1.7116 -0.0013 -0.3243 -0.1860 62 ASP A CG  
476 O OD1 . ASP A 60 ? 1.4696 1.2861 1.7549 0.0387  -0.3116 -0.2335 62 ASP A OD1 
477 O OD2 . ASP A 60 ? 1.5040 1.2779 1.8480 -0.0295 -0.3799 -0.1750 62 ASP A OD2 
478 N N   . ALA A 61 ? 0.9680 0.9618 1.2501 -0.0179 -0.2182 -0.1058 63 ALA A N   
479 C CA  . ALA A 61 ? 0.9065 0.9334 1.1787 -0.0204 -0.2261 -0.1030 63 ALA A CA  
480 C C   . ALA A 61 ? 0.8745 0.9363 1.1026 0.0090  -0.1830 -0.1110 63 ALA A C   
481 O O   . ALA A 61 ? 0.9576 1.0508 1.1744 0.0108  -0.1865 -0.1074 63 ALA A O   
482 C CB  . ALA A 61 ? 0.8023 0.8753 1.1110 -0.0566 -0.2387 -0.0551 63 ALA A CB  
483 N N   . GLY A 62 ? 0.7903 0.8468 0.9937 0.0293  -0.1465 -0.1192 64 GLY A N   
484 C CA  . GLY A 62 ? 0.8005 0.8803 0.9602 0.0516  -0.1116 -0.1217 64 GLY A CA  
485 C C   . GLY A 62 ? 0.7503 0.8623 0.9055 0.0512  -0.0852 -0.0870 64 GLY A C   
486 O O   . GLY A 62 ? 0.8105 0.9292 0.9273 0.0691  -0.0608 -0.0862 64 GLY A O   
487 N N   . LYS A 63 ? 0.6630 0.8391 0.9942 0.0741  -0.1601 -0.2849 65 LYS A N   
488 C CA  . LYS A 63 ? 0.5954 0.7634 0.9078 0.0758  -0.1480 -0.2403 65 LYS A CA  
489 C C   . LYS A 63 ? 0.6120 0.7468 0.8920 0.0794  -0.1260 -0.2128 65 LYS A C   
490 O O   . LYS A 63 ? 0.5835 0.6894 0.8829 0.0719  -0.1197 -0.2139 65 LYS A O   
491 C CB  . LYS A 63 ? 0.6034 0.7665 0.9763 0.0622  -0.1548 -0.2264 65 LYS A CB  
492 C CG  . LYS A 63 ? 0.6192 0.8129 1.0356 0.0564  -0.1784 -0.2518 65 LYS A CG  
493 C CD  . LYS A 63 ? 0.8059 1.0410 1.1770 0.0691  -0.1870 -0.2705 65 LYS A CD  
494 C CE  . LYS A 63 ? 0.9634 1.2287 1.3704 0.0649  -0.2111 -0.3204 65 LYS A CE  
495 N NZ  . LYS A 63 ? 0.9877 1.3085 1.3534 0.0761  -0.2212 -0.3361 65 LYS A NZ  
496 N N   . LYS A 64 ? 0.5417 0.6811 0.7788 0.0904  -0.1154 -0.1872 66 LYS A N   
497 C CA  . LYS A 64 ? 0.5410 0.6527 0.7474 0.0954  -0.0965 -0.1643 66 LYS A CA  
498 C C   . LYS A 64 ? 0.5496 0.6487 0.7704 0.0922  -0.0862 -0.1371 66 LYS A C   
499 O O   . LYS A 64 ? 0.5188 0.6377 0.7580 0.0919  -0.0918 -0.1296 66 LYS A O   
500 C CB  . LYS A 64 ? 0.6887 0.8170 0.8484 0.1105  -0.0928 -0.1545 66 LYS A CB  
501 C CG  . LYS A 64 ? 0.7810 0.8828 0.9124 0.1154  -0.0773 -0.1401 66 LYS A CG  
502 C CD  . LYS A 64 ? 0.7988 0.9213 0.8970 0.1296  -0.0751 -0.1212 66 LYS A CD  
503 C CE  . LYS A 64 ? 0.8788 1.0507 0.9608 0.1352  -0.0879 -0.1378 66 LYS A CE  
504 N NZ  . LYS A 64 ? 0.9881 1.1888 1.0442 0.1483  -0.0858 -0.1087 66 LYS A NZ  
505 N N   . ALA A 65 ? 0.5368 0.6090 0.7498 0.0900  -0.0714 -0.1241 67 ALA A N   
506 C CA  . ALA A 65 ? 0.5194 0.5902 0.7458 0.0870  -0.0610 -0.1036 67 ALA A CA  
507 C C   . ALA A 65 ? 0.5626 0.6091 0.7628 0.0908  -0.0451 -0.0936 67 ALA A C   
508 O O   . ALA A 65 ? 0.4675 0.4946 0.6475 0.0919  -0.0422 -0.0996 67 ALA A O   
509 C CB  . ALA A 65 ? 0.5410 0.6193 0.8162 0.0710  -0.0650 -0.0993 67 ALA A CB  
510 N N   . ILE A 66 ? 0.4877 0.5398 0.6902 0.0932  -0.0352 -0.0804 68 ILE A N   
511 C CA  . ILE A 66 ? 0.4194 0.4539 0.6048 0.0956  -0.0209 -0.0739 68 ILE A CA  
512 C C   . ILE A 66 ? 0.5013 0.5410 0.7076 0.0812  -0.0149 -0.0664 68 ILE A C   
513 O O   . ILE A 66 ? 0.4653 0.5342 0.7022 0.0736  -0.0174 -0.0585 68 ILE A O   
514 C CB  . ILE A 66 ? 0.4236 0.4689 0.6069 0.1075  -0.0146 -0.0702 68 ILE A CB  
515 C CG1 . ILE A 66 ? 0.4538 0.4984 0.6276 0.1211  -0.0215 -0.0702 68 ILE A CG1 
516 C CG2 . ILE A 66 ? 0.4151 0.4421 0.5847 0.1099  -0.0024 -0.0694 68 ILE A CG2 
517 C CD1 . ILE A 66 ? 0.5530 0.6105 0.7406 0.1328  -0.0173 -0.0685 68 ILE A CD1 
518 N N   . TYR A 67 ? 0.4652 0.4821 0.6582 0.0773  -0.0070 -0.0644 69 TYR A N   
519 C CA  . TYR A 67 ? 0.3753 0.3997 0.5870 0.0639  -0.0002 -0.0523 69 TYR A CA  
520 C C   . TYR A 67 ? 0.4811 0.4992 0.6689 0.0681  0.0129  -0.0498 69 TYR A C   
521 O O   . TYR A 67 ? 0.4999 0.4914 0.6603 0.0784  0.0152  -0.0571 69 TYR A O   
522 C CB  . TYR A 67 ? 0.4119 0.4139 0.6387 0.0538  -0.0051 -0.0543 69 TYR A CB  
523 C CG  . TYR A 67 ? 0.4104 0.4200 0.6704 0.0492  -0.0203 -0.0635 69 TYR A CG  
524 C CD1 . TYR A 67 ? 0.3866 0.3892 0.6294 0.0588  -0.0298 -0.0836 69 TYR A CD1 
525 C CD2 . TYR A 67 ? 0.3669 0.3985 0.6793 0.0355  -0.0259 -0.0499 69 TYR A CD2 
526 C CE1 . TYR A 67 ? 0.3941 0.4091 0.6692 0.0547  -0.0449 -0.0964 69 TYR A CE1 
527 C CE2 . TYR A 67 ? 0.3804 0.4188 0.7322 0.0307  -0.0417 -0.0598 69 TYR A CE2 
528 C CZ  . TYR A 67 ? 0.3961 0.4256 0.7272 0.0406  -0.0513 -0.0858 69 TYR A CZ  
529 O OH  . TYR A 67 ? 0.5115 0.5519 0.8853 0.0352  -0.0683 -0.0992 69 TYR A OH  
530 N N   . GLU A 68 ? 0.4392 0.4883 0.6409 0.0602  0.0206  -0.0386 70 GLU A N   
531 C CA  . GLU A 68 ? 0.3691 0.4185 0.5531 0.0609  0.0320  -0.0387 70 GLU A CA  
532 C C   . GLU A 68 ? 0.4089 0.4612 0.6061 0.0451  0.0358  -0.0213 70 GLU A C   
533 O O   . GLU A 68 ? 0.4435 0.5298 0.6745 0.0328  0.0338  -0.0028 70 GLU A O   
534 C CB  . GLU A 68 ? 0.4360 0.5324 0.6241 0.0656  0.0386  -0.0433 70 GLU A CB  
535 C CG  . GLU A 68 ? 0.8675 0.9642 1.0534 0.0814  0.0348  -0.0593 70 GLU A CG  
536 C CD  . GLU A 68 ? 1.1837 1.3222 1.3746 0.0908  0.0419  -0.0744 70 GLU A CD  
537 O OE1 . GLU A 68 ? 1.2541 1.4486 1.4571 0.0834  0.0475  -0.0677 70 GLU A OE1 
538 O OE2 . GLU A 68 ? 1.2730 1.3948 1.4616 0.1062  0.0409  -0.0925 70 GLU A OE2 
539 N N   . ALA A 69 ? 0.4766 0.4974 0.6525 0.0456  0.0412  -0.0234 71 ALA A N   
540 C CA  . ALA A 69 ? 0.4158 0.4350 0.6043 0.0318  0.0450  -0.0064 71 ALA A CA  
541 C C   . ALA A 69 ? 0.5382 0.5683 0.7069 0.0317  0.0553  -0.0064 71 ALA A C   
542 O O   . ALA A 69 ? 0.5935 0.6002 0.7356 0.0433  0.0576  -0.0235 71 ALA A O   
543 C CB  . ALA A 69 ? 0.4668 0.4377 0.6499 0.0326  0.0408  -0.0116 71 ALA A CB  
544 N N   . LYS A 70 ? 0.4128 0.4832 0.5995 0.0185  0.0604  0.0136  72 LYS A N   
545 C CA  . LYS A 70 ? 0.3378 0.4209 0.5078 0.0157  0.0691  0.0142  72 LYS A CA  
546 C C   . LYS A 70 ? 0.3631 0.4247 0.5443 0.0037  0.0706  0.0352  72 LYS A C   
547 O O   . LYS A 70 ? 0.3883 0.4682 0.6072 -0.0086 0.0675  0.0598  72 LYS A O   
548 C CB  . LYS A 70 ? 0.3983 0.5601 0.5784 0.0103  0.0745  0.0214  72 LYS A CB  
549 C CG  . LYS A 70 ? 0.4536 0.6335 0.6141 0.0086  0.0822  0.0142  72 LYS A CG  
550 C CD  . LYS A 70 ? 0.5716 0.8464 0.7416 0.0020  0.0879  0.0216  72 LYS A CD  
551 C CE  . LYS A 70 ? 0.6219 0.9201 0.7744 -0.0013 0.0941  0.0128  72 LYS A CE  
552 N NZ  . LYS A 70 ? 0.7683 1.1751 0.9265 -0.0063 0.0996  0.0149  72 LYS A NZ  
553 N N   . ILE A 71 ? 0.4100 0.4326 0.5657 0.0074  0.0744  0.0268  73 ILE A N   
554 C CA  . ILE A 71 ? 0.3762 0.3686 0.5393 -0.0006 0.0759  0.0422  73 ILE A CA  
555 C C   . ILE A 71 ? 0.5377 0.5463 0.6867 -0.0060 0.0837  0.0481  73 ILE A C   
556 O O   . ILE A 71 ? 0.5212 0.5265 0.6440 0.0025  0.0859  0.0279  73 ILE A O   
557 C CB  . ILE A 71 ? 0.4823 0.4144 0.6262 0.0106  0.0725  0.0262  73 ILE A CB  
558 C CG1 . ILE A 71 ? 0.6038 0.5305 0.7579 0.0170  0.0638  0.0150  73 ILE A CG1 
559 C CG2 . ILE A 71 ? 0.4654 0.3710 0.6208 0.0039  0.0745  0.0384  73 ILE A CG2 
560 C CD1 . ILE A 71 ? 0.6124 0.4998 0.7414 0.0307  0.0600  -0.0031 73 ILE A CD1 
561 N N   . GLY A 72 ? 0.4417 0.4711 0.6147 -0.0206 0.0866  0.0758  74 GLY A N   
562 C CA  . GLY A 72 ? 0.3603 0.4063 0.5218 -0.0274 0.0932  0.0845  74 GLY A CA  
563 C C   . GLY A 72 ? 0.4571 0.4497 0.6185 -0.0287 0.0945  0.0923  74 GLY A C   
564 O O   . GLY A 72 ? 0.4856 0.4569 0.6758 -0.0319 0.0913  0.1036  74 GLY A O   
565 N N   . VAL A 73 ? 0.5367 0.4953 0.5585 -0.1269 0.0346  0.0184  75 VAL A N   
566 C CA  . VAL A 73 ? 0.5453 0.5319 0.6004 -0.1152 0.0622  0.0145  75 VAL A CA  
567 C C   . VAL A 73 ? 0.5662 0.6170 0.6953 -0.1191 0.0572  0.0070  75 VAL A C   
568 O O   . VAL A 73 ? 0.5219 0.5971 0.6846 -0.1395 0.0494  0.0039  75 VAL A O   
569 C CB  . VAL A 73 ? 0.5188 0.4971 0.5649 -0.1276 0.0970  0.0214  75 VAL A CB  
570 C CG1 . VAL A 73 ? 0.5825 0.6065 0.6652 -0.1150 0.1255  0.0185  75 VAL A CG1 
571 C CG2 . VAL A 73 ? 0.6254 0.5449 0.5978 -0.1217 0.1027  0.0279  75 VAL A CG2 
572 N N   . VAL A 74 ? 0.5591 0.6384 0.7172 -0.0982 0.0590  0.0012  76 VAL A N   
573 C CA  . VAL A 74 ? 0.4369 0.5793 0.6669 -0.1005 0.0615  -0.0058 76 VAL A CA  
574 C C   . VAL A 74 ? 0.4956 0.6605 0.7443 -0.0864 0.0940  -0.0096 76 VAL A C   
575 O O   . VAL A 74 ? 0.5016 0.6626 0.7418 -0.0597 0.0923  -0.0169 76 VAL A O   
576 C CB  . VAL A 74 ? 0.4448 0.6138 0.7009 -0.0891 0.0289  -0.0082 76 VAL A CB  
577 C CG1 . VAL A 74 ? 0.4271 0.6623 0.7578 -0.0900 0.0351  -0.0166 76 VAL A CG1 
578 C CG2 . VAL A 74 ? 0.4764 0.6400 0.7126 -0.1031 -0.0027 -0.0029 76 VAL A CG2 
579 N N   . GLU A 75 ? 0.4916 0.6826 0.7677 -0.1042 0.1214  -0.0042 77 GLU A N   
580 C CA  . GLU A 75 ? 0.5874 0.8048 0.8686 -0.0939 0.1561  -0.0027 77 GLU A CA  
581 C C   . GLU A 75 ? 0.5967 0.8658 0.9255 -0.0718 0.1589  -0.0162 77 GLU A C   
582 O O   . GLU A 75 ? 0.6211 0.9048 0.9392 -0.0469 0.1751  -0.0253 77 GLU A O   
583 C CB  . GLU A 75 ? 0.7219 0.9655 1.0337 -0.1228 0.1800  0.0140  77 GLU A CB  
584 C CG  . GLU A 75 ? 0.9603 1.1541 1.2304 -0.1449 0.1795  0.0287  77 GLU A CG  
585 C CD  . GLU A 75 ? 1.1945 1.3657 1.4035 -0.1343 0.2028  0.0370  77 GLU A CD  
586 O OE1 . GLU A 75 ? 1.1559 1.2955 1.3359 -0.1539 0.2086  0.0536  77 GLU A OE1 
587 O OE2 . GLU A 75 ? 1.3666 1.5549 1.5597 -0.1049 0.2135  0.0249  77 GLU A OE2 
588 N N   . SER A 76 ? 0.5877 0.8906 0.9722 -0.0794 0.1425  -0.0201 78 SER A N   
589 C CA  . SER A 76 ? 0.5937 0.9482 1.0294 -0.0607 0.1441  -0.0318 78 SER A CA  
590 C C   . SER A 76 ? 0.6429 0.9751 1.0557 -0.0273 0.1259  -0.0448 78 SER A C   
591 O O   . SER A 76 ? 0.5329 0.8987 0.9716 -0.0031 0.1351  -0.0584 78 SER A O   
592 C CB  . SER A 76 ? 0.5508 0.9413 1.0455 -0.0752 0.1246  -0.0337 78 SER A CB  
593 O OG  . SER A 76 ? 0.5445 0.9113 1.0224 -0.0703 0.0882  -0.0355 78 SER A OG  
594 N N   . ALA A 77 ? 0.6040 0.8821 0.9733 -0.0252 0.0973  -0.0407 79 ALA A N   
595 C CA  . ALA A 77 ? 0.5723 0.8229 0.9267 0.0040  0.0724  -0.0489 79 ALA A CA  
596 C C   . ALA A 77 ? 0.5796 0.7845 0.8757 0.0218  0.0825  -0.0555 79 ALA A C   
597 O O   . ALA A 77 ? 0.5737 0.7473 0.8573 0.0472  0.0582  -0.0642 79 ALA A O   
598 C CB  . ALA A 77 ? 0.5811 0.8089 0.9299 -0.0040 0.0306  -0.0361 79 ALA A CB  
599 N N   . GLY A 78 ? 0.5625 0.7653 0.8272 0.0092  0.1153  -0.0509 80 GLY A N   
600 C CA  . GLY A 78 ? 0.5815 0.7435 0.7851 0.0232  0.1254  -0.0557 80 GLY A CA  
601 C C   . GLY A 78 ? 0.6710 0.7612 0.8234 0.0223  0.0943  -0.0481 80 GLY A C   
602 O O   . GLY A 78 ? 0.7347 0.7859 0.8427 0.0419  0.0917  -0.0569 80 GLY A O   
603 N N   . TRP A 79 ? 0.5796 0.6570 0.7380 0.0006  0.0697  -0.0328 81 TRP A N   
604 C CA  . TRP A 79 ? 0.5429 0.5631 0.6583 -0.0003 0.0367  -0.0224 81 TRP A CA  
605 C C   . TRP A 79 ? 0.5784 0.5585 0.6355 -0.0216 0.0497  -0.0113 81 TRP A C   
606 O O   . TRP A 79 ? 0.5047 0.5042 0.5721 -0.0478 0.0652  -0.0042 81 TRP A O   
607 C CB  . TRP A 79 ? 0.5641 0.6040 0.7133 -0.0121 0.0021  -0.0101 81 TRP A CB  
608 C CG  . TRP A 79 ? 0.6389 0.6316 0.7460 -0.0155 -0.0327 0.0061  81 TRP A CG  
609 C CD1 . TRP A 79 ? 0.7491 0.7083 0.8495 0.0049  -0.0653 0.0109  81 TRP A CD1 
610 C CD2 . TRP A 79 ? 0.7444 0.7223 0.8161 -0.0402 -0.0412 0.0201  81 TRP A CD2 
611 N NE1 . TRP A 79 ? 0.8913 0.8181 0.9525 -0.0082 -0.0920 0.0316  81 TRP A NE1 
612 C CE2 . TRP A 79 ? 0.7809 0.7207 0.8212 -0.0350 -0.0766 0.0358  81 TRP A CE2 
613 C CE3 . TRP A 79 ? 0.7579 0.7525 0.8262 -0.0659 -0.0256 0.0200  81 TRP A CE3 
614 C CZ2 . TRP A 79 ? 0.8637 0.7885 0.8650 -0.0539 -0.0932 0.0513  81 TRP A CZ2 
615 C CZ3 . TRP A 79 ? 0.9082 0.8846 0.9398 -0.0826 -0.0440 0.0306  81 TRP A CZ3 
616 C CH2 . TRP A 79 ? 0.9014 0.8459 0.8968 -0.0766 -0.0756 0.0461  81 TRP A CH2 
617 N N   . THR A 80 ? 0.5461 0.4696 0.5465 -0.0101 0.0415  -0.0107 82 THR A N   
618 C CA  . THR A 80 ? 0.5621 0.4400 0.5033 -0.0301 0.0461  0.0018  82 THR A CA  
619 C C   . THR A 80 ? 0.6758 0.5026 0.5809 -0.0236 0.0080  0.0107  82 THR A C   
620 O O   . THR A 80 ? 0.6548 0.4562 0.5524 0.0026  -0.0071 0.0028  82 THR A O   
621 C CB  . THR A 80 ? 0.6540 0.5191 0.5574 -0.0233 0.0812  -0.0042 82 THR A CB  
622 O OG1 . THR A 80 ? 0.6350 0.5575 0.5780 -0.0328 0.1149  -0.0054 82 THR A OG1 
623 C CG2 . THR A 80 ? 0.7006 0.5140 0.5416 -0.0412 0.0849  0.0088  82 THR A CG2 
624 N N   . GLY A 81 ? 0.5111 0.4381 0.7413 0.0024  0.0347  0.0991  83 GLY A N   
625 C CA  . GLY A 81 ? 0.3888 0.3671 0.6482 0.0066  0.0450  0.1345  83 GLY A CA  
626 C C   . GLY A 81 ? 0.3952 0.3756 0.6079 0.0166  0.0430  0.1022  83 GLY A C   
627 O O   . GLY A 81 ? 0.4532 0.4304 0.6019 0.0256  0.0319  0.0618  83 GLY A O   
628 N N   . VAL A 82 ? 0.4043 0.3855 0.6546 0.0141  0.0541  0.1193  84 VAL A N   
629 C CA  . VAL A 82 ? 0.4430 0.4383 0.6583 0.0248  0.0535  0.0977  84 VAL A CA  
630 C C   . VAL A 82 ? 0.4786 0.5727 0.6922 0.0394  0.0576  0.1361  84 VAL A C   
631 O O   . VAL A 82 ? 0.5187 0.6594 0.7940 0.0354  0.0677  0.1907  84 VAL A O   
632 C CB  . VAL A 82 ? 0.4542 0.4063 0.7112 0.0135  0.0598  0.0955  84 VAL A CB  
633 C CG1 . VAL A 82 ? 0.5433 0.5275 0.7747 0.0256  0.0597  0.0849  84 VAL A CG1 
634 C CG2 . VAL A 82 ? 0.4744 0.3351 0.7158 0.0047  0.0558  0.0528  84 VAL A CG2 
635 N N   . GLU A 83 ? 0.4225 0.5502 0.5667 0.0584  0.0521  0.1096  85 GLU A N   
636 C CA  . GLU A 83 ? 0.4391 0.6648 0.5730 0.0773  0.0587  0.1446  85 GLU A CA  
637 C C   . GLU A 83 ? 0.4388 0.6876 0.5767 0.0888  0.0696  0.1494  85 GLU A C   
638 O O   . GLU A 83 ? 0.4679 0.7954 0.6367 0.0989  0.0819  0.1991  85 GLU A O   
639 C CB  . GLU A 83 ? 0.6400 0.8997 0.6943 0.0940  0.0468  0.1154  85 GLU A CB  
640 C CG  . GLU A 83 ? 0.9134 1.1343 0.9618 0.0789  0.0310  0.0981  85 GLU A CG  
641 C CD  . GLU A 83 ? 1.1816 1.4634 1.1735 0.0901  0.0162  0.0897  85 GLU A CD  
642 O OE1 . GLU A 83 ? 1.2617 1.5831 1.1905 0.1119  0.0157  0.0668  85 GLU A OE1 
643 O OE2 . GLU A 83 ? 1.2374 1.5283 1.2479 0.0777  0.0048  0.1055  85 GLU A OE2 
644 N N   . GLU A 84 ? 0.4600 0.6451 0.5751 0.0875  0.0664  0.1044  86 GLU A N   
645 C CA  . GLU A 84 ? 0.4783 0.6823 0.6062 0.0958  0.0753  0.1105  86 GLU A CA  
646 C C   . GLU A 84 ? 0.4305 0.5511 0.5768 0.0784  0.0691  0.0796  86 GLU A C   
647 O O   . GLU A 84 ? 0.4809 0.5318 0.5942 0.0727  0.0601  0.0372  86 GLU A O   
648 C CB  . GLU A 84 ? 0.6080 0.8501 0.6605 0.1273  0.0793  0.0845  86 GLU A CB  
649 C CG  . GLU A 84 ? 1.0108 1.3026 1.0833 0.1421  0.0931  0.1083  86 GLU A CG  
650 C CD  . GLU A 84 ? 1.2559 1.6173 1.4078 0.1346  0.1038  0.1786  86 GLU A CD  
651 O OE1 . GLU A 84 ? 1.3302 1.7803 1.4725 0.1570  0.1166  0.2152  86 GLU A OE1 
652 O OE2 . GLU A 84 ? 1.3423 1.6683 1.5669 0.1068  0.0999  0.1967  86 GLU A OE2 
653 N N   . PHE A 85 ? 0.4153 0.5474 0.6163 0.0697  0.0732  0.1026  87 PHE A N   
654 C CA  . PHE A 85 ? 0.3930 0.4582 0.6037 0.0557  0.0650  0.0715  87 PHE A CA  
655 C C   . PHE A 85 ? 0.4164 0.5304 0.6627 0.0592  0.0691  0.0951  87 PHE A C   
656 O O   . PHE A 85 ? 0.4502 0.5979 0.7715 0.0443  0.0722  0.1386  87 PHE A O   
657 C CB  . PHE A 85 ? 0.4441 0.4491 0.7062 0.0274  0.0596  0.0736  87 PHE A CB  
658 C CG  . PHE A 85 ? 0.4621 0.3926 0.7149 0.0156  0.0494  0.0324  87 PHE A CG  
659 C CD1 . PHE A 85 ? 0.5246 0.3861 0.7322 0.0158  0.0450  -0.0079 87 PHE A CD1 
660 C CD2 . PHE A 85 ? 0.4773 0.4131 0.7689 0.0044  0.0438  0.0368  87 PHE A CD2 
661 C CE1 . PHE A 85 ? 0.5650 0.3650 0.7591 0.0087  0.0373  -0.0428 87 PHE A CE1 
662 C CE2 . PHE A 85 ? 0.5001 0.3751 0.7776 -0.0054 0.0323  -0.0013 87 PHE A CE2 
663 C CZ  . PHE A 85 ? 0.5803 0.3876 0.8055 -0.0015 0.0301  -0.0410 87 PHE A CZ  
664 N N   . LYS A 86 ? 0.4241 0.5463 0.6220 0.0802  0.0705  0.0705  88 LYS A N   
665 C CA  . LYS A 86 ? 0.4153 0.5962 0.6418 0.0898  0.0766  0.0959  88 LYS A CA  
666 C C   . LYS A 86 ? 0.5180 0.6572 0.7384 0.0851  0.0660  0.0650  88 LYS A C   
667 O O   . LYS A 86 ? 0.5175 0.6001 0.6803 0.0931  0.0614  0.0199  88 LYS A O   
668 C CB  . LYS A 86 ? 0.6323 0.8794 0.8088 0.1269  0.0929  0.1034  88 LYS A CB  
669 C CG  . LYS A 86 ? 0.9216 1.2332 1.1016 0.1367  0.1041  0.1411  88 LYS A CG  
670 C CD  . LYS A 86 ? 1.1186 1.4673 1.3976 0.1127  0.1059  0.2004  88 LYS A CD  
671 C CE  . LYS A 86 ? 1.1196 1.5534 1.4175 0.1256  0.1211  0.2554  88 LYS A CE  
672 N NZ  . LYS A 86 ? 1.0693 1.5605 1.4711 0.1116  0.1295  0.3234  88 LYS A NZ  
673 N N   . LEU A 87 ? 0.4455 0.6197 0.7293 0.0727  0.0621  0.0933  89 LEU A N   
674 C CA  . LEU A 87 ? 0.4094 0.5698 0.6908 0.0722  0.0517  0.0736  89 LEU A CA  
675 C C   . LEU A 87 ? 0.4820 0.6913 0.7212 0.1098  0.0671  0.0755  89 LEU A C   
676 O O   . LEU A 87 ? 0.4847 0.7674 0.7372 0.1283  0.0839  0.1128  89 LEU A O   
677 C CB  . LEU A 87 ? 0.4148 0.6038 0.7848 0.0439  0.0394  0.1052  89 LEU A CB  
678 C CG  . LEU A 87 ? 0.4906 0.6910 0.8754 0.0406  0.0257  0.0979  89 LEU A CG  
679 C CD1 . LEU A 87 ? 0.4776 0.6005 0.8084 0.0365  0.0111  0.0444  89 LEU A CD1 
680 C CD2 . LEU A 87 ? 0.5049 0.7337 0.9874 0.0063  0.0107  0.1304  89 LEU A CD2 
681 N N   . VAL A 88 ? 0.4296 0.5986 0.6183 0.1236  0.0640  0.0372  90 VAL A N   
682 C CA  . VAL A 88 ? 0.4670 0.6651 0.6090 0.1626  0.0811  0.0307  90 VAL A CA  
683 C C   . VAL A 88 ? 0.4749 0.7012 0.6426 0.1689  0.0776  0.0409  90 VAL A C   
684 O O   . VAL A 88 ? 0.4658 0.7519 0.6328 0.1984  0.0951  0.0625  90 VAL A O   
685 C CB  . VAL A 88 ? 0.5486 0.6772 0.6134 0.1781  0.0839  -0.0199 90 VAL A CB  
686 C CG1 . VAL A 88 ? 0.6637 0.8009 0.6863 0.2159  0.0991  -0.0350 90 VAL A CG1 
687 C CG2 . VAL A 88 ? 0.7025 0.8337 0.7418 0.1809  0.0904  -0.0213 90 VAL A CG2 
688 N N   . GLY A 89 ? 0.5060 0.6928 0.6926 0.1444  0.0559  0.0254  91 GLY A N   
689 C CA  . GLY A 89 ? 0.4959 0.7118 0.7015 0.1512  0.0497  0.0335  91 GLY A CA  
690 C C   . GLY A 89 ? 0.4985 0.6716 0.7191 0.1211  0.0217  0.0132  91 GLY A C   
691 O O   . GLY A 89 ? 0.5968 0.6987 0.7873 0.1065  0.0128  -0.0202 91 GLY A O   
692 N N   . SER A 90 ? 0.4657 0.6858 0.7322 0.1128  0.0075  0.0336  92 SER A N   
693 C CA  . SER A 90 ? 0.4312 0.6216 0.7104 0.0841  -0.0225 0.0137  92 SER A CA  
694 C C   . SER A 90 ? 0.5294 0.6850 0.7495 0.1056  -0.0232 -0.0154 92 SER A C   
695 O O   . SER A 90 ? 0.4770 0.6640 0.6793 0.1399  -0.0068 -0.0043 92 SER A O   
696 C CB  . SER A 90 ? 0.4303 0.6917 0.7892 0.0622  -0.0423 0.0483  92 SER A CB  
697 O OG  . SER A 90 ? 0.4887 0.7331 0.8462 0.0433  -0.0721 0.0261  92 SER A OG  
698 N N   . LEU A 91 ? 0.4534 0.5475 0.6478 0.0865  -0.0415 -0.0495 93 LEU A N   
699 C CA  . LEU A 91 ? 0.5144 0.5780 0.6582 0.1043  -0.0442 -0.0728 93 LEU A CA  
700 C C   . LEU A 91 ? 0.5998 0.6922 0.7657 0.0858  -0.0748 -0.0722 93 LEU A C   
701 O O   . LEU A 91 ? 0.7710 0.8354 0.8949 0.0942  -0.0821 -0.0930 93 LEU A O   
702 C CB  . LEU A 91 ? 0.5580 0.5349 0.6477 0.1030  -0.0393 -0.1103 93 LEU A CB  
703 C CG  . LEU A 91 ? 0.5309 0.4785 0.5869 0.1270  -0.0111 -0.1160 93 LEU A CG  
704 C CD1 . LEU A 91 ? 0.5827 0.4500 0.5972 0.1212  -0.0100 -0.1487 93 LEU A CD1 
705 C CD2 . LEU A 91 ? 0.5831 0.5500 0.6143 0.1663  0.0086  -0.1095 93 LEU A CD2 
706 N N   . GLU A 92 ? 0.5924 0.7436 0.8247 0.0610  -0.0942 -0.0478 94 GLU A N   
707 C CA  . GLU A 92 ? 0.7112 0.8992 0.9665 0.0427  -0.1273 -0.0475 94 GLU A CA  
708 C C   . GLU A 92 ? 0.7834 1.0544 1.0637 0.0685  -0.1221 -0.0090 94 GLU A C   
709 O O   . GLU A 92 ? 0.8086 1.1307 1.1293 0.0809  -0.1036 0.0270  94 GLU A O   
710 C CB  . GLU A 92 ? 0.7813 0.9812 1.1021 -0.0048 -0.1569 -0.0466 94 GLU A CB  
711 C CG  . GLU A 92 ? 0.9120 1.0274 1.2117 -0.0281 -0.1601 -0.0839 94 GLU A CG  
712 C CD  . GLU A 92 ? 1.0763 1.1388 1.3153 -0.0322 -0.1782 -0.1284 94 GLU A CD  
713 O OE1 . GLU A 92 ? 1.1534 1.2562 1.3916 -0.0357 -0.2036 -0.1301 94 GLU A OE1 
714 O OE2 . GLU A 92 ? 1.0739 1.0609 1.2657 -0.0295 -0.1662 -0.1584 94 GLU A OE2 
715 N N   . HIS A 93 ? 0.9116 1.1996 1.1679 0.0794  -0.1364 -0.0135 95 HIS A N   
716 C CA  . HIS A 93 ? 0.8702 1.2407 1.1545 0.1050  -0.1323 0.0263  95 HIS A CA  
717 C C   . HIS A 93 ? 0.8169 1.2702 1.1886 0.0750  -0.1583 0.0602  95 HIS A C   
718 O O   . HIS A 93 ? 0.8700 1.4021 1.2853 0.0947  -0.1488 0.1043  95 HIS A O   
719 C CB  . HIS A 93 ? 1.0467 1.4216 1.2896 0.1217  -0.1443 0.0176  95 HIS A CB  
720 C CG  . HIS A 93 ? 1.2159 1.5037 1.3809 0.1379  -0.1297 -0.0200 95 HIS A CG  
721 N ND1 . HIS A 93 ? 1.3108 1.5394 1.4416 0.1105  -0.1506 -0.0604 95 HIS A ND1 
722 C CD2 . HIS A 93 ? 1.2817 1.5316 1.4007 0.1788  -0.0956 -0.0219 95 HIS A CD2 
723 C CE1 . HIS A 93 ? 1.3329 1.4962 1.4020 0.1344  -0.1291 -0.0813 95 HIS A CE1 
724 N NE2 . HIS A 93 ? 1.3377 1.5115 1.4012 0.1741  -0.0970 -0.0590 95 HIS A NE2 
# 
loop_
_pdbx_poly_seq_scheme.asym_id 
_pdbx_poly_seq_scheme.entity_id 
_pdbx_poly_seq_scheme.seq_id 
_pdbx_poly_seq_scheme.mon_id 
_pdbx_poly_seq_scheme.ndb_seq_num 
_pdbx_poly_seq_scheme.pdb_seq_num 
_pdbx_poly_seq_scheme.auth_seq_num 
_pdbx_poly_seq_scheme.pdb_mon_id 
_pdbx_poly_seq_scheme.auth_mon_id 
_pdbx_poly_seq_scheme.pdb_strand_id 
_pdbx_poly_seq_scheme.pdb_ins_code 
_pdbx_poly_seq_scheme.hetero 
A 1 1  MET 1  3   ?  ?   ?   A . n 
A 1 2  GLY 2  4   4  GLY GLY A . n 
A 1 3  ILE 3  5   5  ILE ILE A . n 
A 1 4  VAL 4  6   6  VAL VAL A . n 
A 1 5  ASN 5  7   7  ASN ASN A . n 
A 1 6  VAL 6  8   8  VAL VAL A . n 
A 1 7  PRO 7  9   9  PRO PRO A . n 
A 1 8  ASN 8  10  10 ASN ASN A . n 
A 1 9  CYS 9  11  11 CYS CYS A . n 
A 1 10 ASN 10 12  12 ASN ASN A . n 
A 1 11 THR 11 13  13 THR THR A . n 
A 1 12 THR 12 14  14 THR THR A . n 
A 1 13 LYS 13 15  15 LYS LYS A . n 
A 1 14 TYR 14 16  16 TYR TYR A . n 
A 1 15 GLN 15 17  17 GLN GLN A . n 
A 1 16 GLN 16 18  18 GLN GLN A . n 
A 1 17 LEU 17 19  19 LEU LEU A . n 
A 1 18 ALA 18 20  20 ALA ALA A . n 
A 1 19 ARG 19 21  21 ARG ARG A . n 
A 1 20 THR 20 22  22 THR THR A . n 
A 1 21 ALA 21 23  23 ALA ALA A . n 
A 1 22 VAL 22 24  24 VAL VAL A . n 
A 1 23 ALA 23 25  25 ALA ALA A . n 
A 1 24 ILE 24 26  26 ILE ILE A . n 
A 1 25 TYR 25 27  27 TYR TYR A . n 
A 1 26 ASN 26 28  28 ASN ASN A . n 
A 1 27 TYR 27 29  29 TYR TYR A . n 
A 1 28 HIS 28 30  30 HIS HIS A . n 
A 1 29 GLU 29 31  31 GLU GLU A . n 
A 1 30 GLN 30 32  32 GLN GLN A . n 
A 1 31 ALA 31 33  33 ALA ALA A . n 
A 1 32 HIS 32 34  34 HIS HIS A . n 
A 1 33 LEU 33 35  35 LEU LEU A . n 
A 1 34 THR 34 36  36 THR THR A . n 
A 1 35 PHE 35 37  37 PHE PHE A . n 
A 1 36 VAL 36 38  38 VAL VAL A . n 
A 1 37 GLU 37 39  39 GLU GLU A . n 
A 1 38 ASN 38 40  40 ASN ASN A . n 
A 1 39 LEU 39 41  41 LEU LEU A . n 
A 1 40 ASN 40 42  42 ASN ASN A . n 
A 1 41 CYS 41 43  43 CYS CYS A . n 
A 1 42 LYS 42 44  44 LYS LYS A . n 
A 1 43 GLU 43 45  45 GLU GLU A . n 
A 1 44 GLN 44 46  46 GLN GLN A . n 
A 1 45 LEU 45 47  47 LEU LEU A . n 
A 1 46 GLY 46 48  48 GLY GLY A . n 
A 1 47 GLU 47 49  49 GLU GLU A . n 
A 1 48 GLY 48 50  50 GLY GLY A . n 
A 1 49 ASP 49 51  51 ASP ASP A . n 
A 1 50 TYR 50 52  52 TYR TYR A . n 
A 1 51 TYR 51 53  53 TYR TYR A . n 
A 1 52 TYR 52 54  54 TYR TYR A . n 
A 1 53 ILE 53 55  55 ILE ILE A . n 
A 1 54 THR 54 56  56 THR THR A . n 
A 1 55 LEU 55 57  57 LEU LEU A . n 
A 1 56 ALA 56 58  58 ALA ALA A . n 
A 1 57 ALA 57 59  59 ALA ALA A . n 
A 1 58 THR 58 60  60 THR THR A . n 
A 1 59 ASP 59 61  61 ASP ASP A . n 
A 1 60 ASP 60 62  62 ASP ASP A . n 
A 1 61 ALA 61 63  63 ALA ALA A . n 
A 1 62 GLY 62 64  64 GLY GLY A . n 
A 1 63 LYS 63 65  65 LYS LYS A . n 
A 1 64 LYS 64 66  66 LYS LYS A . n 
A 1 65 ALA 65 67  67 ALA ALA A . n 
A 1 66 ILE 66 68  68 ILE ILE A . n 
A 1 67 TYR 67 69  69 TYR TYR A . n 
A 1 68 GLU 68 70  70 GLU GLU A . n 
A 1 69 ALA 69 71  71 ALA ALA A . n 
A 1 70 LYS 70 72  72 LYS LYS A . n 
A 1 71 ILE 71 73  73 ILE ILE A . n 
A 1 72 GLY 72 74  74 GLY GLY A . n 
A 1 73 VAL 73 75  75 VAL VAL A . n 
A 1 74 VAL 74 76  76 VAL VAL A . n 
A 1 75 GLU 75 77  77 GLU GLU A . n 
A 1 76 SER 76 78  78 SER SER A . n 
A 1 77 ALA 77 79  79 ALA ALA A . n 
A 1 78 GLY 78 80  80 GLY GLY A . n 
A 1 79 TRP 79 81  81 TRP TRP A . n 
A 1 80 THR 80 82  82 THR THR A . n 
A 1 81 GLY 81 83  83 GLY GLY A . n 
A 1 82 VAL 82 84  84 VAL VAL A . n 
A 1 83 GLU 83 85  85 GLU GLU A . n 
A 1 84 GLU 84 86  86 GLU GLU A . n 
A 1 85 PHE 85 87  87 PHE PHE A . n 
A 1 86 LYS 86 88  88 LYS LYS A . n 
A 1 87 LEU 87 89  89 LEU LEU A . n 
A 1 88 VAL 88 90  90 VAL VAL A . n 
A 1 89 GLY 89 91  91 GLY GLY A . n 
A 1 90 SER 90 92  92 SER SER A . n 
A 1 91 LEU 91 93  93 LEU LEU A . n 
A 1 92 GLU 92 94  94 GLU GLU A . n 
A 1 93 HIS 93 95  95 HIS HIS A . n 
A 1 94 HIS 94 96  ?  ?   ?   A . n 
A 1 95 HIS 95 97  ?  ?   ?   A . n 
A 1 96 HIS 96 98  ?  ?   ?   A . n 
A 1 97 HIS 97 99  ?  ?   ?   A . n 
A 1 98 HIS 98 100 ?  ?   ?   A . n 
# 
loop_
_pdbx_nonpoly_scheme.asym_id 
_pdbx_nonpoly_scheme.entity_id 
_pdbx_nonpoly_scheme.mon_id 
_pdbx_nonpoly_scheme.ndb_seq_num 
_pdbx_nonpoly_scheme.pdb_seq_num 
_pdbx_nonpoly_scheme.auth_seq_num 
_pdbx_nonpoly_scheme.pdb_mon_id 
_pdbx_nonpoly_scheme.auth_mon_id 
_pdbx_nonpoly_scheme.pdb_strand_id 
_pdbx_nonpoly_scheme.pdb_ins_code 
B 2 HOH 1  201 12 HOH HOH A . 
B 2 HOH 2  202 8  HOH HOH A . 
B 2 HOH 3  203 1  HOH HOH A . 
B 2 HOH 4  204 5  HOH HOH A . 
B 2 HOH 5  205 9  HOH HOH A . 
B 2 HOH 6  206 10 HOH HOH A . 
B 2 HOH 7  207 4  HOH HOH A . 
B 2 HOH 8  208 3  HOH HOH A . 
B 2 HOH 9  209 14 HOH HOH A . 
B 2 HOH 10 210 2  HOH HOH A . 
B 2 HOH 11 211 7  HOH HOH A . 
B 2 HOH 12 212 11 HOH HOH A . 
B 2 HOH 13 213 6  HOH HOH A . 
B 2 HOH 14 214 13 HOH HOH A . 
# 
loop_
_pdbx_struct_assembly.id 
_pdbx_struct_assembly.details 
_pdbx_struct_assembly.method_details 
_pdbx_struct_assembly.oligomeric_details 
_pdbx_struct_assembly.oligomeric_count 
1 author_defined_assembly              ?    monomeric 1 
2 author_and_software_defined_assembly PISA dimeric   2 
# 
loop_
_pdbx_struct_assembly_gen.assembly_id 
_pdbx_struct_assembly_gen.oper_expression 
_pdbx_struct_assembly_gen.asym_id_list 
1 1   A,B 
2 1,2 A,B 
# 
loop_
_pdbx_struct_assembly_prop.biol_id 
_pdbx_struct_assembly_prop.type 
_pdbx_struct_assembly_prop.value 
_pdbx_struct_assembly_prop.details 
2 'ABSA (A^2)' 4140  ? 
2 MORE         -35   ? 
2 'SSA (A^2)'  10450 ? 
# 
loop_
_pdbx_struct_oper_list.id 
_pdbx_struct_oper_list.type 
_pdbx_struct_oper_list.name 
_pdbx_struct_oper_list.symmetry_operation 
_pdbx_struct_oper_list.matrix[1][1] 
_pdbx_struct_oper_list.matrix[1][2] 
_pdbx_struct_oper_list.matrix[1][3] 
_pdbx_struct_oper_list.vector[1] 
_pdbx_struct_oper_list.matrix[2][1] 
_pdbx_struct_oper_list.matrix[2][2] 
_pdbx_struct_oper_list.matrix[2][3] 
_pdbx_struct_oper_list.vector[2] 
_pdbx_struct_oper_list.matrix[3][1] 
_pdbx_struct_oper_list.matrix[3][2] 
_pdbx_struct_oper_list.matrix[3][3] 
_pdbx_struct_oper_list.vector[3] 
1 'identity operation'         1_555 x,y,z         1.0000000000  0.0000000000 0.0000000000  0.0000000000 0.0000000000 1.0000000000 0.0000000000  0.0000000000  0.0000000000  0.0000000000  1.0000000000  0.0000000000  
2 'crystal symmetry operation' 5_554 x-y,-y,-z-2/3 -0.0803721528 0.9949534494 -0.0600662184 0.5621899427 0.9949534494 0.0764488804 -0.0649861695 -0.6302558532 -0.0600662184 -0.0649861695 -0.9960767276 -1.8324727511 
# 
loop_
_pdbx_audit_revision_history.ordinal 
_pdbx_audit_revision_history.data_content_type 
_pdbx_audit_revision_history.major_revision 
_pdbx_audit_revision_history.minor_revision 
_pdbx_audit_revision_history.revision_date 
1 'Structure model' 1 0 2017-06-14 
2 'Structure model' 1 1 2017-06-28 
3 'Structure model' 1 2 2017-07-26 
4 'Structure model' 1 3 2019-12-11 
5 'Structure model' 1 4 2023-10-04 
# 
_pdbx_audit_revision_details.ordinal             1 
_pdbx_audit_revision_details.revision_ordinal    1 
_pdbx_audit_revision_details.data_content_type   'Structure model' 
_pdbx_audit_revision_details.provider            repository 
_pdbx_audit_revision_details.type                'Initial release' 
_pdbx_audit_revision_details.description         ? 
_pdbx_audit_revision_details.details             ? 
# 
loop_
_pdbx_audit_revision_group.ordinal 
_pdbx_audit_revision_group.revision_ordinal 
_pdbx_audit_revision_group.data_content_type 
_pdbx_audit_revision_group.group 
1 2 'Structure model' 'Database references'        
2 3 'Structure model' 'Author supporting evidence' 
3 3 'Structure model' 'Database references'        
4 4 'Structure model' 'Author supporting evidence' 
5 5 'Structure model' 'Data collection'            
6 5 'Structure model' 'Database references'        
7 5 'Structure model' 'Refinement description'     
# 
loop_
_pdbx_audit_revision_category.ordinal 
_pdbx_audit_revision_category.revision_ordinal 
_pdbx_audit_revision_category.data_content_type 
_pdbx_audit_revision_category.category 
1 2 'Structure model' citation                      
2 2 'Structure model' citation_author               
3 3 'Structure model' citation                      
4 3 'Structure model' pdbx_audit_support            
5 4 'Structure model' pdbx_audit_support            
6 5 'Structure model' chem_comp_atom                
7 5 'Structure model' chem_comp_bond                
8 5 'Structure model' database_2                    
9 5 'Structure model' pdbx_initial_refinement_model 
# 
loop_
_pdbx_audit_revision_item.ordinal 
_pdbx_audit_revision_item.revision_ordinal 
_pdbx_audit_revision_item.data_content_type 
_pdbx_audit_revision_item.item 
1  2 'Structure model' '_citation.country'                        
2  2 'Structure model' '_citation.journal_abbrev'                 
3  2 'Structure model' '_citation.journal_id_ASTM'                
4  2 'Structure model' '_citation.journal_id_CSD'                 
5  2 'Structure model' '_citation.journal_id_ISSN'                
6  2 'Structure model' '_citation.pdbx_database_id_PubMed'        
7  2 'Structure model' '_citation.title'                          
8  2 'Structure model' '_citation_author.name'                    
9  3 'Structure model' '_citation.journal_volume'                 
10 3 'Structure model' '_citation.page_first'                     
11 3 'Structure model' '_citation.page_last'                      
12 3 'Structure model' '_pdbx_audit_support.funding_organization' 
13 4 'Structure model' '_pdbx_audit_support.funding_organization' 
14 5 'Structure model' '_database_2.pdbx_DOI'                     
15 5 'Structure model' '_database_2.pdbx_database_accession'      
# 
loop_
_pdbx_refine_tls.pdbx_refine_id 
_pdbx_refine_tls.id 
_pdbx_refine_tls.details 
_pdbx_refine_tls.method 
_pdbx_refine_tls.origin_x 
_pdbx_refine_tls.origin_y 
_pdbx_refine_tls.origin_z 
_pdbx_refine_tls.T[1][1] 
_pdbx_refine_tls.T[2][2] 
_pdbx_refine_tls.T[3][3] 
_pdbx_refine_tls.T[1][2] 
_pdbx_refine_tls.T[1][3] 
_pdbx_refine_tls.T[2][3] 
_pdbx_refine_tls.L[1][1] 
_pdbx_refine_tls.L[2][2] 
_pdbx_refine_tls.L[3][3] 
_pdbx_refine_tls.L[1][2] 
_pdbx_refine_tls.L[1][3] 
_pdbx_refine_tls.L[2][3] 
_pdbx_refine_tls.S[1][1] 
_pdbx_refine_tls.S[1][2] 
_pdbx_refine_tls.S[1][3] 
_pdbx_refine_tls.S[2][1] 
_pdbx_refine_tls.S[2][2] 
_pdbx_refine_tls.S[2][3] 
_pdbx_refine_tls.S[3][1] 
_pdbx_refine_tls.S[3][2] 
_pdbx_refine_tls.S[3][3] 
'X-RAY DIFFRACTION' 1 ? refined 14.5292  1.6125  13.3529  0.5196 0.7593 0.7875 -0.0177 -0.1441 0.0140  8.2836 4.5006 2.5800 0.6308  -3.2881 -2.2618 0.1045  -0.2024 0.6264  0.9401  -0.3612 -0.9341 -0.1227 1.4986  0.3659  
'X-RAY DIFFRACTION' 2 ? refined 0.0255   -4.9957 16.9801  0.4175 0.3956 0.5535 0.1052  0.0478  -0.1163 6.5375 5.7748 7.5913 1.3816  0.6722  -3.6022 -0.1946 -0.5191 0.0332  0.6592  0.4693  0.6815  -0.0397 0.0334  -0.2651 
'X-RAY DIFFRACTION' 3 ? refined 0.6435   2.6901  -8.0315  0.3647 0.3825 0.5798 -0.0287 0.1121  0.0080  5.9927 1.4254 7.3477 -0.3985 4.5364  -0.4051 0.1208  -0.1101 -0.4012 -0.1063 0.0942  -0.1762 -0.4230 0.0868  -0.1828 
'X-RAY DIFFRACTION' 4 ? refined -10.5108 2.6411  -15.3133 0.3645 0.3560 0.5626 0.0604  0.0034  -0.0540 8.5439 0.8078 0.9268 -0.1984 0.9834  -0.7632 0.1008  -0.0662 -0.5967 -0.2094 -0.2004 0.3248  -0.0631 -0.5537 -0.0750 
'X-RAY DIFFRACTION' 5 ? refined 8.8612   0.3436  -8.2947  0.4750 0.5602 0.6344 -0.0532 0.0779  -0.0113 7.0997 0.1331 1.6515 -0.4477 3.2157  -0.2201 0.3763  0.3141  -0.1162 -0.6817 -0.0139 -1.1906 0.3027  1.1696  -0.3738 
'X-RAY DIFFRACTION' 6 ? refined -13.3191 1.7662  -14.3743 0.4038 0.4162 0.5781 0.0724  0.0394  -0.0168 6.9215 3.6285 3.0222 -1.4190 -0.8057 -2.4047 -0.2230 -1.0493 -1.1092 0.0989  0.4363  0.6050  -0.2139 -1.1857 -0.4090  
# 
loop_
_pdbx_refine_tls_group.pdbx_refine_id 
_pdbx_refine_tls_group.id 
_pdbx_refine_tls_group.refine_tls_id 
_pdbx_refine_tls_group.beg_auth_asym_id 
_pdbx_refine_tls_group.beg_auth_seq_id 
_pdbx_refine_tls_group.beg_label_asym_id 
_pdbx_refine_tls_group.beg_label_seq_id 
_pdbx_refine_tls_group.end_auth_asym_id 
_pdbx_refine_tls_group.end_auth_seq_id 
_pdbx_refine_tls_group.end_label_asym_id 
_pdbx_refine_tls_group.end_label_seq_id 
_pdbx_refine_tls_group.selection 
_pdbx_refine_tls_group.selection_details 
'X-RAY DIFFRACTION' 1 1 ? ? ? ? ? ? ? ? ? '(chain A and resid 4:16)'  
'X-RAY DIFFRACTION' 2 2 ? ? ? ? ? ? ? ? ? '(chain A and resid 17:42)' 
'X-RAY DIFFRACTION' 3 3 ? ? ? ? ? ? ? ? ? '(chain A and resid 43:64)' 
'X-RAY DIFFRACTION' 4 4 ? ? ? ? ? ? ? ? ? '(chain A and resid 65:74)' 
'X-RAY DIFFRACTION' 5 5 ? ? ? ? ? ? ? ? ? '(chain A and resid 75:82)' 
'X-RAY DIFFRACTION' 6 6 ? ? ? ? ? ? ? ? ? '(chain A and resid 83:95)' 
# 
loop_
_software.citation_id 
_software.classification 
_software.compiler_name 
_software.compiler_version 
_software.contact_author 
_software.contact_author_email 
_software.date 
_software.description 
_software.dependencies 
_software.hardware 
_software.language 
_software.location 
_software.mods 
_software.name 
_software.os 
_software.os_version 
_software.type 
_software.version 
_software.pdbx_ordinal 
? refinement       ? ? ? ? ? ? ? ? ? ? ? PHENIX   ? ? ? '(1.10_2155: ???)' 1 
? 'data reduction' ? ? ? ? ? ? ? ? ? ? ? HKL-2000 ? ? ? .                  2 
? 'data scaling'   ? ? ? ? ? ? ? ? ? ? ? SCALA    ? ? ? .                  3 
? phasing          ? ? ? ? ? ? ? ? ? ? ? PHASER   ? ? ? .                  4 
# 
_pdbx_validate_torsion.id              1 
_pdbx_validate_torsion.PDB_model_num   1 
_pdbx_validate_torsion.auth_comp_id    HIS 
_pdbx_validate_torsion.auth_asym_id    A 
_pdbx_validate_torsion.auth_seq_id     34 
_pdbx_validate_torsion.PDB_ins_code    ? 
_pdbx_validate_torsion.label_alt_id    ? 
_pdbx_validate_torsion.phi             -141.48 
_pdbx_validate_torsion.psi             53.97 
# 
loop_
_pdbx_unobs_or_zero_occ_residues.id 
_pdbx_unobs_or_zero_occ_residues.PDB_model_num 
_pdbx_unobs_or_zero_occ_residues.polymer_flag 
_pdbx_unobs_or_zero_occ_residues.occupancy_flag 
_pdbx_unobs_or_zero_occ_residues.auth_asym_id 
_pdbx_unobs_or_zero_occ_residues.auth_comp_id 
_pdbx_unobs_or_zero_occ_residues.auth_seq_id 
_pdbx_unobs_or_zero_occ_residues.PDB_ins_code 
_pdbx_unobs_or_zero_occ_residues.label_asym_id 
_pdbx_unobs_or_zero_occ_residues.label_comp_id 
_pdbx_unobs_or_zero_occ_residues.label_seq_id 
1 1 Y 1 A MET 3   ? A MET 1  
2 1 Y 1 A HIS 96  ? A HIS 94 
3 1 Y 1 A HIS 97  ? A HIS 95 
4 1 Y 1 A HIS 98  ? A HIS 96 
5 1 Y 1 A HIS 99  ? A HIS 97 
6 1 Y 1 A HIS 100 ? A HIS 98 
# 
loop_
_chem_comp_atom.comp_id 
_chem_comp_atom.atom_id 
_chem_comp_atom.type_symbol 
_chem_comp_atom.pdbx_aromatic_flag 
_chem_comp_atom.pdbx_stereo_config 
_chem_comp_atom.pdbx_ordinal 
ALA N    N N N 1   
ALA CA   C N S 2   
ALA C    C N N 3   
ALA O    O N N 4   
ALA CB   C N N 5   
ALA OXT  O N N 6   
ALA H    H N N 7   
ALA H2   H N N 8   
ALA HA   H N N 9   
ALA HB1  H N N 10  
ALA HB2  H N N 11  
ALA HB3  H N N 12  
ALA HXT  H N N 13  
ARG N    N N N 14  
ARG CA   C N S 15  
ARG C    C N N 16  
ARG O    O N N 17  
ARG CB   C N N 18  
ARG CG   C N N 19  
ARG CD   C N N 20  
ARG NE   N N N 21  
ARG CZ   C N N 22  
ARG NH1  N N N 23  
ARG NH2  N N N 24  
ARG OXT  O N N 25  
ARG H    H N N 26  
ARG H2   H N N 27  
ARG HA   H N N 28  
ARG HB2  H N N 29  
ARG HB3  H N N 30  
ARG HG2  H N N 31  
ARG HG3  H N N 32  
ARG HD2  H N N 33  
ARG HD3  H N N 34  
ARG HE   H N N 35  
ARG HH11 H N N 36  
ARG HH12 H N N 37  
ARG HH21 H N N 38  
ARG HH22 H N N 39  
ARG HXT  H N N 40  
ASN N    N N N 41  
ASN CA   C N S 42  
ASN C    C N N 43  
ASN O    O N N 44  
ASN CB   C N N 45  
ASN CG   C N N 46  
ASN OD1  O N N 47  
ASN ND2  N N N 48  
ASN OXT  O N N 49  
ASN H    H N N 50  
ASN H2   H N N 51  
ASN HA   H N N 52  
ASN HB2  H N N 53  
ASN HB3  H N N 54  
ASN HD21 H N N 55  
ASN HD22 H N N 56  
ASN HXT  H N N 57  
ASP N    N N N 58  
ASP CA   C N S 59  
ASP C    C N N 60  
ASP O    O N N 61  
ASP CB   C N N 62  
ASP CG   C N N 63  
ASP OD1  O N N 64  
ASP OD2  O N N 65  
ASP OXT  O N N 66  
ASP H    H N N 67  
ASP H2   H N N 68  
ASP HA   H N N 69  
ASP HB2  H N N 70  
ASP HB3  H N N 71  
ASP HD2  H N N 72  
ASP HXT  H N N 73  
CYS N    N N N 74  
CYS CA   C N R 75  
CYS C    C N N 76  
CYS O    O N N 77  
CYS CB   C N N 78  
CYS SG   S N N 79  
CYS OXT  O N N 80  
CYS H    H N N 81  
CYS H2   H N N 82  
CYS HA   H N N 83  
CYS HB2  H N N 84  
CYS HB3  H N N 85  
CYS HG   H N N 86  
CYS HXT  H N N 87  
GLN N    N N N 88  
GLN CA   C N S 89  
GLN C    C N N 90  
GLN O    O N N 91  
GLN CB   C N N 92  
GLN CG   C N N 93  
GLN CD   C N N 94  
GLN OE1  O N N 95  
GLN NE2  N N N 96  
GLN OXT  O N N 97  
GLN H    H N N 98  
GLN H2   H N N 99  
GLN HA   H N N 100 
GLN HB2  H N N 101 
GLN HB3  H N N 102 
GLN HG2  H N N 103 
GLN HG3  H N N 104 
GLN HE21 H N N 105 
GLN HE22 H N N 106 
GLN HXT  H N N 107 
GLU N    N N N 108 
GLU CA   C N S 109 
GLU C    C N N 110 
GLU O    O N N 111 
GLU CB   C N N 112 
GLU CG   C N N 113 
GLU CD   C N N 114 
GLU OE1  O N N 115 
GLU OE2  O N N 116 
GLU OXT  O N N 117 
GLU H    H N N 118 
GLU H2   H N N 119 
GLU HA   H N N 120 
GLU HB2  H N N 121 
GLU HB3  H N N 122 
GLU HG2  H N N 123 
GLU HG3  H N N 124 
GLU HE2  H N N 125 
GLU HXT  H N N 126 
GLY N    N N N 127 
GLY CA   C N N 128 
GLY C    C N N 129 
GLY O    O N N 130 
GLY OXT  O N N 131 
GLY H    H N N 132 
GLY H2   H N N 133 
GLY HA2  H N N 134 
GLY HA3  H N N 135 
GLY HXT  H N N 136 
HIS N    N N N 137 
HIS CA   C N S 138 
HIS C    C N N 139 
HIS O    O N N 140 
HIS CB   C N N 141 
HIS CG   C Y N 142 
HIS ND1  N Y N 143 
HIS CD2  C Y N 144 
HIS CE1  C Y N 145 
HIS NE2  N Y N 146 
HIS OXT  O N N 147 
HIS H    H N N 148 
HIS H2   H N N 149 
HIS HA   H N N 150 
HIS HB2  H N N 151 
HIS HB3  H N N 152 
HIS HD1  H N N 153 
HIS HD2  H N N 154 
HIS HE1  H N N 155 
HIS HE2  H N N 156 
HIS HXT  H N N 157 
HOH O    O N N 158 
HOH H1   H N N 159 
HOH H2   H N N 160 
ILE N    N N N 161 
ILE CA   C N S 162 
ILE C    C N N 163 
ILE O    O N N 164 
ILE CB   C N S 165 
ILE CG1  C N N 166 
ILE CG2  C N N 167 
ILE CD1  C N N 168 
ILE OXT  O N N 169 
ILE H    H N N 170 
ILE H2   H N N 171 
ILE HA   H N N 172 
ILE HB   H N N 173 
ILE HG12 H N N 174 
ILE HG13 H N N 175 
ILE HG21 H N N 176 
ILE HG22 H N N 177 
ILE HG23 H N N 178 
ILE HD11 H N N 179 
ILE HD12 H N N 180 
ILE HD13 H N N 181 
ILE HXT  H N N 182 
LEU N    N N N 183 
LEU CA   C N S 184 
LEU C    C N N 185 
LEU O    O N N 186 
LEU CB   C N N 187 
LEU CG   C N N 188 
LEU CD1  C N N 189 
LEU CD2  C N N 190 
LEU OXT  O N N 191 
LEU H    H N N 192 
LEU H2   H N N 193 
LEU HA   H N N 194 
LEU HB2  H N N 195 
LEU HB3  H N N 196 
LEU HG   H N N 197 
LEU HD11 H N N 198 
LEU HD12 H N N 199 
LEU HD13 H N N 200 
LEU HD21 H N N 201 
LEU HD22 H N N 202 
LEU HD23 H N N 203 
LEU HXT  H N N 204 
LYS N    N N N 205 
LYS CA   C N S 206 
LYS C    C N N 207 
LYS O    O N N 208 
LYS CB   C N N 209 
LYS CG   C N N 210 
LYS CD   C N N 211 
LYS CE   C N N 212 
LYS NZ   N N N 213 
LYS OXT  O N N 214 
LYS H    H N N 215 
LYS H2   H N N 216 
LYS HA   H N N 217 
LYS HB2  H N N 218 
LYS HB3  H N N 219 
LYS HG2  H N N 220 
LYS HG3  H N N 221 
LYS HD2  H N N 222 
LYS HD3  H N N 223 
LYS HE2  H N N 224 
LYS HE3  H N N 225 
LYS HZ1  H N N 226 
LYS HZ2  H N N 227 
LYS HZ3  H N N 228 
LYS HXT  H N N 229 
MET N    N N N 230 
MET CA   C N S 231 
MET C    C N N 232 
MET O    O N N 233 
MET CB   C N N 234 
MET CG   C N N 235 
MET SD   S N N 236 
MET CE   C N N 237 
MET OXT  O N N 238 
MET H    H N N 239 
MET H2   H N N 240 
MET HA   H N N 241 
MET HB2  H N N 242 
MET HB3  H N N 243 
MET HG2  H N N 244 
MET HG3  H N N 245 
MET HE1  H N N 246 
MET HE2  H N N 247 
MET HE3  H N N 248 
MET HXT  H N N 249 
PHE N    N N N 250 
PHE CA   C N S 251 
PHE C    C N N 252 
PHE O    O N N 253 
PHE CB   C N N 254 
PHE CG   C Y N 255 
PHE CD1  C Y N 256 
PHE CD2  C Y N 257 
PHE CE1  C Y N 258 
PHE CE2  C Y N 259 
PHE CZ   C Y N 260 
PHE OXT  O N N 261 
PHE H    H N N 262 
PHE H2   H N N 263 
PHE HA   H N N 264 
PHE HB2  H N N 265 
PHE HB3  H N N 266 
PHE HD1  H N N 267 
PHE HD2  H N N 268 
PHE HE1  H N N 269 
PHE HE2  H N N 270 
PHE HZ   H N N 271 
PHE HXT  H N N 272 
PRO N    N N N 273 
PRO CA   C N S 274 
PRO C    C N N 275 
PRO O    O N N 276 
PRO CB   C N N 277 
PRO CG   C N N 278 
PRO CD   C N N 279 
PRO OXT  O N N 280 
PRO H    H N N 281 
PRO HA   H N N 282 
PRO HB2  H N N 283 
PRO HB3  H N N 284 
PRO HG2  H N N 285 
PRO HG3  H N N 286 
PRO HD2  H N N 287 
PRO HD3  H N N 288 
PRO HXT  H N N 289 
SER N    N N N 290 
SER CA   C N S 291 
SER C    C N N 292 
SER O    O N N 293 
SER CB   C N N 294 
SER OG   O N N 295 
SER OXT  O N N 296 
SER H    H N N 297 
SER H2   H N N 298 
SER HA   H N N 299 
SER HB2  H N N 300 
SER HB3  H N N 301 
SER HG   H N N 302 
SER HXT  H N N 303 
THR N    N N N 304 
THR CA   C N S 305 
THR C    C N N 306 
THR O    O N N 307 
THR CB   C N R 308 
THR OG1  O N N 309 
THR CG2  C N N 310 
THR OXT  O N N 311 
THR H    H N N 312 
THR H2   H N N 313 
THR HA   H N N 314 
THR HB   H N N 315 
THR HG1  H N N 316 
THR HG21 H N N 317 
THR HG22 H N N 318 
THR HG23 H N N 319 
THR HXT  H N N 320 
TRP N    N N N 321 
TRP CA   C N S 322 
TRP C    C N N 323 
TRP O    O N N 324 
TRP CB   C N N 325 
TRP CG   C Y N 326 
TRP CD1  C Y N 327 
TRP CD2  C Y N 328 
TRP NE1  N Y N 329 
TRP CE2  C Y N 330 
TRP CE3  C Y N 331 
TRP CZ2  C Y N 332 
TRP CZ3  C Y N 333 
TRP CH2  C Y N 334 
TRP OXT  O N N 335 
TRP H    H N N 336 
TRP H2   H N N 337 
TRP HA   H N N 338 
TRP HB2  H N N 339 
TRP HB3  H N N 340 
TRP HD1  H N N 341 
TRP HE1  H N N 342 
TRP HE3  H N N 343 
TRP HZ2  H N N 344 
TRP HZ3  H N N 345 
TRP HH2  H N N 346 
TRP HXT  H N N 347 
TYR N    N N N 348 
TYR CA   C N S 349 
TYR C    C N N 350 
TYR O    O N N 351 
TYR CB   C N N 352 
TYR CG   C Y N 353 
TYR CD1  C Y N 354 
TYR CD2  C Y N 355 
TYR CE1  C Y N 356 
TYR CE2  C Y N 357 
TYR CZ   C Y N 358 
TYR OH   O N N 359 
TYR OXT  O N N 360 
TYR H    H N N 361 
TYR H2   H N N 362 
TYR HA   H N N 363 
TYR HB2  H N N 364 
TYR HB3  H N N 365 
TYR HD1  H N N 366 
TYR HD2  H N N 367 
TYR HE1  H N N 368 
TYR HE2  H N N 369 
TYR HH   H N N 370 
TYR HXT  H N N 371 
VAL N    N N N 372 
VAL CA   C N S 373 
VAL C    C N N 374 
VAL O    O N N 375 
VAL CB   C N N 376 
VAL CG1  C N N 377 
VAL CG2  C N N 378 
VAL OXT  O N N 379 
VAL H    H N N 380 
VAL H2   H N N 381 
VAL HA   H N N 382 
VAL HB   H N N 383 
VAL HG11 H N N 384 
VAL HG12 H N N 385 
VAL HG13 H N N 386 
VAL HG21 H N N 387 
VAL HG22 H N N 388 
VAL HG23 H N N 389 
VAL HXT  H N N 390 
# 
loop_
_chem_comp_bond.comp_id 
_chem_comp_bond.atom_id_1 
_chem_comp_bond.atom_id_2 
_chem_comp_bond.value_order 
_chem_comp_bond.pdbx_aromatic_flag 
_chem_comp_bond.pdbx_stereo_config 
_chem_comp_bond.pdbx_ordinal 
ALA N   CA   sing N N 1   
ALA N   H    sing N N 2   
ALA N   H2   sing N N 3   
ALA CA  C    sing N N 4   
ALA CA  CB   sing N N 5   
ALA CA  HA   sing N N 6   
ALA C   O    doub N N 7   
ALA C   OXT  sing N N 8   
ALA CB  HB1  sing N N 9   
ALA CB  HB2  sing N N 10  
ALA CB  HB3  sing N N 11  
ALA OXT HXT  sing N N 12  
ARG N   CA   sing N N 13  
ARG N   H    sing N N 14  
ARG N   H2   sing N N 15  
ARG CA  C    sing N N 16  
ARG CA  CB   sing N N 17  
ARG CA  HA   sing N N 18  
ARG C   O    doub N N 19  
ARG C   OXT  sing N N 20  
ARG CB  CG   sing N N 21  
ARG CB  HB2  sing N N 22  
ARG CB  HB3  sing N N 23  
ARG CG  CD   sing N N 24  
ARG CG  HG2  sing N N 25  
ARG CG  HG3  sing N N 26  
ARG CD  NE   sing N N 27  
ARG CD  HD2  sing N N 28  
ARG CD  HD3  sing N N 29  
ARG NE  CZ   sing N N 30  
ARG NE  HE   sing N N 31  
ARG CZ  NH1  sing N N 32  
ARG CZ  NH2  doub N N 33  
ARG NH1 HH11 sing N N 34  
ARG NH1 HH12 sing N N 35  
ARG NH2 HH21 sing N N 36  
ARG NH2 HH22 sing N N 37  
ARG OXT HXT  sing N N 38  
ASN N   CA   sing N N 39  
ASN N   H    sing N N 40  
ASN N   H2   sing N N 41  
ASN CA  C    sing N N 42  
ASN CA  CB   sing N N 43  
ASN CA  HA   sing N N 44  
ASN C   O    doub N N 45  
ASN C   OXT  sing N N 46  
ASN CB  CG   sing N N 47  
ASN CB  HB2  sing N N 48  
ASN CB  HB3  sing N N 49  
ASN CG  OD1  doub N N 50  
ASN CG  ND2  sing N N 51  
ASN ND2 HD21 sing N N 52  
ASN ND2 HD22 sing N N 53  
ASN OXT HXT  sing N N 54  
ASP N   CA   sing N N 55  
ASP N   H    sing N N 56  
ASP N   H2   sing N N 57  
ASP CA  C    sing N N 58  
ASP CA  CB   sing N N 59  
ASP CA  HA   sing N N 60  
ASP C   O    doub N N 61  
ASP C   OXT  sing N N 62  
ASP CB  CG   sing N N 63  
ASP CB  HB2  sing N N 64  
ASP CB  HB3  sing N N 65  
ASP CG  OD1  doub N N 66  
ASP CG  OD2  sing N N 67  
ASP OD2 HD2  sing N N 68  
ASP OXT HXT  sing N N 69  
CYS N   CA   sing N N 70  
CYS N   H    sing N N 71  
CYS N   H2   sing N N 72  
CYS CA  C    sing N N 73  
CYS CA  CB   sing N N 74  
CYS CA  HA   sing N N 75  
CYS C   O    doub N N 76  
CYS C   OXT  sing N N 77  
CYS CB  SG   sing N N 78  
CYS CB  HB2  sing N N 79  
CYS CB  HB3  sing N N 80  
CYS SG  HG   sing N N 81  
CYS OXT HXT  sing N N 82  
GLN N   CA   sing N N 83  
GLN N   H    sing N N 84  
GLN N   H2   sing N N 85  
GLN CA  C    sing N N 86  
GLN CA  CB   sing N N 87  
GLN CA  HA   sing N N 88  
GLN C   O    doub N N 89  
GLN C   OXT  sing N N 90  
GLN CB  CG   sing N N 91  
GLN CB  HB2  sing N N 92  
GLN CB  HB3  sing N N 93  
GLN CG  CD   sing N N 94  
GLN CG  HG2  sing N N 95  
GLN CG  HG3  sing N N 96  
GLN CD  OE1  doub N N 97  
GLN CD  NE2  sing N N 98  
GLN NE2 HE21 sing N N 99  
GLN NE2 HE22 sing N N 100 
GLN OXT HXT  sing N N 101 
GLU N   CA   sing N N 102 
GLU N   H    sing N N 103 
GLU N   H2   sing N N 104 
GLU CA  C    sing N N 105 
GLU CA  CB   sing N N 106 
GLU CA  HA   sing N N 107 
GLU C   O    doub N N 108 
GLU C   OXT  sing N N 109 
GLU CB  CG   sing N N 110 
GLU CB  HB2  sing N N 111 
GLU CB  HB3  sing N N 112 
GLU CG  CD   sing N N 113 
GLU CG  HG2  sing N N 114 
GLU CG  HG3  sing N N 115 
GLU CD  OE1  doub N N 116 
GLU CD  OE2  sing N N 117 
GLU OE2 HE2  sing N N 118 
GLU OXT HXT  sing N N 119 
GLY N   CA   sing N N 120 
GLY N   H    sing N N 121 
GLY N   H2   sing N N 122 
GLY CA  C    sing N N 123 
GLY CA  HA2  sing N N 124 
GLY CA  HA3  sing N N 125 
GLY C   O    doub N N 126 
GLY C   OXT  sing N N 127 
GLY OXT HXT  sing N N 128 
HIS N   CA   sing N N 129 
HIS N   H    sing N N 130 
HIS N   H2   sing N N 131 
HIS CA  C    sing N N 132 
HIS CA  CB   sing N N 133 
HIS CA  HA   sing N N 134 
HIS C   O    doub N N 135 
HIS C   OXT  sing N N 136 
HIS CB  CG   sing N N 137 
HIS CB  HB2  sing N N 138 
HIS CB  HB3  sing N N 139 
HIS CG  ND1  sing Y N 140 
HIS CG  CD2  doub Y N 141 
HIS ND1 CE1  doub Y N 142 
HIS ND1 HD1  sing N N 143 
HIS CD2 NE2  sing Y N 144 
HIS CD2 HD2  sing N N 145 
HIS CE1 NE2  sing Y N 146 
HIS CE1 HE1  sing N N 147 
HIS NE2 HE2  sing N N 148 
HIS OXT HXT  sing N N 149 
HOH O   H1   sing N N 150 
HOH O   H2   sing N N 151 
ILE N   CA   sing N N 152 
ILE N   H    sing N N 153 
ILE N   H2   sing N N 154 
ILE CA  C    sing N N 155 
ILE CA  CB   sing N N 156 
ILE CA  HA   sing N N 157 
ILE C   O    doub N N 158 
ILE C   OXT  sing N N 159 
ILE CB  CG1  sing N N 160 
ILE CB  CG2  sing N N 161 
ILE CB  HB   sing N N 162 
ILE CG1 CD1  sing N N 163 
ILE CG1 HG12 sing N N 164 
ILE CG1 HG13 sing N N 165 
ILE CG2 HG21 sing N N 166 
ILE CG2 HG22 sing N N 167 
ILE CG2 HG23 sing N N 168 
ILE CD1 HD11 sing N N 169 
ILE CD1 HD12 sing N N 170 
ILE CD1 HD13 sing N N 171 
ILE OXT HXT  sing N N 172 
LEU N   CA   sing N N 173 
LEU N   H    sing N N 174 
LEU N   H2   sing N N 175 
LEU CA  C    sing N N 176 
LEU CA  CB   sing N N 177 
LEU CA  HA   sing N N 178 
LEU C   O    doub N N 179 
LEU C   OXT  sing N N 180 
LEU CB  CG   sing N N 181 
LEU CB  HB2  sing N N 182 
LEU CB  HB3  sing N N 183 
LEU CG  CD1  sing N N 184 
LEU CG  CD2  sing N N 185 
LEU CG  HG   sing N N 186 
LEU CD1 HD11 sing N N 187 
LEU CD1 HD12 sing N N 188 
LEU CD1 HD13 sing N N 189 
LEU CD2 HD21 sing N N 190 
LEU CD2 HD22 sing N N 191 
LEU CD2 HD23 sing N N 192 
LEU OXT HXT  sing N N 193 
LYS N   CA   sing N N 194 
LYS N   H    sing N N 195 
LYS N   H2   sing N N 196 
LYS CA  C    sing N N 197 
LYS CA  CB   sing N N 198 
LYS CA  HA   sing N N 199 
LYS C   O    doub N N 200 
LYS C   OXT  sing N N 201 
LYS CB  CG   sing N N 202 
LYS CB  HB2  sing N N 203 
LYS CB  HB3  sing N N 204 
LYS CG  CD   sing N N 205 
LYS CG  HG2  sing N N 206 
LYS CG  HG3  sing N N 207 
LYS CD  CE   sing N N 208 
LYS CD  HD2  sing N N 209 
LYS CD  HD3  sing N N 210 
LYS CE  NZ   sing N N 211 
LYS CE  HE2  sing N N 212 
LYS CE  HE3  sing N N 213 
LYS NZ  HZ1  sing N N 214 
LYS NZ  HZ2  sing N N 215 
LYS NZ  HZ3  sing N N 216 
LYS OXT HXT  sing N N 217 
MET N   CA   sing N N 218 
MET N   H    sing N N 219 
MET N   H2   sing N N 220 
MET CA  C    sing N N 221 
MET CA  CB   sing N N 222 
MET CA  HA   sing N N 223 
MET C   O    doub N N 224 
MET C   OXT  sing N N 225 
MET CB  CG   sing N N 226 
MET CB  HB2  sing N N 227 
MET CB  HB3  sing N N 228 
MET CG  SD   sing N N 229 
MET CG  HG2  sing N N 230 
MET CG  HG3  sing N N 231 
MET SD  CE   sing N N 232 
MET CE  HE1  sing N N 233 
MET CE  HE2  sing N N 234 
MET CE  HE3  sing N N 235 
MET OXT HXT  sing N N 236 
PHE N   CA   sing N N 237 
PHE N   H    sing N N 238 
PHE N   H2   sing N N 239 
PHE CA  C    sing N N 240 
PHE CA  CB   sing N N 241 
PHE CA  HA   sing N N 242 
PHE C   O    doub N N 243 
PHE C   OXT  sing N N 244 
PHE CB  CG   sing N N 245 
PHE CB  HB2  sing N N 246 
PHE CB  HB3  sing N N 247 
PHE CG  CD1  doub Y N 248 
PHE CG  CD2  sing Y N 249 
PHE CD1 CE1  sing Y N 250 
PHE CD1 HD1  sing N N 251 
PHE CD2 CE2  doub Y N 252 
PHE CD2 HD2  sing N N 253 
PHE CE1 CZ   doub Y N 254 
PHE CE1 HE1  sing N N 255 
PHE CE2 CZ   sing Y N 256 
PHE CE2 HE2  sing N N 257 
PHE CZ  HZ   sing N N 258 
PHE OXT HXT  sing N N 259 
PRO N   CA   sing N N 260 
PRO N   CD   sing N N 261 
PRO N   H    sing N N 262 
PRO CA  C    sing N N 263 
PRO CA  CB   sing N N 264 
PRO CA  HA   sing N N 265 
PRO C   O    doub N N 266 
PRO C   OXT  sing N N 267 
PRO CB  CG   sing N N 268 
PRO CB  HB2  sing N N 269 
PRO CB  HB3  sing N N 270 
PRO CG  CD   sing N N 271 
PRO CG  HG2  sing N N 272 
PRO CG  HG3  sing N N 273 
PRO CD  HD2  sing N N 274 
PRO CD  HD3  sing N N 275 
PRO OXT HXT  sing N N 276 
SER N   CA   sing N N 277 
SER N   H    sing N N 278 
SER N   H2   sing N N 279 
SER CA  C    sing N N 280 
SER CA  CB   sing N N 281 
SER CA  HA   sing N N 282 
SER C   O    doub N N 283 
SER C   OXT  sing N N 284 
SER CB  OG   sing N N 285 
SER CB  HB2  sing N N 286 
SER CB  HB3  sing N N 287 
SER OG  HG   sing N N 288 
SER OXT HXT  sing N N 289 
THR N   CA   sing N N 290 
THR N   H    sing N N 291 
THR N   H2   sing N N 292 
THR CA  C    sing N N 293 
THR CA  CB   sing N N 294 
THR CA  HA   sing N N 295 
THR C   O    doub N N 296 
THR C   OXT  sing N N 297 
THR CB  OG1  sing N N 298 
THR CB  CG2  sing N N 299 
THR CB  HB   sing N N 300 
THR OG1 HG1  sing N N 301 
THR CG2 HG21 sing N N 302 
THR CG2 HG22 sing N N 303 
THR CG2 HG23 sing N N 304 
THR OXT HXT  sing N N 305 
TRP N   CA   sing N N 306 
TRP N   H    sing N N 307 
TRP N   H2   sing N N 308 
TRP CA  C    sing N N 309 
TRP CA  CB   sing N N 310 
TRP CA  HA   sing N N 311 
TRP C   O    doub N N 312 
TRP C   OXT  sing N N 313 
TRP CB  CG   sing N N 314 
TRP CB  HB2  sing N N 315 
TRP CB  HB3  sing N N 316 
TRP CG  CD1  doub Y N 317 
TRP CG  CD2  sing Y N 318 
TRP CD1 NE1  sing Y N 319 
TRP CD1 HD1  sing N N 320 
TRP CD2 CE2  doub Y N 321 
TRP CD2 CE3  sing Y N 322 
TRP NE1 CE2  sing Y N 323 
TRP NE1 HE1  sing N N 324 
TRP CE2 CZ2  sing Y N 325 
TRP CE3 CZ3  doub Y N 326 
TRP CE3 HE3  sing N N 327 
TRP CZ2 CH2  doub Y N 328 
TRP CZ2 HZ2  sing N N 329 
TRP CZ3 CH2  sing Y N 330 
TRP CZ3 HZ3  sing N N 331 
TRP CH2 HH2  sing N N 332 
TRP OXT HXT  sing N N 333 
TYR N   CA   sing N N 334 
TYR N   H    sing N N 335 
TYR N   H2   sing N N 336 
TYR CA  C    sing N N 337 
TYR CA  CB   sing N N 338 
TYR CA  HA   sing N N 339 
TYR C   O    doub N N 340 
TYR C   OXT  sing N N 341 
TYR CB  CG   sing N N 342 
TYR CB  HB2  sing N N 343 
TYR CB  HB3  sing N N 344 
TYR CG  CD1  doub Y N 345 
TYR CG  CD2  sing Y N 346 
TYR CD1 CE1  sing Y N 347 
TYR CD1 HD1  sing N N 348 
TYR CD2 CE2  doub Y N 349 
TYR CD2 HD2  sing N N 350 
TYR CE1 CZ   doub Y N 351 
TYR CE1 HE1  sing N N 352 
TYR CE2 CZ   sing Y N 353 
TYR CE2 HE2  sing N N 354 
TYR CZ  OH   sing N N 355 
TYR OH  HH   sing N N 356 
TYR OXT HXT  sing N N 357 
VAL N   CA   sing N N 358 
VAL N   H    sing N N 359 
VAL N   H2   sing N N 360 
VAL CA  C    sing N N 361 
VAL CA  CB   sing N N 362 
VAL CA  HA   sing N N 363 
VAL C   O    doub N N 364 
VAL C   OXT  sing N N 365 
VAL CB  CG1  sing N N 366 
VAL CB  CG2  sing N N 367 
VAL CB  HB   sing N N 368 
VAL CG1 HG11 sing N N 369 
VAL CG1 HG12 sing N N 370 
VAL CG1 HG13 sing N N 371 
VAL CG2 HG21 sing N N 372 
VAL CG2 HG22 sing N N 373 
VAL CG2 HG23 sing N N 374 
VAL OXT HXT  sing N N 375 
# 
_pdbx_audit_support.funding_organization   
'National Institutes of Health/National Institute Of Allergy and Infectious Diseases (NIH/NIAID)' 
_pdbx_audit_support.country                'United States' 
_pdbx_audit_support.grant_number           'R56 AI117675' 
_pdbx_audit_support.ordinal                1 
# 
_pdbx_entity_nonpoly.entity_id   2 
_pdbx_entity_nonpoly.name        water 
_pdbx_entity_nonpoly.comp_id     HOH 
# 
_pdbx_initial_refinement_model.id               1 
_pdbx_initial_refinement_model.entity_id_list   ? 
_pdbx_initial_refinement_model.type             'experimental model' 
_pdbx_initial_refinement_model.source_name      PDB 
_pdbx_initial_refinement_model.accession_code   2W9P 
_pdbx_initial_refinement_model.details          ? 
# 
